data_8U7E
#
_entry.id   8U7E
#
_cell.length_a   82.777
_cell.length_b   122.701
_cell.length_c   99.945
_cell.angle_alpha   90.00
_cell.angle_beta   112.62
_cell.angle_gamma   90.00
#
_symmetry.space_group_name_H-M   'P 1 21 1'
#
loop_
_entity.id
_entity.type
_entity.pdbx_description
1 polymer 'Ubiquitin-associated and SH3 domain-containing protein B'
2 non-polymer N-(4-ethylbenzoyl)-3-(2-oxo-1,2-dihydroquinolin-4-yl)-L-alanine
3 water water
#
_entity_poly.entity_id   1
_entity_poly.type   'polypeptide(L)'
_entity_poly.pdbx_seq_one_letter_code
;QGHMASMTGGQQMGRGSGPQKRCLFVCRHGERMDVVFGKYWLSQCFDAKGRYIRTNLNMPHSLPQRSGGFRDYEKDAPIT
VFGCMQARLVGEALLESNTIIDHVYCSPSLRCVQTAHNILKGLQQENHLKIRVEPGLFEWTKWVAGSTLPAWIPPSELAA
ANLSVDTTYRPHIPISKLVVSESYDTYISRSFQVTKEIISECKSKGNNILIVAHASSLEACTCQLQGLSPQNSKDFVQMV
RKIPYLGFCSCEELGETGIWQLTDPPILPLTHGPTGGFNWRETLLQE
;
_entity_poly.pdbx_strand_id   A,B,C,D,E,F
#
# COMPACT_ATOMS: atom_id res chain seq x y z
N LYS A 21 7.81 29.58 -22.40
CA LYS A 21 6.73 29.05 -21.51
C LYS A 21 7.29 28.75 -20.09
N ARG A 22 6.49 28.17 -19.20
CA ARG A 22 6.98 27.52 -17.97
C ARG A 22 7.17 26.02 -18.25
N CYS A 23 8.32 25.45 -17.90
CA CYS A 23 8.51 24.01 -18.08
C CYS A 23 9.14 23.29 -16.88
N LEU A 24 8.72 22.03 -16.76
CA LEU A 24 9.23 21.13 -15.73
C LEU A 24 9.85 19.92 -16.41
N PHE A 25 11.16 19.74 -16.24
CA PHE A 25 11.90 18.62 -16.79
C PHE A 25 12.22 17.66 -15.67
N VAL A 26 11.79 16.40 -15.79
CA VAL A 26 12.14 15.35 -14.84
C VAL A 26 12.93 14.26 -15.54
N CYS A 27 14.09 13.90 -14.98
CA CYS A 27 14.98 12.89 -15.54
C CYS A 27 15.59 12.00 -14.46
N ARG A 28 16.04 10.83 -14.88
CA ARG A 28 16.54 9.79 -14.01
C ARG A 28 18.04 9.87 -13.91
N HIS A 29 18.55 9.36 -12.82
CA HIS A 29 19.97 9.50 -12.53
C HIS A 29 20.75 8.67 -13.55
N GLY A 30 22.05 8.69 -13.41
CA GLY A 30 22.89 7.90 -14.24
C GLY A 30 23.11 6.47 -13.83
N GLU A 31 24.22 5.91 -14.44
CA GLU A 31 24.63 4.50 -14.26
C GLU A 31 24.96 4.33 -12.76
N ARG A 32 24.52 3.19 -12.18
CA ARG A 32 24.70 2.85 -10.76
C ARG A 32 25.88 1.91 -10.53
N MET A 33 26.84 2.38 -9.72
CA MET A 33 27.94 1.50 -9.28
C MET A 33 27.43 0.09 -8.95
N ASP A 34 26.41 0.00 -8.09
CA ASP A 34 25.94 -1.24 -7.54
C ASP A 34 25.06 -2.02 -8.49
N VAL A 35 24.96 -1.63 -9.76
CA VAL A 35 24.29 -2.42 -10.78
C VAL A 35 25.32 -3.08 -11.70
N VAL A 36 26.39 -2.36 -12.00
CA VAL A 36 27.43 -2.87 -12.86
C VAL A 36 28.37 -3.80 -12.13
N PHE A 37 28.55 -3.63 -10.83
CA PHE A 37 29.42 -4.54 -10.11
C PHE A 37 28.72 -5.27 -8.99
N GLY A 38 27.40 -5.16 -8.89
CA GLY A 38 26.61 -6.08 -8.07
C GLY A 38 26.32 -5.60 -6.67
N LYS A 39 25.53 -6.41 -5.95
CA LYS A 39 25.20 -6.07 -4.57
C LYS A 39 26.47 -5.99 -3.70
N TYR A 40 27.48 -6.81 -4.04
CA TYR A 40 28.75 -6.91 -3.33
C TYR A 40 29.91 -6.19 -4.03
N TRP A 41 29.63 -5.02 -4.62
CA TRP A 41 30.68 -4.23 -5.23
C TRP A 41 31.72 -3.76 -4.23
N LEU A 42 31.26 -3.28 -3.07
CA LEU A 42 32.16 -2.85 -2.01
C LEU A 42 33.27 -3.87 -1.83
N SER A 43 32.94 -5.16 -1.90
CA SER A 43 33.94 -6.21 -1.83
C SER A 43 34.91 -6.13 -2.98
N GLN A 44 34.56 -5.43 -4.04
CA GLN A 44 35.54 -5.32 -5.12
C GLN A 44 36.44 -4.10 -5.00
N CYS A 45 35.95 -2.93 -4.58
CA CYS A 45 36.81 -1.76 -4.59
C CYS A 45 37.28 -1.29 -3.21
N PHE A 46 37.21 -2.14 -2.19
CA PHE A 46 37.67 -1.78 -0.85
C PHE A 46 38.40 -2.94 -0.20
N ASP A 47 39.61 -2.69 0.32
CA ASP A 47 40.37 -3.78 0.93
C ASP A 47 40.16 -3.88 2.45
N ALA A 48 41.14 -4.45 3.15
CA ALA A 48 40.90 -4.83 4.55
C ALA A 48 41.05 -3.63 5.48
N LYS A 49 42.14 -2.85 5.32
CA LYS A 49 42.25 -1.65 6.14
C LYS A 49 41.16 -0.64 5.79
N GLY A 50 40.50 -0.82 4.66
CA GLY A 50 39.41 0.05 4.24
C GLY A 50 39.79 1.02 3.14
N ARG A 51 40.95 0.82 2.52
CA ARG A 51 41.33 1.67 1.41
C ARG A 51 40.48 1.32 0.20
N TYR A 52 40.11 2.36 -0.53
CA TYR A 52 39.47 2.26 -1.83
C TYR A 52 40.54 1.95 -2.87
N ILE A 53 40.46 0.77 -3.48
CA ILE A 53 41.32 0.42 -4.59
C ILE A 53 40.43 0.06 -5.79
N ARG A 54 40.37 0.98 -6.76
CA ARG A 54 39.54 0.77 -7.95
C ARG A 54 40.08 -0.40 -8.76
N THR A 55 39.17 -1.30 -9.13
CA THR A 55 39.52 -2.48 -9.89
C THR A 55 39.01 -2.44 -11.34
N ASN A 56 38.36 -1.34 -11.74
CA ASN A 56 37.80 -1.20 -13.07
C ASN A 56 37.78 0.24 -13.53
N LEU A 57 38.08 0.46 -14.83
CA LEU A 57 38.22 1.82 -15.36
C LEU A 57 36.90 2.57 -15.39
N ASN A 58 35.76 1.88 -15.34
CA ASN A 58 34.48 2.53 -15.06
C ASN A 58 34.32 2.91 -13.59
N MET A 59 35.30 2.50 -12.65
CA MET A 59 35.16 3.04 -11.29
C MET A 59 35.89 4.35 -11.19
N PRO A 60 35.41 5.27 -10.35
CA PRO A 60 36.01 6.61 -10.30
C PRO A 60 37.44 6.66 -9.76
N HIS A 61 38.11 7.76 -10.11
CA HIS A 61 39.51 7.93 -9.72
C HIS A 61 39.65 7.78 -8.21
N SER A 62 38.60 8.15 -7.48
CA SER A 62 38.54 8.10 -6.03
C SER A 62 37.12 8.40 -5.62
N LEU A 63 36.74 7.94 -4.35
CA LEU A 63 35.39 8.14 -3.79
C LEU A 63 35.41 9.16 -2.64
N PRO A 64 34.36 9.98 -2.51
CA PRO A 64 34.32 10.92 -1.38
C PRO A 64 34.05 10.22 -0.03
N GLN A 65 34.83 10.59 1.01
CA GLN A 65 34.68 10.00 2.35
C GLN A 65 33.35 10.38 2.98
N ARG A 66 32.75 9.44 3.73
CA ARG A 66 31.45 9.68 4.33
C ARG A 66 31.52 9.71 5.85
N SER A 67 30.56 10.44 6.42
CA SER A 67 30.36 10.45 7.87
C SER A 67 30.38 9.04 8.47
N GLY A 68 29.83 8.06 7.76
CA GLY A 68 29.84 6.68 8.25
C GLY A 68 31.00 5.85 7.75
N GLY A 69 32.01 6.50 7.16
CA GLY A 69 32.97 5.67 6.44
C GLY A 69 32.27 5.01 5.24
N PHE A 70 32.96 4.03 4.66
CA PHE A 70 32.50 3.48 3.39
C PHE A 70 31.28 2.59 3.51
N ARG A 71 31.11 1.85 4.61
CA ARG A 71 29.92 0.99 4.66
C ARG A 71 28.66 1.80 4.38
N ASP A 72 28.72 3.13 4.54
CA ASP A 72 27.59 3.95 4.18
C ASP A 72 27.26 3.88 2.69
N TYR A 73 28.12 3.31 1.84
CA TYR A 73 27.84 3.32 0.40
C TYR A 73 26.89 2.22 -0.07
N GLU A 74 26.68 1.17 0.73
CA GLU A 74 26.00 -0.03 0.26
C GLU A 74 24.48 0.14 0.15
N LYS A 75 23.93 1.20 0.72
CA LYS A 75 22.52 1.54 0.63
C LYS A 75 22.31 2.87 -0.08
N ASP A 76 23.38 3.56 -0.46
CA ASP A 76 23.30 4.82 -1.20
C ASP A 76 24.50 4.92 -2.15
N ALA A 77 24.63 3.97 -3.06
CA ALA A 77 25.82 3.90 -3.92
C ALA A 77 25.83 5.01 -4.97
N PRO A 78 27.00 5.24 -5.61
CA PRO A 78 27.16 6.43 -6.49
C PRO A 78 27.12 6.11 -7.99
N ILE A 79 27.20 7.11 -8.85
CA ILE A 79 27.24 6.81 -10.26
C ILE A 79 28.64 6.41 -10.63
N THR A 80 28.74 5.59 -11.71
CA THR A 80 30.02 5.16 -12.28
C THR A 80 30.60 6.25 -13.17
N VAL A 81 31.74 5.94 -13.78
CA VAL A 81 32.39 6.89 -14.69
C VAL A 81 31.51 7.17 -15.91
N PHE A 82 30.95 6.12 -16.49
CA PHE A 82 30.09 6.31 -17.65
C PHE A 82 28.77 6.94 -17.27
N GLY A 83 28.36 6.77 -16.01
CA GLY A 83 27.22 7.53 -15.52
C GLY A 83 27.50 9.02 -15.46
N CYS A 84 28.67 9.39 -14.98
CA CYS A 84 29.04 10.79 -15.05
C CYS A 84 28.97 11.28 -16.49
N MET A 85 29.63 10.54 -17.41
CA MET A 85 29.65 10.96 -18.82
C MET A 85 28.24 11.00 -19.39
N GLN A 86 27.37 10.07 -18.99
CA GLN A 86 26.00 10.13 -19.47
C GLN A 86 25.40 11.48 -19.15
N ALA A 87 25.73 12.04 -17.98
CA ALA A 87 25.05 13.27 -17.55
C ALA A 87 25.81 14.53 -17.92
N ARG A 88 27.14 14.49 -17.97
CA ARG A 88 27.87 15.53 -18.69
C ARG A 88 27.30 15.70 -20.11
N LEU A 89 26.86 14.61 -20.78
CA LEU A 89 26.34 14.78 -22.12
C LEU A 89 24.96 15.39 -22.16
N VAL A 90 24.10 15.07 -21.22
CA VAL A 90 22.79 15.69 -21.23
C VAL A 90 22.95 17.19 -21.02
N GLY A 91 23.91 17.57 -20.18
CA GLY A 91 24.13 18.99 -19.90
C GLY A 91 24.68 19.71 -21.11
N GLU A 92 25.68 19.11 -21.76
CA GLU A 92 26.14 19.60 -23.06
C GLU A 92 24.95 19.77 -23.98
N ALA A 93 24.05 18.81 -24.00
CA ALA A 93 23.00 18.83 -25.01
C ALA A 93 21.98 19.94 -24.73
N LEU A 94 21.58 20.11 -23.47
CA LEU A 94 20.63 21.19 -23.19
C LEU A 94 21.23 22.52 -23.58
N LEU A 95 22.53 22.67 -23.35
CA LEU A 95 23.17 23.95 -23.59
C LEU A 95 23.33 24.21 -25.10
N GLU A 96 23.67 23.16 -25.87
CA GLU A 96 23.74 23.28 -27.32
C GLU A 96 22.41 23.79 -27.90
N SER A 97 21.31 23.34 -27.33
CA SER A 97 19.98 23.77 -27.78
C SER A 97 19.59 25.15 -27.27
N ASN A 98 20.45 25.87 -26.59
CA ASN A 98 20.02 27.14 -26.01
C ASN A 98 18.79 26.93 -25.11
N THR A 99 18.70 25.76 -24.46
CA THR A 99 17.72 25.51 -23.41
C THR A 99 18.26 25.99 -22.05
N ILE A 100 17.70 27.08 -21.52
CA ILE A 100 18.19 27.71 -20.29
C ILE A 100 17.53 27.07 -19.06
N ILE A 101 18.34 26.56 -18.13
CA ILE A 101 17.85 25.91 -16.90
C ILE A 101 17.89 26.88 -15.69
N ASP A 102 16.73 27.22 -15.15
CA ASP A 102 16.63 28.22 -14.11
C ASP A 102 16.60 27.68 -12.68
N HIS A 103 16.58 26.36 -12.47
CA HIS A 103 16.22 25.81 -11.19
C HIS A 103 16.50 24.31 -11.13
N VAL A 104 17.45 23.87 -10.31
CA VAL A 104 17.80 22.47 -10.24
C VAL A 104 17.50 21.96 -8.85
N TYR A 105 16.66 20.94 -8.76
CA TYR A 105 16.66 20.29 -7.48
C TYR A 105 17.06 18.84 -7.77
N CYS A 106 16.82 17.93 -6.81
CA CYS A 106 17.24 16.53 -6.97
C CYS A 106 17.01 15.73 -5.67
N SER A 107 16.84 14.41 -5.78
CA SER A 107 16.81 13.49 -4.63
C SER A 107 18.05 13.55 -3.73
N PRO A 108 17.94 13.07 -2.51
CA PRO A 108 19.12 12.96 -1.64
C PRO A 108 19.98 11.73 -1.87
N SER A 109 19.57 10.79 -2.72
CA SER A 109 20.52 9.75 -3.17
C SER A 109 21.74 10.39 -3.83
N LEU A 110 22.88 9.86 -3.44
CA LEU A 110 24.16 10.26 -3.95
C LEU A 110 24.15 10.21 -5.48
N ARG A 111 23.66 9.09 -6.02
CA ARG A 111 23.56 8.90 -7.45
C ARG A 111 22.86 10.08 -8.13
N CYS A 112 21.81 10.64 -7.49
CA CYS A 112 21.11 11.77 -8.12
C CYS A 112 21.85 13.11 -7.96
N VAL A 113 22.49 13.34 -6.81
CA VAL A 113 23.21 14.60 -6.64
C VAL A 113 24.37 14.64 -7.61
N GLN A 114 25.14 13.55 -7.63
CA GLN A 114 26.26 13.45 -8.56
C GLN A 114 25.80 13.59 -10.00
N THR A 115 24.69 12.94 -10.38
CA THR A 115 24.17 13.13 -11.73
C THR A 115 23.79 14.58 -11.95
N ALA A 116 22.94 15.11 -11.08
CA ALA A 116 22.64 16.53 -11.13
C ALA A 116 23.92 17.35 -11.32
N HIS A 117 25.01 17.00 -10.63
CA HIS A 117 26.19 17.86 -10.66
C HIS A 117 26.85 17.88 -12.04
N ASN A 118 26.98 16.71 -12.66
CA ASN A 118 27.59 16.66 -13.97
C ASN A 118 26.71 17.33 -15.01
N ILE A 119 25.40 17.27 -14.86
CA ILE A 119 24.55 18.04 -15.77
C ILE A 119 24.95 19.50 -15.72
N LEU A 120 25.00 20.07 -14.52
CA LEU A 120 25.49 21.45 -14.42
C LEU A 120 26.86 21.61 -15.09
N LYS A 121 27.75 20.63 -14.92
CA LYS A 121 29.08 20.72 -15.48
C LYS A 121 29.08 20.73 -17.02
N GLY A 122 28.12 20.07 -17.65
CA GLY A 122 28.03 20.18 -19.07
C GLY A 122 27.14 21.30 -19.52
N LEU A 123 26.43 21.92 -18.59
CA LEU A 123 25.68 23.14 -18.88
C LEU A 123 26.56 24.39 -18.80
N GLN A 124 27.80 24.23 -18.33
CA GLN A 124 28.68 25.33 -17.91
C GLN A 124 28.05 26.25 -16.83
N GLN A 125 27.45 25.65 -15.82
CA GLN A 125 26.85 26.38 -14.70
C GLN A 125 27.05 25.76 -13.33
N GLU A 126 28.28 25.33 -13.02
CA GLU A 126 28.47 24.77 -11.70
C GLU A 126 28.49 25.90 -10.66
N ASN A 127 28.85 27.10 -11.09
CA ASN A 127 29.29 28.16 -10.21
C ASN A 127 28.21 29.19 -10.08
N HIS A 128 27.06 28.93 -10.70
CA HIS A 128 25.90 29.79 -10.64
C HIS A 128 24.61 29.09 -10.25
N LEU A 129 24.44 27.79 -10.44
CA LEU A 129 23.23 27.07 -10.06
C LEU A 129 23.50 26.21 -8.83
N LYS A 130 22.63 26.32 -7.82
CA LYS A 130 22.84 25.56 -6.59
C LYS A 130 21.70 24.60 -6.44
N ILE A 131 22.03 23.32 -6.33
CA ILE A 131 21.06 22.21 -6.34
C ILE A 131 20.25 22.16 -5.06
N ARG A 132 18.93 22.30 -5.17
CA ARG A 132 18.02 22.20 -4.05
C ARG A 132 17.76 20.71 -3.73
N VAL A 133 18.50 20.13 -2.78
CA VAL A 133 18.27 18.73 -2.43
C VAL A 133 16.98 18.57 -1.62
N GLU A 134 16.10 17.69 -2.08
CA GLU A 134 14.71 17.63 -1.64
C GLU A 134 14.31 16.19 -1.36
N PRO A 135 14.30 15.76 -0.09
CA PRO A 135 14.11 14.33 0.20
C PRO A 135 12.78 13.79 -0.26
N GLY A 136 11.82 14.63 -0.53
CA GLY A 136 10.59 14.11 -1.08
C GLY A 136 10.64 13.65 -2.57
N LEU A 137 11.74 13.87 -3.27
CA LEU A 137 11.95 13.27 -4.56
C LEU A 137 12.76 11.97 -4.47
N PHE A 138 12.79 11.31 -3.33
CA PHE A 138 13.47 10.01 -3.26
C PHE A 138 12.54 8.91 -3.76
N GLU A 139 13.10 7.83 -4.29
CA GLU A 139 12.21 6.80 -4.83
C GLU A 139 11.30 6.23 -3.74
N TRP A 140 10.21 5.64 -4.22
CA TRP A 140 9.28 4.87 -3.42
C TRP A 140 10.06 4.04 -2.42
N THR A 141 9.70 4.13 -1.15
CA THR A 141 10.63 3.55 -0.18
C THR A 141 10.40 2.06 0.04
N LYS A 142 9.31 1.48 -0.53
CA LYS A 142 9.23 0.03 -0.51
C LYS A 142 10.43 -0.58 -1.21
N TRP A 143 11.25 0.22 -1.92
CA TRP A 143 12.45 -0.31 -2.56
C TRP A 143 13.70 -0.21 -1.71
N VAL A 144 13.58 0.24 -0.46
CA VAL A 144 14.76 0.35 0.40
C VAL A 144 14.93 -0.96 1.14
N ALA A 145 16.18 -1.38 1.28
CA ALA A 145 16.49 -2.69 1.86
C ALA A 145 16.38 -2.68 3.40
N GLY A 146 15.84 -3.77 3.95
CA GLY A 146 15.63 -3.81 5.38
C GLY A 146 14.64 -2.73 5.80
N SER A 147 14.81 -2.21 7.02
CA SER A 147 13.84 -1.27 7.60
C SER A 147 14.50 0.00 8.13
N THR A 148 15.62 0.42 7.55
CA THR A 148 16.16 1.76 7.82
C THR A 148 16.48 2.50 6.52
N LEU A 149 16.18 3.80 6.51
CA LEU A 149 16.51 4.63 5.34
C LEU A 149 18.01 4.63 5.05
N PRO A 150 18.41 5.07 3.85
CA PRO A 150 19.85 5.19 3.54
C PRO A 150 20.42 6.48 4.10
N ALA A 151 21.69 6.36 4.52
CA ALA A 151 22.41 7.37 5.28
C ALA A 151 22.83 8.55 4.42
N TRP A 152 21.86 9.23 3.81
CA TRP A 152 22.14 10.31 2.88
C TRP A 152 23.11 11.35 3.46
N ILE A 153 24.13 11.64 2.67
CA ILE A 153 25.00 12.76 2.88
C ILE A 153 24.21 14.07 2.94
N PRO A 154 24.42 14.90 3.98
CA PRO A 154 23.65 16.14 4.11
C PRO A 154 24.17 17.18 3.14
N PRO A 155 23.33 18.16 2.72
CA PRO A 155 23.81 19.20 1.80
C PRO A 155 25.18 19.77 2.14
N SER A 156 25.36 20.18 3.40
CA SER A 156 26.62 20.81 3.76
C SER A 156 27.81 19.92 3.40
N GLU A 157 27.69 18.63 3.66
CA GLU A 157 28.75 17.68 3.31
C GLU A 157 28.93 17.63 1.79
N LEU A 158 27.85 17.78 1.04
CA LEU A 158 28.00 17.73 -0.41
C LEU A 158 28.67 18.99 -0.91
N ALA A 159 28.24 20.15 -0.40
CA ALA A 159 28.92 21.41 -0.72
C ALA A 159 30.40 21.31 -0.40
N ALA A 160 30.74 20.55 0.63
CA ALA A 160 32.12 20.35 1.01
C ALA A 160 32.85 19.40 0.08
N ALA A 161 32.21 18.93 -0.98
CA ALA A 161 32.84 17.99 -1.89
C ALA A 161 32.85 18.50 -3.34
N ASN A 162 32.83 19.83 -3.53
CA ASN A 162 32.65 20.45 -4.85
C ASN A 162 31.46 19.79 -5.57
N LEU A 163 30.23 20.18 -5.21
CA LEU A 163 29.00 19.57 -5.70
C LEU A 163 27.90 20.61 -5.99
N SER A 164 28.23 21.89 -6.08
CA SER A 164 27.22 22.93 -6.33
C SER A 164 25.86 22.60 -5.73
N VAL A 165 25.79 22.43 -4.41
CA VAL A 165 24.53 22.16 -3.70
C VAL A 165 24.17 23.39 -2.86
N ASP A 166 22.98 23.98 -3.12
CA ASP A 166 22.39 25.05 -2.31
C ASP A 166 22.12 24.63 -0.85
N THR A 167 23.00 25.02 0.11
CA THR A 167 22.88 24.52 1.49
C THR A 167 21.87 25.27 2.34
N THR A 168 21.28 26.35 1.83
CA THR A 168 20.22 27.03 2.55
C THR A 168 18.84 26.57 2.14
N TYR A 169 18.72 25.81 1.04
CA TYR A 169 17.41 25.30 0.62
C TYR A 169 16.71 24.59 1.80
N ARG A 170 15.49 25.02 2.09
CA ARG A 170 14.71 24.41 3.16
C ARG A 170 13.72 23.44 2.53
N PRO A 171 13.84 22.15 2.80
CA PRO A 171 13.00 21.16 2.11
C PRO A 171 11.54 21.17 2.50
N HIS A 172 10.71 20.72 1.53
CA HIS A 172 9.28 20.57 1.73
C HIS A 172 8.94 19.25 2.43
N ILE A 173 9.66 18.19 2.15
CA ILE A 173 9.53 16.99 2.98
C ILE A 173 10.90 16.63 3.56
N PRO A 174 11.07 16.83 4.86
CA PRO A 174 12.38 16.54 5.48
C PRO A 174 12.55 15.06 5.69
N ILE A 175 13.81 14.66 5.92
CA ILE A 175 14.10 13.24 6.02
C ILE A 175 13.34 12.59 7.16
N SER A 176 13.07 13.33 8.25
CA SER A 176 12.41 12.69 9.38
C SER A 176 11.00 12.32 9.01
N LYS A 177 10.45 13.01 8.00
CA LYS A 177 9.06 12.84 7.63
C LYS A 177 8.85 11.84 6.45
N LEU A 178 9.85 11.01 6.16
CA LEU A 178 9.75 9.97 5.15
C LEU A 178 9.55 8.63 5.85
N VAL A 179 8.45 7.94 5.49
CA VAL A 179 8.05 6.65 6.07
C VAL A 179 8.91 5.52 5.49
N VAL A 180 8.85 4.34 6.09
CA VAL A 180 9.69 3.21 5.69
C VAL A 180 8.74 2.09 5.22
N SER A 181 9.14 1.34 4.19
CA SER A 181 8.20 0.49 3.47
C SER A 181 6.84 1.19 3.35
N GLU A 182 6.84 2.39 2.76
CA GLU A 182 5.59 3.13 2.57
C GLU A 182 4.78 2.49 1.45
N SER A 183 3.57 2.99 1.31
CA SER A 183 2.59 2.44 0.39
C SER A 183 2.69 3.13 -0.98
N TYR A 184 2.19 2.47 -2.03
CA TYR A 184 2.20 3.11 -3.33
C TYR A 184 1.44 4.41 -3.25
N ASP A 185 0.36 4.44 -2.45
CA ASP A 185 -0.52 5.62 -2.48
C ASP A 185 0.13 6.78 -1.77
N THR A 186 0.75 6.49 -0.61
CA THR A 186 1.60 7.48 0.03
C THR A 186 2.50 8.11 -1.02
N TYR A 187 3.36 7.29 -1.62
CA TYR A 187 4.38 7.78 -2.54
C TYR A 187 3.82 8.63 -3.66
N ILE A 188 2.84 8.11 -4.41
CA ILE A 188 2.26 8.93 -5.48
C ILE A 188 1.85 10.29 -4.90
N SER A 189 1.39 10.28 -3.64
CA SER A 189 0.80 11.49 -3.04
C SER A 189 1.89 12.47 -2.61
N ARG A 190 3.00 11.98 -2.03
CA ARG A 190 4.07 12.91 -1.70
C ARG A 190 4.78 13.39 -2.97
N SER A 191 4.89 12.53 -3.98
CA SER A 191 5.47 12.96 -5.25
C SER A 191 4.62 14.03 -5.90
N PHE A 192 3.29 13.97 -5.71
CA PHE A 192 2.43 15.04 -6.21
C PHE A 192 2.53 16.32 -5.40
N GLN A 193 2.58 16.21 -4.06
CA GLN A 193 2.62 17.43 -3.25
C GLN A 193 3.96 18.14 -3.42
N VAL A 194 5.06 17.37 -3.39
CA VAL A 194 6.37 17.95 -3.65
C VAL A 194 6.37 18.72 -4.97
N THR A 195 5.90 18.09 -6.04
CA THR A 195 6.03 18.72 -7.36
C THR A 195 5.27 20.04 -7.40
N LYS A 196 4.07 20.08 -6.84
CA LYS A 196 3.35 21.35 -6.76
C LYS A 196 4.05 22.36 -5.84
N GLU A 197 4.81 21.90 -4.83
CA GLU A 197 5.49 22.86 -3.98
C GLU A 197 6.75 23.41 -4.65
N ILE A 198 7.48 22.58 -5.42
CA ILE A 198 8.64 23.07 -6.15
C ILE A 198 8.20 24.12 -7.17
N ILE A 199 7.19 23.78 -7.98
CA ILE A 199 6.69 24.64 -9.05
C ILE A 199 6.35 26.02 -8.49
N SER A 200 5.54 26.06 -7.43
CA SER A 200 5.09 27.33 -6.89
C SER A 200 6.24 28.14 -6.32
N GLU A 201 7.21 27.49 -5.68
CA GLU A 201 8.32 28.25 -5.12
C GLU A 201 9.23 28.77 -6.20
N CYS A 202 8.94 28.42 -7.46
CA CYS A 202 9.63 28.89 -8.64
C CYS A 202 8.73 29.72 -9.53
N LYS A 203 7.46 29.92 -9.17
CA LYS A 203 6.49 30.48 -10.10
C LYS A 203 6.96 31.80 -10.68
N SER A 204 7.62 32.65 -9.88
CA SER A 204 8.13 33.92 -10.40
C SER A 204 9.65 33.94 -10.59
N LYS A 205 10.39 33.28 -9.70
CA LYS A 205 11.85 33.40 -9.72
C LYS A 205 12.51 32.87 -10.99
N GLY A 206 11.78 32.25 -11.91
CA GLY A 206 12.43 31.78 -13.12
C GLY A 206 11.65 30.69 -13.85
N ASN A 207 12.10 30.45 -15.10
CA ASN A 207 11.28 29.87 -16.16
C ASN A 207 11.30 28.35 -16.21
N ASN A 208 12.47 27.70 -16.25
CA ASN A 208 12.54 26.25 -16.47
C ASN A 208 13.21 25.53 -15.29
N ILE A 209 12.67 24.36 -14.94
CA ILE A 209 13.04 23.61 -13.74
C ILE A 209 13.48 22.21 -14.12
N LEU A 210 14.62 21.77 -13.59
CA LEU A 210 15.15 20.43 -13.78
C LEU A 210 15.14 19.62 -12.48
N ILE A 211 14.29 18.60 -12.44
CA ILE A 211 14.31 17.61 -11.39
C ILE A 211 15.22 16.46 -11.84
N VAL A 212 16.20 16.10 -11.02
CA VAL A 212 17.03 14.91 -11.19
C VAL A 212 16.64 13.93 -10.09
N ALA A 213 16.01 12.79 -10.46
CA ALA A 213 15.58 11.80 -9.49
C ALA A 213 15.69 10.37 -10.03
N HIS A 214 14.67 9.52 -9.80
CA HIS A 214 14.67 8.08 -10.09
C HIS A 214 13.71 7.80 -11.25
N ALA A 215 13.80 6.60 -11.80
CA ALA A 215 12.77 6.23 -12.77
C ALA A 215 11.37 6.42 -12.17
N SER A 216 11.19 6.12 -10.88
CA SER A 216 9.87 6.28 -10.28
C SER A 216 9.38 7.68 -10.46
N SER A 217 10.30 8.61 -10.55
CA SER A 217 9.95 10.02 -10.43
C SER A 217 9.24 10.50 -11.66
N LEU A 218 9.77 10.08 -12.81
CA LEU A 218 9.27 10.56 -14.08
C LEU A 218 7.76 10.31 -14.20
N GLU A 219 7.26 9.16 -13.74
CA GLU A 219 5.79 9.01 -13.69
C GLU A 219 5.19 9.69 -12.48
N ALA A 220 5.77 9.45 -11.32
CA ALA A 220 5.06 9.78 -10.07
C ALA A 220 4.87 11.26 -9.91
N CYS A 221 5.82 12.06 -10.42
CA CYS A 221 5.76 13.51 -10.30
C CYS A 221 4.89 14.16 -11.37
N THR A 222 4.60 13.43 -12.46
CA THR A 222 3.95 14.07 -13.58
C THR A 222 2.53 13.58 -13.85
N CYS A 223 2.12 12.41 -13.35
CA CYS A 223 0.82 11.88 -13.77
C CYS A 223 -0.31 12.81 -13.38
N GLN A 224 -0.37 13.17 -12.10
CA GLN A 224 -1.44 14.04 -11.62
C GLN A 224 -1.24 15.49 -12.01
N LEU A 225 0.00 15.87 -12.29
CA LEU A 225 0.25 17.23 -12.76
C LEU A 225 -0.44 17.52 -14.09
N GLN A 226 -0.88 16.50 -14.82
CA GLN A 226 -1.52 16.76 -16.11
C GLN A 226 -3.00 16.47 -16.11
N GLY A 227 -3.59 16.24 -14.95
CA GLY A 227 -5.01 16.09 -14.82
C GLY A 227 -5.46 14.65 -14.76
N LEU A 228 -4.55 13.70 -14.51
CA LEU A 228 -4.82 12.27 -14.66
C LEU A 228 -4.94 11.55 -13.31
N SER A 229 -5.89 10.63 -13.21
CA SER A 229 -5.83 9.61 -12.17
C SER A 229 -4.54 8.79 -12.30
N PRO A 230 -3.98 8.31 -11.19
CA PRO A 230 -2.70 7.61 -11.28
C PRO A 230 -2.86 6.13 -11.57
N GLN A 231 -1.91 5.60 -12.33
CA GLN A 231 -1.90 4.19 -12.65
C GLN A 231 -2.01 3.32 -11.39
N ASN A 232 -2.57 2.11 -11.55
CA ASN A 232 -2.41 1.10 -10.50
C ASN A 232 -0.92 0.77 -10.37
N SER A 233 -0.56 0.21 -9.22
CA SER A 233 0.83 0.01 -8.89
C SER A 233 1.52 -0.97 -9.83
N LYS A 234 0.81 -2.02 -10.30
CA LYS A 234 1.51 -3.03 -11.12
C LYS A 234 1.92 -2.44 -12.45
N ASP A 235 1.05 -1.56 -12.97
CA ASP A 235 1.30 -0.88 -14.22
C ASP A 235 2.25 0.28 -14.01
N PHE A 236 2.14 0.97 -12.88
CA PHE A 236 3.15 1.98 -12.54
C PHE A 236 4.51 1.33 -12.65
N VAL A 237 4.68 0.13 -12.11
CA VAL A 237 6.01 -0.48 -12.10
C VAL A 237 6.41 -0.96 -13.47
N GLN A 238 5.46 -1.15 -14.37
CA GLN A 238 5.86 -1.60 -15.68
C GLN A 238 6.39 -0.44 -16.51
N MET A 239 5.71 0.71 -16.44
CA MET A 239 6.28 1.95 -16.95
C MET A 239 7.68 2.20 -16.39
N VAL A 240 7.81 2.25 -15.07
CA VAL A 240 9.05 2.66 -14.44
C VAL A 240 10.23 1.85 -14.94
N ARG A 241 10.02 0.57 -15.23
CA ARG A 241 11.15 -0.27 -15.64
C ARG A 241 11.63 0.05 -17.04
N LYS A 242 10.85 0.82 -17.83
CA LYS A 242 11.21 1.10 -19.21
C LYS A 242 11.99 2.40 -19.34
N ILE A 243 12.44 2.97 -18.22
CA ILE A 243 13.07 4.30 -18.19
C ILE A 243 14.59 4.09 -18.09
N PRO A 244 15.36 4.57 -19.03
CA PRO A 244 16.80 4.29 -18.95
C PRO A 244 17.55 5.31 -18.11
N TYR A 245 18.83 5.02 -17.91
CA TYR A 245 19.76 5.98 -17.34
C TYR A 245 19.69 7.27 -18.14
N LEU A 246 19.49 8.38 -17.42
CA LEU A 246 19.27 9.73 -17.97
C LEU A 246 18.02 9.87 -18.82
N GLY A 247 17.12 8.89 -18.84
CA GLY A 247 15.82 9.15 -19.38
C GLY A 247 15.29 10.48 -18.88
N PHE A 248 14.50 11.17 -19.69
CA PHE A 248 14.34 12.61 -19.56
C PHE A 248 13.04 13.02 -20.24
N CYS A 249 12.03 13.37 -19.45
CA CYS A 249 10.72 13.81 -19.89
C CYS A 249 10.55 15.32 -19.64
N SER A 250 9.34 15.82 -19.84
CA SER A 250 9.17 17.22 -20.18
C SER A 250 7.69 17.55 -20.10
N CYS A 251 7.40 18.73 -19.55
CA CYS A 251 6.09 19.15 -19.08
C CYS A 251 6.00 20.64 -19.25
N GLU A 252 4.80 21.09 -19.62
CA GLU A 252 4.63 22.48 -20.00
C GLU A 252 3.23 22.88 -19.59
N GLU A 253 3.06 24.14 -19.17
CA GLU A 253 1.80 24.58 -18.60
C GLU A 253 0.85 25.07 -19.70
N LEU A 254 -0.39 24.64 -19.58
CA LEU A 254 -1.46 25.08 -20.47
C LEU A 254 -2.00 26.43 -19.99
N GLY A 258 -4.22 25.62 -14.47
CA GLY A 258 -2.93 25.27 -13.90
C GLY A 258 -2.50 23.84 -14.17
N ILE A 259 -2.99 23.24 -15.34
CA ILE A 259 -2.68 21.87 -15.74
C ILE A 259 -1.48 21.91 -16.70
N TRP A 260 -0.70 20.81 -16.73
CA TRP A 260 0.60 20.72 -17.37
C TRP A 260 0.58 19.53 -18.34
N GLN A 261 1.23 19.67 -19.51
CA GLN A 261 1.20 18.64 -20.54
C GLN A 261 2.59 18.13 -20.85
N LEU A 262 2.68 16.83 -21.14
CA LEU A 262 3.94 16.27 -21.61
C LEU A 262 4.16 16.74 -23.03
N THR A 263 5.42 16.70 -23.44
CA THR A 263 5.86 17.35 -24.67
C THR A 263 7.16 16.70 -25.15
N ASP A 264 7.57 17.04 -26.37
CA ASP A 264 8.81 16.50 -26.90
C ASP A 264 9.96 17.13 -26.12
N PRO A 265 10.92 16.36 -25.62
CA PRO A 265 12.06 16.97 -24.91
C PRO A 265 12.69 18.02 -25.80
N PRO A 266 13.48 18.93 -25.25
CA PRO A 266 14.23 19.87 -26.10
C PRO A 266 15.54 19.29 -26.61
N ILE A 267 15.87 18.06 -26.20
CA ILE A 267 17.12 17.40 -26.53
C ILE A 267 16.86 15.97 -27.00
N LEU A 268 17.88 15.40 -27.59
CA LEU A 268 17.71 14.09 -28.15
C LEU A 268 17.90 13.00 -27.09
N PRO A 269 17.31 11.81 -27.34
CA PRO A 269 17.49 10.66 -26.42
C PRO A 269 18.91 10.16 -26.35
N LEU A 270 19.24 9.10 -25.61
CA LEU A 270 20.63 8.71 -25.45
C LEU A 270 20.65 7.22 -25.17
N THR A 271 21.18 6.48 -26.13
CA THR A 271 21.23 5.03 -26.09
C THR A 271 22.64 4.56 -26.39
N HIS A 272 23.11 3.67 -25.55
CA HIS A 272 24.29 2.87 -25.75
C HIS A 272 24.04 1.55 -25.05
N GLY A 273 24.93 0.60 -25.30
CA GLY A 273 24.78 -0.70 -24.68
C GLY A 273 25.94 -1.17 -23.85
N PRO A 274 25.95 -2.41 -23.55
CA PRO A 274 26.95 -2.90 -22.60
C PRO A 274 28.29 -2.88 -23.27
N THR A 275 29.27 -3.40 -22.55
CA THR A 275 30.65 -3.53 -22.98
C THR A 275 30.86 -4.92 -23.55
N GLY A 276 30.11 -5.91 -23.03
CA GLY A 276 29.78 -7.11 -23.77
C GLY A 276 30.57 -8.39 -23.61
N LYS B 21 -11.77 22.02 14.38
CA LYS B 21 -11.82 20.57 14.58
C LYS B 21 -12.51 19.88 13.38
N ARG B 22 -11.73 19.88 12.26
CA ARG B 22 -12.09 19.25 10.99
C ARG B 22 -12.24 17.72 11.00
N CYS B 23 -13.47 17.27 10.77
CA CYS B 23 -13.78 15.89 11.03
C CYS B 23 -14.35 15.11 9.85
N LEU B 24 -13.91 13.85 9.70
CA LEU B 24 -14.44 12.92 8.68
C LEU B 24 -15.09 11.71 9.35
N PHE B 25 -16.33 11.42 8.94
CA PHE B 25 -17.09 10.28 9.46
C PHE B 25 -17.55 9.33 8.35
N VAL B 26 -17.30 8.02 8.53
CA VAL B 26 -17.69 7.01 7.57
C VAL B 26 -18.53 5.93 8.25
N CYS B 27 -19.72 5.63 7.70
CA CYS B 27 -20.54 4.56 8.26
C CYS B 27 -21.23 3.65 7.22
N ARG B 28 -21.33 2.37 7.59
CA ARG B 28 -21.98 1.36 6.78
C ARG B 28 -23.47 1.67 6.57
N HIS B 29 -24.05 1.01 5.57
CA HIS B 29 -25.47 1.18 5.25
C HIS B 29 -26.34 0.37 6.23
N GLY B 30 -27.63 0.68 6.27
CA GLY B 30 -28.57 -0.09 7.07
C GLY B 30 -28.82 -1.53 6.60
N GLU B 31 -29.67 -2.23 7.37
CA GLU B 31 -30.04 -3.61 7.10
C GLU B 31 -30.66 -3.72 5.73
N ARG B 32 -30.47 -4.86 5.13
CA ARG B 32 -30.70 -4.92 3.70
C ARG B 32 -31.50 -6.19 3.40
N MET B 33 -32.51 -6.05 2.56
CA MET B 33 -33.52 -7.11 2.44
C MET B 33 -33.00 -8.37 1.79
N ASP B 34 -32.06 -8.26 0.85
CA ASP B 34 -31.53 -9.47 0.22
C ASP B 34 -30.88 -10.42 1.23
N VAL B 35 -30.58 -9.94 2.43
CA VAL B 35 -30.11 -10.79 3.52
C VAL B 35 -31.26 -11.30 4.36
N VAL B 36 -32.12 -10.38 4.79
CA VAL B 36 -33.24 -10.79 5.63
C VAL B 36 -34.08 -11.84 4.92
N PHE B 37 -34.45 -11.57 3.66
CA PHE B 37 -35.37 -12.42 2.94
C PHE B 37 -34.66 -13.27 1.90
N GLY B 38 -33.35 -13.42 2.03
CA GLY B 38 -32.58 -14.32 1.18
C GLY B 38 -32.43 -13.89 -0.27
N LYS B 39 -31.71 -14.74 -1.00
CA LYS B 39 -31.28 -14.44 -2.37
C LYS B 39 -32.47 -14.29 -3.32
N TYR B 40 -33.61 -14.89 -3.00
CA TYR B 40 -34.76 -14.83 -3.89
C TYR B 40 -35.92 -14.05 -3.28
N TRP B 41 -35.62 -12.89 -2.70
CA TRP B 41 -36.64 -12.14 -1.99
C TRP B 41 -37.64 -11.51 -2.93
N LEU B 42 -37.24 -11.29 -4.18
CA LEU B 42 -38.14 -10.71 -5.18
C LEU B 42 -39.35 -11.61 -5.39
N SER B 43 -39.13 -12.93 -5.46
CA SER B 43 -40.21 -13.90 -5.52
C SER B 43 -41.21 -13.71 -4.39
N GLN B 44 -40.83 -13.01 -3.32
CA GLN B 44 -41.76 -12.81 -2.22
C GLN B 44 -42.47 -11.44 -2.25
N CYS B 45 -42.28 -10.61 -3.28
CA CYS B 45 -42.96 -9.32 -3.24
C CYS B 45 -43.27 -8.70 -4.60
N PHE B 46 -42.99 -9.37 -5.71
CA PHE B 46 -43.46 -8.92 -7.02
C PHE B 46 -44.32 -10.00 -7.67
N ASP B 47 -45.55 -9.64 -8.03
CA ASP B 47 -46.41 -10.58 -8.74
C ASP B 47 -46.05 -10.54 -10.22
N ALA B 48 -46.84 -11.24 -11.04
CA ALA B 48 -46.43 -11.41 -12.43
C ALA B 48 -46.42 -10.11 -13.21
N LYS B 49 -47.35 -9.20 -12.90
CA LYS B 49 -47.31 -7.87 -13.51
C LYS B 49 -46.18 -7.03 -12.96
N GLY B 50 -45.55 -7.48 -11.87
CA GLY B 50 -44.55 -6.67 -11.22
C GLY B 50 -45.10 -5.55 -10.35
N ARG B 51 -46.33 -5.70 -9.85
CA ARG B 51 -46.76 -5.01 -8.64
C ARG B 51 -46.04 -5.52 -7.39
N TYR B 52 -45.58 -4.58 -6.57
CA TYR B 52 -45.03 -4.87 -5.25
C TYR B 52 -46.11 -5.26 -4.26
N ILE B 53 -46.02 -6.48 -3.72
CA ILE B 53 -46.92 -6.90 -2.67
C ILE B 53 -46.08 -7.26 -1.46
N ARG B 54 -46.19 -6.46 -0.39
CA ARG B 54 -45.35 -6.68 0.77
C ARG B 54 -45.93 -7.84 1.57
N THR B 55 -45.05 -8.72 2.04
CA THR B 55 -45.44 -9.92 2.76
C THR B 55 -44.85 -10.02 4.17
N ASN B 56 -44.26 -8.93 4.68
CA ASN B 56 -43.63 -8.88 5.97
C ASN B 56 -43.57 -7.41 6.38
N LEU B 57 -43.86 -7.13 7.66
CA LEU B 57 -43.89 -5.76 8.17
C LEU B 57 -42.51 -5.11 8.10
N ASN B 58 -41.46 -5.90 7.93
CA ASN B 58 -40.12 -5.35 7.77
C ASN B 58 -39.87 -4.91 6.33
N MET B 59 -40.79 -5.14 5.43
CA MET B 59 -40.55 -4.61 4.09
C MET B 59 -41.17 -3.21 3.93
N PRO B 60 -40.52 -2.31 3.21
CA PRO B 60 -41.06 -0.95 3.06
C PRO B 60 -42.47 -1.00 2.50
N HIS B 61 -43.18 0.15 2.55
CA HIS B 61 -44.52 0.17 1.99
C HIS B 61 -44.46 0.32 0.48
N SER B 62 -43.42 0.97 -0.04
CA SER B 62 -43.37 1.19 -1.47
C SER B 62 -41.95 1.41 -1.92
N LEU B 63 -41.45 0.54 -2.80
CA LEU B 63 -40.11 0.61 -3.36
C LEU B 63 -40.10 1.48 -4.61
N PRO B 64 -38.95 2.09 -4.90
CA PRO B 64 -38.86 2.98 -6.07
C PRO B 64 -39.03 2.21 -7.37
N GLN B 65 -39.68 2.86 -8.31
CA GLN B 65 -39.70 2.38 -9.70
C GLN B 65 -38.29 2.49 -10.29
N ARG B 66 -37.98 1.54 -11.20
CA ARG B 66 -36.66 1.37 -11.78
C ARG B 66 -36.75 1.35 -13.30
N SER B 67 -35.84 2.09 -13.96
CA SER B 67 -35.82 2.19 -15.41
C SER B 67 -36.08 0.84 -16.09
N GLY B 68 -35.19 -0.13 -15.85
CA GLY B 68 -35.37 -1.45 -16.41
C GLY B 68 -36.08 -2.47 -15.52
N GLY B 69 -37.10 -1.99 -14.83
CA GLY B 69 -37.94 -2.82 -14.03
C GLY B 69 -37.36 -3.25 -12.69
N PHE B 70 -37.77 -4.43 -12.43
CA PHE B 70 -38.08 -5.00 -11.15
C PHE B 70 -36.91 -5.94 -10.89
N ARG B 71 -36.26 -6.34 -12.01
CA ARG B 71 -35.13 -7.24 -12.16
C ARG B 71 -33.80 -6.54 -11.97
N ASP B 72 -33.78 -5.20 -11.99
CA ASP B 72 -32.63 -4.43 -11.58
C ASP B 72 -32.38 -4.45 -10.06
N TYR B 73 -33.28 -5.05 -9.24
CA TYR B 73 -32.97 -5.21 -7.81
C TYR B 73 -32.13 -6.49 -7.55
N GLU B 74 -31.97 -7.47 -8.55
CA GLU B 74 -31.18 -8.70 -8.22
C GLU B 74 -29.82 -8.26 -7.73
N LYS B 75 -29.36 -7.01 -8.05
CA LYS B 75 -27.98 -6.64 -7.72
C LYS B 75 -27.86 -5.28 -7.05
N ASP B 76 -28.96 -4.67 -6.68
CA ASP B 76 -28.98 -3.44 -5.90
C ASP B 76 -30.21 -3.58 -4.97
N ALA B 77 -30.07 -4.37 -3.92
CA ALA B 77 -31.17 -4.56 -2.99
C ALA B 77 -31.30 -3.33 -2.07
N PRO B 78 -32.51 -2.98 -1.66
CA PRO B 78 -32.71 -1.86 -0.74
C PRO B 78 -32.74 -2.22 0.76
N ILE B 79 -32.69 -1.17 1.58
CA ILE B 79 -32.71 -1.38 3.01
C ILE B 79 -34.13 -1.74 3.38
N THR B 80 -34.24 -2.47 4.49
CA THR B 80 -35.49 -2.83 5.15
C THR B 80 -36.11 -1.66 5.91
N VAL B 81 -37.25 -1.92 6.55
CA VAL B 81 -37.85 -0.87 7.36
C VAL B 81 -37.00 -0.62 8.59
N PHE B 82 -36.55 -1.69 9.25
CA PHE B 82 -35.60 -1.54 10.33
C PHE B 82 -34.40 -0.74 9.87
N GLY B 83 -33.87 -1.06 8.68
CA GLY B 83 -32.76 -0.30 8.14
C GLY B 83 -33.01 1.20 8.09
N CYS B 84 -34.25 1.61 7.84
CA CYS B 84 -34.59 3.04 7.97
C CYS B 84 -34.44 3.52 9.42
N MET B 85 -35.21 2.94 10.37
CA MET B 85 -34.98 3.16 11.80
C MET B 85 -33.51 3.24 12.18
N GLN B 86 -32.69 2.24 11.80
CA GLN B 86 -31.28 2.29 12.19
C GLN B 86 -30.66 3.59 11.74
N ALA B 87 -30.93 4.00 10.50
CA ALA B 87 -30.29 5.21 9.99
C ALA B 87 -30.90 6.46 10.63
N ARG B 88 -32.20 6.45 10.90
CA ARG B 88 -32.76 7.67 11.42
C ARG B 88 -32.33 7.86 12.89
N LEU B 89 -32.15 6.76 13.66
CA LEU B 89 -31.58 6.89 15.01
C LEU B 89 -30.20 7.56 14.96
N VAL B 90 -29.32 7.07 14.10
CA VAL B 90 -27.98 7.63 13.96
C VAL B 90 -28.02 9.10 13.59
N GLY B 91 -29.13 9.58 13.01
CA GLY B 91 -29.28 10.99 12.72
C GLY B 91 -29.86 11.72 13.92
N GLU B 92 -30.90 11.13 14.53
CA GLU B 92 -31.28 11.51 15.90
C GLU B 92 -30.04 11.75 16.77
N ALA B 93 -29.17 10.76 16.85
CA ALA B 93 -28.03 10.86 17.73
C ALA B 93 -27.14 12.06 17.38
N LEU B 94 -26.88 12.27 16.08
CA LEU B 94 -25.93 13.30 15.68
C LEU B 94 -26.52 14.69 15.84
N LEU B 95 -27.82 14.83 15.55
CA LEU B 95 -28.51 16.08 15.81
C LEU B 95 -28.44 16.43 17.29
N GLU B 96 -28.79 15.47 18.17
CA GLU B 96 -28.69 15.67 19.62
C GLU B 96 -27.25 15.89 20.10
N SER B 97 -26.23 15.53 19.32
CA SER B 97 -24.84 15.73 19.72
C SER B 97 -24.32 17.12 19.35
N ASN B 98 -25.20 18.06 19.00
CA ASN B 98 -24.85 19.30 18.32
C ASN B 98 -23.71 19.07 17.33
N THR B 99 -23.90 18.06 16.47
CA THR B 99 -22.89 17.73 15.46
C THR B 99 -23.33 18.35 14.15
N ILE B 100 -22.56 19.34 13.69
CA ILE B 100 -22.81 20.07 12.44
C ILE B 100 -22.24 19.24 11.28
N ILE B 101 -23.10 18.58 10.53
CA ILE B 101 -22.69 17.91 9.31
C ILE B 101 -22.70 18.94 8.19
N ASP B 102 -21.58 19.08 7.50
CA ASP B 102 -21.53 20.02 6.40
C ASP B 102 -21.71 19.37 5.03
N HIS B 103 -21.03 18.23 4.77
CA HIS B 103 -21.03 17.57 3.48
C HIS B 103 -21.36 16.09 3.62
N VAL B 104 -22.17 15.51 2.72
CA VAL B 104 -22.57 14.12 2.85
C VAL B 104 -22.55 13.48 1.47
N TYR B 105 -21.85 12.35 1.33
CA TYR B 105 -21.93 11.66 0.07
C TYR B 105 -22.30 10.20 0.33
N CYS B 106 -22.53 9.45 -0.74
CA CYS B 106 -22.80 8.03 -0.58
C CYS B 106 -22.26 7.20 -1.72
N SER B 107 -22.24 5.90 -1.47
CA SER B 107 -22.05 4.89 -2.50
C SER B 107 -23.23 4.86 -3.45
N PRO B 108 -22.99 4.63 -4.75
CA PRO B 108 -24.13 4.56 -5.69
C PRO B 108 -25.17 3.48 -5.34
N SER B 109 -24.80 2.50 -4.53
CA SER B 109 -25.75 1.46 -4.09
C SER B 109 -27.06 2.07 -3.57
N LEU B 110 -28.17 1.36 -3.78
CA LEU B 110 -29.45 1.91 -3.36
C LEU B 110 -29.52 1.87 -1.84
N ARG B 111 -29.04 0.77 -1.25
CA ARG B 111 -28.99 0.67 0.19
C ARG B 111 -28.17 1.80 0.82
N CYS B 112 -27.07 2.20 0.21
CA CYS B 112 -26.31 3.29 0.80
C CYS B 112 -27.05 4.62 0.69
N VAL B 113 -27.75 4.84 -0.43
CA VAL B 113 -28.43 6.12 -0.67
C VAL B 113 -29.58 6.28 0.32
N GLN B 114 -30.36 5.20 0.48
CA GLN B 114 -31.51 5.18 1.35
C GLN B 114 -31.10 5.41 2.82
N THR B 115 -30.03 4.73 3.25
CA THR B 115 -29.46 5.05 4.56
C THR B 115 -29.09 6.54 4.64
N ALA B 116 -28.37 7.07 3.66
CA ALA B 116 -27.89 8.44 3.81
C ALA B 116 -29.05 9.39 4.05
N HIS B 117 -30.19 9.12 3.44
CA HIS B 117 -31.29 10.09 3.41
C HIS B 117 -32.17 9.97 4.65
N ASN B 118 -32.29 8.75 5.20
CA ASN B 118 -32.86 8.60 6.52
C ASN B 118 -32.01 9.31 7.57
N ILE B 119 -30.67 9.24 7.44
CA ILE B 119 -29.83 10.02 8.33
C ILE B 119 -30.18 11.50 8.23
N LEU B 120 -30.40 12.01 7.03
CA LEU B 120 -30.73 13.41 6.90
C LEU B 120 -32.09 13.72 7.55
N LYS B 121 -33.02 12.78 7.57
CA LYS B 121 -34.31 13.02 8.19
C LYS B 121 -34.14 13.12 9.72
N GLY B 122 -33.44 12.14 10.30
CA GLY B 122 -33.07 12.24 11.69
C GLY B 122 -32.13 13.38 11.98
N LEU B 123 -31.22 13.67 11.05
CA LEU B 123 -30.36 14.84 11.19
C LEU B 123 -31.16 16.11 11.05
N GLN B 124 -32.43 16.00 10.65
CA GLN B 124 -33.28 17.11 10.21
C GLN B 124 -32.51 18.08 9.30
N GLN B 125 -32.05 17.57 8.18
CA GLN B 125 -31.50 18.48 7.18
C GLN B 125 -31.78 17.94 5.76
N GLU B 126 -32.87 17.16 5.59
CA GLU B 126 -33.20 16.54 4.30
C GLU B 126 -33.44 17.58 3.18
N ASN B 127 -34.02 18.72 3.52
CA ASN B 127 -34.28 19.74 2.51
C ASN B 127 -33.09 20.64 2.29
N HIS B 128 -32.03 20.53 3.13
CA HIS B 128 -30.91 21.47 3.10
C HIS B 128 -29.56 20.84 2.73
N LEU B 129 -29.42 19.52 2.88
CA LEU B 129 -28.27 18.74 2.43
C LEU B 129 -28.74 17.83 1.31
N LYS B 130 -28.14 17.99 0.13
CA LYS B 130 -28.32 17.09 -0.99
C LYS B 130 -27.12 16.14 -0.99
N ILE B 131 -27.41 14.85 -0.93
CA ILE B 131 -26.36 13.85 -0.88
C ILE B 131 -25.67 13.78 -2.22
N ARG B 132 -24.34 13.78 -2.20
CA ARG B 132 -23.51 13.72 -3.38
C ARG B 132 -23.16 12.25 -3.71
N VAL B 133 -23.67 11.72 -4.84
CA VAL B 133 -23.49 10.29 -5.10
C VAL B 133 -22.18 10.08 -5.84
N GLU B 134 -21.37 9.13 -5.38
CA GLU B 134 -19.97 9.07 -5.75
C GLU B 134 -19.51 7.63 -5.94
N PRO B 135 -19.39 7.17 -7.19
CA PRO B 135 -19.12 5.75 -7.43
C PRO B 135 -17.82 5.26 -6.84
N GLY B 136 -16.89 6.17 -6.49
CA GLY B 136 -15.64 5.71 -5.90
C GLY B 136 -15.83 5.07 -4.54
N LEU B 137 -16.95 5.35 -3.88
CA LEU B 137 -17.28 4.83 -2.58
C LEU B 137 -17.88 3.43 -2.60
N PHE B 138 -18.13 2.85 -3.77
CA PHE B 138 -18.82 1.54 -3.84
C PHE B 138 -17.85 0.45 -3.36
N GLU B 139 -18.39 -0.69 -2.95
CA GLU B 139 -17.51 -1.68 -2.32
C GLU B 139 -16.53 -2.32 -3.31
N TRP B 140 -15.58 -3.05 -2.74
CA TRP B 140 -14.66 -3.86 -3.51
C TRP B 140 -15.42 -4.65 -4.59
N THR B 141 -15.20 -4.34 -5.88
CA THR B 141 -16.10 -4.98 -6.86
C THR B 141 -15.85 -6.49 -7.06
N LYS B 142 -14.73 -7.05 -6.58
CA LYS B 142 -14.66 -8.51 -6.51
C LYS B 142 -15.93 -9.16 -5.93
N TRP B 143 -16.72 -8.42 -5.14
CA TRP B 143 -17.90 -8.97 -4.49
C TRP B 143 -19.15 -8.76 -5.32
N VAL B 144 -19.01 -8.45 -6.58
CA VAL B 144 -20.21 -8.28 -7.42
C VAL B 144 -20.35 -9.56 -8.23
N ALA B 145 -21.58 -10.05 -8.37
CA ALA B 145 -21.77 -11.34 -9.05
C ALA B 145 -21.78 -11.17 -10.56
N GLY B 146 -21.03 -12.01 -11.27
CA GLY B 146 -21.10 -11.96 -12.71
C GLY B 146 -20.01 -11.16 -13.38
N SER B 147 -20.36 -10.49 -14.48
CA SER B 147 -19.38 -9.74 -15.25
C SER B 147 -19.87 -8.33 -15.53
N THR B 148 -20.92 -7.91 -14.87
CA THR B 148 -21.56 -6.62 -15.06
C THR B 148 -21.75 -5.98 -13.68
N LEU B 149 -21.41 -4.68 -13.56
CA LEU B 149 -21.74 -3.91 -12.37
C LEU B 149 -23.26 -3.91 -12.21
N PRO B 150 -23.78 -3.48 -11.08
CA PRO B 150 -25.24 -3.48 -10.91
C PRO B 150 -25.88 -2.20 -11.44
N ALA B 151 -27.18 -2.28 -11.66
CA ALA B 151 -27.87 -1.22 -12.39
C ALA B 151 -28.21 -0.03 -11.51
N TRP B 152 -27.18 0.74 -11.17
CA TRP B 152 -27.34 1.83 -10.20
C TRP B 152 -28.31 2.91 -10.67
N ILE B 153 -29.32 3.19 -9.84
CA ILE B 153 -30.29 4.23 -10.14
C ILE B 153 -29.53 5.53 -10.14
N PRO B 154 -29.56 6.30 -11.23
CA PRO B 154 -28.70 7.49 -11.35
C PRO B 154 -29.25 8.63 -10.53
N PRO B 155 -28.44 9.62 -10.20
CA PRO B 155 -28.89 10.68 -9.27
C PRO B 155 -30.27 11.26 -9.58
N SER B 156 -30.44 11.83 -10.76
CA SER B 156 -31.70 12.44 -11.17
C SER B 156 -32.91 11.50 -11.04
N GLU B 157 -32.74 10.18 -11.09
CA GLU B 157 -33.89 9.30 -10.77
C GLU B 157 -34.03 9.05 -9.26
N LEU B 158 -32.93 9.04 -8.51
CA LEU B 158 -33.05 8.94 -7.06
C LEU B 158 -33.80 10.13 -6.49
N ALA B 159 -33.43 11.34 -6.94
CA ALA B 159 -34.08 12.55 -6.45
C ALA B 159 -35.59 12.47 -6.63
N ALA B 160 -36.04 12.05 -7.82
CA ALA B 160 -37.46 11.94 -8.10
C ALA B 160 -38.13 10.75 -7.39
N ALA B 161 -37.39 10.02 -6.52
CA ALA B 161 -37.94 8.98 -5.65
C ALA B 161 -38.02 9.45 -4.20
N ASN B 162 -37.82 10.73 -3.95
CA ASN B 162 -37.90 11.33 -2.63
C ASN B 162 -36.63 11.06 -1.85
N LEU B 163 -35.48 11.16 -2.50
CA LEU B 163 -34.20 10.88 -1.89
C LEU B 163 -33.34 12.11 -2.06
N SER B 164 -32.86 12.68 -0.95
CA SER B 164 -32.34 14.05 -1.00
C SER B 164 -30.94 14.08 -1.62
N VAL B 165 -30.89 13.93 -2.93
CA VAL B 165 -29.63 13.77 -3.65
C VAL B 165 -29.33 15.05 -4.42
N ASP B 166 -28.04 15.42 -4.48
CA ASP B 166 -27.57 16.54 -5.31
C ASP B 166 -27.34 16.05 -6.75
N THR B 167 -28.17 16.47 -7.71
CA THR B 167 -27.94 16.04 -9.08
C THR B 167 -27.05 16.99 -9.86
N THR B 168 -26.79 18.18 -9.30
CA THR B 168 -25.64 18.95 -9.71
C THR B 168 -24.37 18.13 -9.57
N TYR B 169 -24.34 17.18 -8.64
CA TYR B 169 -23.06 16.64 -8.20
C TYR B 169 -22.40 15.86 -9.34
N ARG B 170 -21.12 16.29 -9.71
CA ARG B 170 -20.28 15.59 -10.69
C ARG B 170 -19.33 14.67 -9.97
N PRO B 171 -19.35 13.36 -10.26
CA PRO B 171 -18.47 12.43 -9.54
C PRO B 171 -16.99 12.74 -9.61
N HIS B 172 -16.20 11.92 -8.90
CA HIS B 172 -14.74 11.91 -8.90
C HIS B 172 -14.20 10.73 -9.69
N ILE B 173 -14.63 9.53 -9.34
CA ILE B 173 -14.45 8.35 -10.16
C ILE B 173 -15.85 8.08 -10.66
N PRO B 174 -16.16 8.35 -11.92
CA PRO B 174 -17.49 8.03 -12.44
C PRO B 174 -17.66 6.53 -12.58
N ILE B 175 -18.90 6.13 -12.89
CA ILE B 175 -19.18 4.71 -13.06
C ILE B 175 -18.32 4.11 -14.16
N SER B 176 -18.01 4.87 -15.23
CA SER B 176 -17.31 4.24 -16.33
C SER B 176 -15.86 3.90 -15.96
N LYS B 177 -15.25 4.66 -15.03
CA LYS B 177 -13.88 4.37 -14.60
C LYS B 177 -13.76 3.11 -13.78
N LEU B 178 -14.87 2.57 -13.28
CA LEU B 178 -14.82 1.45 -12.35
C LEU B 178 -14.53 0.12 -13.06
N VAL B 179 -13.71 -0.71 -12.39
CA VAL B 179 -13.29 -1.99 -12.91
C VAL B 179 -14.13 -3.08 -12.26
N VAL B 180 -14.64 -4.01 -13.07
CA VAL B 180 -15.41 -5.14 -12.56
C VAL B 180 -14.47 -6.22 -12.01
N SER B 181 -14.91 -6.90 -10.94
CA SER B 181 -14.05 -7.75 -10.09
C SER B 181 -12.62 -7.20 -9.98
N GLU B 182 -12.52 -5.98 -9.44
CA GLU B 182 -11.25 -5.30 -9.21
C GLU B 182 -10.28 -6.19 -8.45
N SER B 183 -8.97 -5.95 -8.57
CA SER B 183 -8.15 -6.63 -7.58
C SER B 183 -8.15 -5.82 -6.29
N TYR B 184 -7.60 -6.42 -5.24
CA TYR B 184 -7.52 -5.75 -3.94
C TYR B 184 -6.62 -4.51 -3.99
N ASP B 185 -5.44 -4.62 -4.58
CA ASP B 185 -4.63 -3.41 -4.79
C ASP B 185 -5.48 -2.26 -5.29
N THR B 186 -6.32 -2.52 -6.31
CA THR B 186 -7.11 -1.47 -6.91
C THR B 186 -8.21 -1.01 -5.97
N TYR B 187 -8.88 -1.92 -5.26
CA TYR B 187 -9.87 -1.45 -4.27
C TYR B 187 -9.21 -0.50 -3.27
N ILE B 188 -8.00 -0.84 -2.81
CA ILE B 188 -7.30 0.01 -1.86
C ILE B 188 -6.85 1.35 -2.47
N SER B 189 -6.23 1.34 -3.66
CA SER B 189 -5.81 2.64 -4.18
C SER B 189 -7.00 3.52 -4.54
N ARG B 190 -8.02 2.95 -5.16
CA ARG B 190 -9.21 3.71 -5.47
C ARG B 190 -9.75 4.40 -4.21
N SER B 191 -9.93 3.64 -3.13
CA SER B 191 -10.53 4.25 -1.96
C SER B 191 -9.70 5.41 -1.39
N PHE B 192 -8.39 5.21 -1.22
CA PHE B 192 -7.50 6.31 -0.88
C PHE B 192 -7.80 7.49 -1.81
N GLN B 193 -7.46 7.41 -3.09
CA GLN B 193 -7.67 8.57 -3.98
C GLN B 193 -9.06 9.21 -3.82
N VAL B 194 -10.12 8.38 -3.73
CA VAL B 194 -11.48 8.96 -3.64
C VAL B 194 -11.57 9.89 -2.47
N THR B 195 -11.03 9.46 -1.31
CA THR B 195 -11.19 10.17 -0.07
C THR B 195 -10.30 11.41 -0.01
N LYS B 196 -9.04 11.28 -0.43
CA LYS B 196 -8.20 12.45 -0.68
C LYS B 196 -8.95 13.54 -1.43
N GLU B 197 -9.65 13.17 -2.53
CA GLU B 197 -10.36 14.14 -3.36
C GLU B 197 -11.62 14.68 -2.69
N ILE B 198 -12.30 13.89 -1.85
CA ILE B 198 -13.42 14.41 -1.06
C ILE B 198 -12.92 15.39 0.00
N ILE B 199 -11.85 15.02 0.70
CA ILE B 199 -11.37 15.86 1.78
C ILE B 199 -10.91 17.21 1.26
N SER B 200 -10.25 17.24 0.11
CA SER B 200 -9.79 18.52 -0.45
C SER B 200 -10.96 19.34 -1.01
N GLU B 201 -11.91 18.70 -1.71
CA GLU B 201 -13.11 19.38 -2.21
C GLU B 201 -13.93 20.01 -1.07
N CYS B 202 -13.46 19.85 0.16
CA CYS B 202 -14.21 20.31 1.36
C CYS B 202 -13.29 21.04 2.35
N LYS B 203 -12.36 21.87 1.85
CA LYS B 203 -11.34 22.48 2.70
C LYS B 203 -11.92 23.71 3.40
N SER B 204 -12.11 24.78 2.64
CA SER B 204 -12.75 25.98 3.16
C SER B 204 -14.25 26.00 2.91
N LYS B 205 -14.79 24.99 2.22
CA LYS B 205 -16.21 25.01 1.92
C LYS B 205 -17.03 24.63 3.13
N GLY B 206 -16.44 23.95 4.08
CA GLY B 206 -17.19 23.42 5.19
C GLY B 206 -16.25 23.05 6.30
N ASN B 207 -16.60 21.97 7.00
CA ASN B 207 -15.79 21.51 8.11
C ASN B 207 -15.96 20.02 8.36
N ASN B 208 -17.19 19.52 8.51
CA ASN B 208 -17.41 18.11 8.74
C ASN B 208 -17.96 17.39 7.52
N ILE B 209 -17.57 16.11 7.39
CA ILE B 209 -17.91 15.27 6.25
C ILE B 209 -18.43 13.94 6.77
N LEU B 210 -19.65 13.58 6.41
CA LEU B 210 -20.15 12.21 6.59
C LEU B 210 -20.14 11.43 5.27
N ILE B 211 -19.79 10.15 5.36
CA ILE B 211 -19.74 9.23 4.22
C ILE B 211 -20.59 8.01 4.56
N VAL B 212 -21.71 7.84 3.87
CA VAL B 212 -22.56 6.64 4.00
C VAL B 212 -22.17 5.61 2.94
N ALA B 213 -21.54 4.51 3.36
CA ALA B 213 -21.20 3.47 2.38
C ALA B 213 -21.17 2.01 2.87
N HIS B 214 -20.01 1.35 2.80
CA HIS B 214 -19.89 -0.09 2.91
C HIS B 214 -18.97 -0.46 4.08
N ALA B 215 -19.12 -1.68 4.59
CA ALA B 215 -18.15 -2.19 5.56
C ALA B 215 -16.72 -2.06 5.06
N SER B 216 -16.44 -2.53 3.85
CA SER B 216 -15.08 -2.40 3.33
C SER B 216 -14.63 -0.93 3.31
N SER B 217 -15.58 0.00 3.33
CA SER B 217 -15.24 1.42 3.25
C SER B 217 -14.55 1.91 4.53
N LEU B 218 -15.15 1.67 5.69
CA LEU B 218 -14.62 2.18 6.95
C LEU B 218 -13.10 2.00 7.05
N GLU B 219 -12.61 0.82 6.65
CA GLU B 219 -11.17 0.55 6.66
C GLU B 219 -10.46 1.09 5.41
N ALA B 220 -11.00 0.78 4.22
CA ALA B 220 -10.30 1.18 2.99
C ALA B 220 -10.19 2.70 2.90
N CYS B 221 -11.21 3.41 3.38
CA CYS B 221 -11.19 4.86 3.34
C CYS B 221 -10.43 5.50 4.51
N THR B 222 -9.89 4.72 5.45
CA THR B 222 -9.08 5.40 6.46
C THR B 222 -7.68 4.83 6.67
N CYS B 223 -7.42 3.56 6.38
CA CYS B 223 -6.15 2.96 6.85
C CYS B 223 -4.92 3.79 6.48
N GLN B 224 -4.97 4.58 5.39
CA GLN B 224 -3.81 5.37 5.01
C GLN B 224 -3.96 6.87 5.31
N LEU B 225 -5.20 7.35 5.45
CA LEU B 225 -5.58 8.68 5.93
C LEU B 225 -4.91 9.01 7.28
N GLN B 226 -4.61 7.99 8.10
CA GLN B 226 -3.88 8.16 9.34
C GLN B 226 -2.38 7.93 9.18
N GLY B 227 -1.91 7.57 7.99
CA GLY B 227 -0.50 7.23 7.85
C GLY B 227 -0.17 5.84 8.32
N LEU B 228 -1.16 4.96 8.43
CA LEU B 228 -0.96 3.56 8.78
C LEU B 228 -1.01 2.70 7.52
N SER B 229 -0.12 1.73 7.44
CA SER B 229 0.02 1.00 6.19
C SER B 229 -1.05 -0.09 6.12
N PRO B 230 -1.51 -0.44 4.92
CA PRO B 230 -2.77 -1.19 4.79
C PRO B 230 -2.64 -2.66 5.05
N GLN B 231 -3.75 -3.18 5.58
CA GLN B 231 -3.72 -4.60 5.96
C GLN B 231 -3.55 -5.47 4.70
N ASN B 232 -3.03 -6.67 4.89
CA ASN B 232 -3.13 -7.66 3.81
C ASN B 232 -4.60 -8.12 3.69
N SER B 233 -5.01 -8.62 2.51
CA SER B 233 -6.45 -8.82 2.25
C SER B 233 -7.12 -9.83 3.18
N LYS B 234 -6.40 -10.83 3.68
CA LYS B 234 -7.09 -11.76 4.62
C LYS B 234 -7.42 -11.06 5.96
N ASP B 235 -6.50 -10.21 6.44
CA ASP B 235 -6.71 -9.38 7.63
C ASP B 235 -7.77 -8.31 7.37
N PHE B 236 -7.75 -7.70 6.18
CA PHE B 236 -8.72 -6.65 5.85
C PHE B 236 -10.14 -7.22 5.87
N VAL B 237 -10.35 -8.43 5.35
CA VAL B 237 -11.70 -8.97 5.27
C VAL B 237 -12.19 -9.44 6.64
N GLN B 238 -11.35 -10.14 7.39
CA GLN B 238 -11.70 -10.51 8.77
C GLN B 238 -12.26 -9.34 9.54
N MET B 239 -11.67 -8.16 9.35
CA MET B 239 -12.05 -6.98 10.11
C MET B 239 -13.31 -6.37 9.54
N VAL B 240 -13.41 -6.21 8.21
CA VAL B 240 -14.61 -5.64 7.61
C VAL B 240 -15.87 -6.44 7.95
N ARG B 241 -15.76 -7.78 8.07
CA ARG B 241 -17.01 -8.45 8.49
C ARG B 241 -17.31 -8.37 9.99
N LYS B 242 -16.72 -7.44 10.73
CA LYS B 242 -17.04 -7.26 12.15
C LYS B 242 -17.85 -5.99 12.44
N ILE B 243 -18.29 -5.29 11.39
CA ILE B 243 -18.93 -3.98 11.49
C ILE B 243 -20.44 -4.15 11.44
N PRO B 244 -21.18 -3.58 12.36
CA PRO B 244 -22.63 -3.69 12.29
C PRO B 244 -23.23 -2.80 11.22
N TYR B 245 -24.47 -3.09 10.86
CA TYR B 245 -25.27 -2.09 10.18
C TYR B 245 -25.19 -0.78 10.98
N LEU B 246 -25.15 0.34 10.26
CA LEU B 246 -24.88 1.66 10.81
C LEU B 246 -23.63 1.73 11.69
N GLY B 247 -22.71 0.79 11.56
CA GLY B 247 -21.40 0.99 12.16
C GLY B 247 -20.75 2.29 11.73
N PHE B 248 -20.47 3.14 12.70
CA PHE B 248 -19.96 4.49 12.54
C PHE B 248 -18.48 4.54 12.90
N CYS B 249 -17.73 5.48 12.33
CA CYS B 249 -16.37 5.69 12.82
C CYS B 249 -15.95 7.10 12.42
N SER B 250 -14.83 7.58 12.99
CA SER B 250 -14.51 9.00 12.95
C SER B 250 -13.03 9.37 12.98
N CYS B 251 -12.66 10.45 12.25
CA CYS B 251 -11.29 10.95 12.20
C CYS B 251 -11.27 12.47 12.35
N GLU B 252 -10.36 12.97 13.17
CA GLU B 252 -10.09 14.40 13.28
C GLU B 252 -8.76 14.66 12.61
N GLU B 253 -8.66 15.78 11.90
CA GLU B 253 -7.42 16.15 11.24
C GLU B 253 -6.45 16.80 12.25
N LEU B 254 -5.27 16.18 12.40
CA LEU B 254 -4.16 16.73 13.16
C LEU B 254 -3.63 17.96 12.44
N GLY B 255 -4.12 19.12 12.88
CA GLY B 255 -3.76 20.41 12.31
C GLY B 255 -4.38 20.51 10.94
N GLU B 256 -3.60 21.10 10.00
CA GLU B 256 -3.83 21.00 8.57
C GLU B 256 -2.83 20.03 7.93
N THR B 257 -2.16 19.21 8.75
CA THR B 257 -1.12 18.30 8.30
C THR B 257 -1.65 17.20 7.36
N GLY B 258 -2.96 17.22 7.07
CA GLY B 258 -3.55 16.21 6.20
C GLY B 258 -3.45 14.80 6.77
N ILE B 259 -2.96 14.59 7.99
CA ILE B 259 -2.86 13.28 8.63
C ILE B 259 -3.88 13.23 9.76
N TRP B 260 -4.92 12.45 9.54
CA TRP B 260 -6.08 12.34 10.40
C TRP B 260 -5.89 11.20 11.40
N GLN B 261 -6.32 11.40 12.64
CA GLN B 261 -6.25 10.38 13.67
C GLN B 261 -7.64 9.83 13.93
N LEU B 262 -7.70 8.53 14.27
CA LEU B 262 -8.96 7.91 14.66
C LEU B 262 -9.39 8.37 16.05
N THR B 263 -10.57 8.94 16.13
CA THR B 263 -11.09 9.51 17.35
C THR B 263 -12.35 8.75 17.75
N ASP B 264 -12.66 8.79 19.05
CA ASP B 264 -13.93 8.23 19.55
C ASP B 264 -15.12 8.97 18.94
N PRO B 265 -16.24 8.28 18.65
CA PRO B 265 -17.28 8.87 17.84
C PRO B 265 -18.13 9.96 18.54
N PRO B 266 -18.80 10.78 17.81
CA PRO B 266 -19.50 11.75 18.56
C PRO B 266 -20.87 11.32 19.08
N ILE B 267 -21.39 10.16 18.71
CA ILE B 267 -22.67 9.60 19.09
C ILE B 267 -22.29 8.24 19.64
N LEU B 268 -23.27 7.59 20.25
CA LEU B 268 -23.09 6.33 20.94
C LEU B 268 -23.36 5.19 20.01
N PRO B 269 -23.09 3.96 20.42
CA PRO B 269 -23.20 2.84 19.50
C PRO B 269 -24.65 2.51 19.21
N LEU B 270 -24.85 1.57 18.30
CA LEU B 270 -26.21 1.07 18.09
C LEU B 270 -26.19 -0.46 18.02
N THR B 271 -27.18 -1.08 18.66
CA THR B 271 -27.18 -2.55 18.81
C THR B 271 -28.59 -3.03 19.11
N HIS B 272 -29.18 -3.83 18.22
CA HIS B 272 -30.23 -4.77 18.59
C HIS B 272 -29.77 -6.20 18.24
N GLY B 273 -30.64 -7.13 18.56
CA GLY B 273 -30.61 -8.43 17.93
C GLY B 273 -31.80 -8.62 16.99
N PRO B 274 -32.15 -9.88 16.78
CA PRO B 274 -33.20 -10.20 15.81
C PRO B 274 -34.54 -10.62 16.40
N THR B 275 -35.61 -10.47 15.62
CA THR B 275 -36.92 -11.02 15.98
C THR B 275 -36.84 -12.44 16.52
N GLY B 276 -35.94 -13.28 15.98
CA GLY B 276 -35.78 -14.65 16.44
C GLY B 276 -36.76 -15.65 15.84
N GLY B 277 -36.58 -16.92 16.22
CA GLY B 277 -37.48 -18.00 15.85
C GLY B 277 -36.79 -19.25 15.36
N LYS C 21 22.97 -26.38 -20.32
CA LYS C 21 21.84 -25.58 -19.87
C LYS C 21 20.92 -26.36 -18.86
N ARG C 22 20.18 -25.62 -18.04
CA ARG C 22 19.08 -26.08 -17.21
C ARG C 22 17.77 -25.59 -17.82
N CYS C 23 16.66 -26.30 -17.58
CA CYS C 23 15.40 -25.82 -18.13
C CYS C 23 14.23 -26.12 -17.21
N LEU C 24 13.23 -25.25 -17.27
CA LEU C 24 11.98 -25.41 -16.56
C LEU C 24 10.81 -25.44 -17.54
N PHE C 25 10.10 -26.55 -17.57
CA PHE C 25 8.93 -26.66 -18.42
C PHE C 25 7.72 -26.49 -17.53
N VAL C 26 6.88 -25.51 -17.87
CA VAL C 26 5.59 -25.32 -17.22
C VAL C 26 4.53 -25.57 -18.29
N CYS C 27 3.61 -26.50 -18.02
CA CYS C 27 2.54 -26.78 -18.96
C CYS C 27 1.20 -26.94 -18.24
N ARG C 28 0.12 -26.79 -19.00
CA ARG C 28 -1.22 -26.79 -18.42
C ARG C 28 -1.80 -28.20 -18.39
N HIS C 29 -2.86 -28.38 -17.61
CA HIS C 29 -3.56 -29.65 -17.54
C HIS C 29 -4.45 -29.84 -18.76
N GLY C 30 -4.92 -31.09 -18.94
CA GLY C 30 -5.74 -31.43 -20.09
C GLY C 30 -7.21 -31.17 -19.88
N GLU C 31 -7.96 -31.23 -20.98
CA GLU C 31 -9.39 -31.02 -21.00
C GLU C 31 -10.11 -31.46 -19.72
N ARG C 32 -11.00 -30.60 -19.26
CA ARG C 32 -11.66 -30.76 -17.98
C ARG C 32 -13.04 -31.33 -18.19
N MET C 33 -13.32 -32.39 -17.43
CA MET C 33 -14.64 -32.99 -17.42
C MET C 33 -15.73 -32.00 -17.05
N ASP C 34 -15.44 -31.04 -16.18
CA ASP C 34 -16.54 -30.15 -15.83
C ASP C 34 -16.78 -29.08 -16.89
N VAL C 35 -15.90 -29.00 -17.91
CA VAL C 35 -15.99 -27.99 -18.97
C VAL C 35 -16.77 -28.61 -20.12
N VAL C 36 -16.26 -29.72 -20.64
CA VAL C 36 -16.96 -30.45 -21.69
C VAL C 36 -18.42 -30.64 -21.30
N PHE C 37 -18.67 -31.19 -20.10
CA PHE C 37 -20.01 -31.58 -19.69
C PHE C 37 -20.69 -30.65 -18.66
N GLY C 38 -20.19 -29.41 -18.47
CA GLY C 38 -20.94 -28.39 -17.74
C GLY C 38 -20.80 -28.43 -16.22
N LYS C 39 -21.34 -27.39 -15.54
CA LYS C 39 -21.14 -27.26 -14.09
C LYS C 39 -21.92 -28.33 -13.31
N TYR C 40 -23.07 -28.74 -13.83
CA TYR C 40 -23.89 -29.84 -13.33
C TYR C 40 -23.58 -31.18 -14.01
N TRP C 41 -22.31 -31.58 -14.10
CA TRP C 41 -21.99 -32.84 -14.78
C TRP C 41 -22.31 -34.05 -13.92
N LEU C 42 -22.13 -33.93 -12.61
CA LEU C 42 -22.34 -35.06 -11.71
C LEU C 42 -23.74 -35.61 -11.87
N SER C 43 -24.71 -34.75 -12.17
CA SER C 43 -26.03 -35.21 -12.60
C SER C 43 -25.94 -36.13 -13.82
N GLN C 44 -24.76 -36.29 -14.39
CA GLN C 44 -24.65 -37.01 -15.63
C GLN C 44 -23.77 -38.25 -15.56
N CYS C 45 -22.92 -38.37 -14.56
CA CYS C 45 -22.21 -39.64 -14.45
C CYS C 45 -22.20 -40.22 -13.05
N PHE C 46 -23.22 -39.91 -12.25
CA PHE C 46 -23.37 -40.60 -10.98
C PHE C 46 -24.83 -40.80 -10.62
N ASP C 47 -25.12 -41.90 -9.94
CA ASP C 47 -26.49 -42.21 -9.55
C ASP C 47 -26.80 -41.87 -8.07
N ALA C 48 -28.04 -42.19 -7.66
CA ALA C 48 -28.49 -41.97 -6.28
C ALA C 48 -27.52 -42.55 -5.26
N LYS C 49 -27.05 -43.80 -5.48
CA LYS C 49 -26.15 -44.53 -4.60
C LYS C 49 -24.70 -44.00 -4.62
N GLY C 50 -24.42 -43.01 -5.49
CA GLY C 50 -23.05 -42.51 -5.70
C GLY C 50 -22.10 -43.37 -6.51
N ARG C 51 -22.61 -44.24 -7.39
CA ARG C 51 -21.76 -45.06 -8.25
C ARG C 51 -21.46 -44.34 -9.57
N TYR C 52 -20.22 -44.48 -10.03
CA TYR C 52 -19.82 -43.85 -11.27
C TYR C 52 -20.46 -44.59 -12.45
N ILE C 53 -21.18 -43.87 -13.30
CA ILE C 53 -21.72 -44.41 -14.54
C ILE C 53 -21.41 -43.59 -15.80
N ARG C 54 -20.39 -43.97 -16.58
CA ARG C 54 -20.00 -43.09 -17.69
C ARG C 54 -21.16 -43.05 -18.68
N THR C 55 -21.43 -41.88 -19.28
CA THR C 55 -22.54 -41.77 -20.24
C THR C 55 -22.10 -41.17 -21.58
N ASN C 56 -20.81 -40.93 -21.72
CA ASN C 56 -20.21 -40.46 -22.92
C ASN C 56 -18.89 -41.20 -23.05
N LEU C 57 -18.49 -41.39 -24.30
CA LEU C 57 -17.31 -42.20 -24.55
C LEU C 57 -16.02 -41.45 -24.26
N ASN C 58 -16.12 -40.13 -23.99
CA ASN C 58 -15.03 -39.23 -23.61
C ASN C 58 -15.01 -38.98 -22.10
N MET C 59 -15.94 -39.60 -21.40
CA MET C 59 -15.72 -39.75 -19.96
C MET C 59 -14.93 -41.02 -19.72
N PRO C 60 -13.95 -40.99 -18.84
CA PRO C 60 -13.17 -42.20 -18.63
C PRO C 60 -14.06 -43.33 -18.16
N HIS C 61 -13.47 -44.55 -18.11
CA HIS C 61 -14.20 -45.78 -17.81
C HIS C 61 -14.32 -45.98 -16.30
N SER C 62 -13.37 -45.46 -15.51
CA SER C 62 -13.45 -45.44 -14.06
C SER C 62 -12.90 -44.11 -13.55
N LEU C 63 -13.33 -43.76 -12.34
CA LEU C 63 -12.79 -42.60 -11.67
C LEU C 63 -12.08 -43.06 -10.41
N PRO C 64 -10.96 -42.43 -10.06
CA PRO C 64 -10.26 -42.79 -8.81
C PRO C 64 -11.21 -42.68 -7.62
N GLN C 65 -11.16 -43.66 -6.71
CA GLN C 65 -12.00 -43.59 -5.50
C GLN C 65 -11.50 -42.47 -4.58
N ARG C 66 -12.41 -41.69 -4.02
CA ARG C 66 -11.97 -40.65 -3.09
C ARG C 66 -12.73 -40.68 -1.77
N SER C 67 -11.99 -40.47 -0.67
CA SER C 67 -12.55 -40.50 0.69
C SER C 67 -13.94 -39.84 0.67
N GLY C 68 -13.98 -38.53 0.67
CA GLY C 68 -15.24 -37.80 0.62
C GLY C 68 -16.34 -38.40 -0.22
N GLY C 69 -16.16 -38.55 -1.53
CA GLY C 69 -17.23 -39.14 -2.29
C GLY C 69 -17.47 -38.42 -3.61
N PHE C 70 -18.47 -38.85 -4.38
CA PHE C 70 -18.74 -38.12 -5.61
C PHE C 70 -18.87 -36.63 -5.32
N ARG C 71 -19.48 -36.26 -4.20
CA ARG C 71 -19.72 -34.82 -4.01
C ARG C 71 -18.41 -34.04 -3.92
N ASP C 72 -17.33 -34.63 -3.41
CA ASP C 72 -16.03 -33.96 -3.44
C ASP C 72 -15.66 -33.51 -4.84
N TYR C 73 -15.99 -34.32 -5.87
CA TYR C 73 -15.59 -34.01 -7.24
C TYR C 73 -16.06 -32.65 -7.70
N GLU C 74 -17.17 -32.17 -7.13
CA GLU C 74 -17.80 -30.94 -7.61
C GLU C 74 -16.82 -29.79 -7.70
N LYS C 75 -15.63 -29.90 -7.04
CA LYS C 75 -14.62 -28.87 -7.10
C LYS C 75 -13.19 -29.39 -7.30
N ASP C 76 -12.99 -30.68 -7.56
CA ASP C 76 -11.68 -31.23 -7.94
C ASP C 76 -11.87 -32.14 -9.16
N ALA C 77 -12.39 -31.57 -10.24
CA ALA C 77 -12.87 -32.42 -11.32
C ALA C 77 -11.72 -33.04 -12.11
N PRO C 78 -11.93 -34.27 -12.65
CA PRO C 78 -10.88 -34.97 -13.40
C PRO C 78 -10.95 -34.62 -14.88
N ILE C 79 -9.86 -34.98 -15.60
CA ILE C 79 -9.79 -34.69 -17.05
C ILE C 79 -10.68 -35.65 -17.82
N THR C 80 -10.94 -35.30 -19.09
CA THR C 80 -11.67 -36.20 -20.02
C THR C 80 -10.69 -37.20 -20.65
N VAL C 81 -11.24 -38.24 -21.28
CA VAL C 81 -10.42 -39.21 -22.04
C VAL C 81 -9.51 -38.50 -23.06
N PHE C 82 -10.07 -37.56 -23.81
CA PHE C 82 -9.21 -36.75 -24.66
C PHE C 82 -8.14 -36.05 -23.85
N GLY C 83 -8.46 -35.57 -22.63
CA GLY C 83 -7.42 -35.03 -21.75
C GLY C 83 -6.24 -35.95 -21.56
N CYS C 84 -6.49 -37.23 -21.25
CA CYS C 84 -5.38 -38.18 -21.12
C CYS C 84 -4.60 -38.32 -22.42
N MET C 85 -5.32 -38.41 -23.56
CA MET C 85 -4.65 -38.46 -24.86
C MET C 85 -3.71 -37.29 -25.05
N GLN C 86 -4.25 -36.07 -24.99
CA GLN C 86 -3.43 -34.86 -25.02
C GLN C 86 -2.14 -35.01 -24.22
N ALA C 87 -2.19 -35.61 -23.04
CA ALA C 87 -0.94 -35.66 -22.28
C ALA C 87 -0.04 -36.80 -22.75
N ARG C 88 -0.61 -38.00 -22.92
CA ARG C 88 0.13 -39.13 -23.52
C ARG C 88 0.93 -38.61 -24.70
N LEU C 89 0.26 -37.94 -25.63
CA LEU C 89 0.92 -37.34 -26.78
C LEU C 89 2.08 -36.44 -26.37
N VAL C 90 1.84 -35.49 -25.43
CA VAL C 90 2.89 -34.54 -25.04
C VAL C 90 4.11 -35.29 -24.50
N GLY C 91 3.90 -36.32 -23.68
CA GLY C 91 5.03 -37.11 -23.22
C GLY C 91 5.76 -37.80 -24.37
N GLU C 92 5.01 -38.31 -25.34
CA GLU C 92 5.64 -38.95 -26.48
C GLU C 92 6.51 -37.95 -27.24
N ALA C 93 6.05 -36.71 -27.38
CA ALA C 93 6.90 -35.71 -28.05
C ALA C 93 8.18 -35.44 -27.25
N LEU C 94 8.08 -35.39 -25.93
CA LEU C 94 9.28 -35.24 -25.09
C LEU C 94 10.21 -36.44 -25.22
N LEU C 95 9.66 -37.59 -25.60
CA LEU C 95 10.49 -38.77 -25.84
C LEU C 95 11.15 -38.70 -27.21
N GLU C 96 10.35 -38.42 -28.26
CA GLU C 96 10.86 -38.20 -29.60
C GLU C 96 11.92 -37.10 -29.64
N SER C 97 11.85 -36.17 -28.71
CA SER C 97 12.70 -34.97 -28.72
C SER C 97 13.96 -35.12 -27.84
N ASN C 98 14.25 -36.35 -27.39
CA ASN C 98 15.41 -36.68 -26.55
C ASN C 98 15.59 -35.66 -25.41
N THR C 99 14.47 -35.27 -24.77
CA THR C 99 14.44 -34.35 -23.66
C THR C 99 14.15 -35.09 -22.36
N ILE C 100 15.08 -35.05 -21.46
CA ILE C 100 15.05 -35.86 -20.25
C ILE C 100 14.48 -35.02 -19.10
N ILE C 101 13.61 -35.63 -18.31
CA ILE C 101 12.96 -34.99 -17.17
C ILE C 101 13.38 -35.68 -15.88
N ASP C 102 14.09 -34.94 -15.03
CA ASP C 102 14.64 -35.47 -13.79
C ASP C 102 13.87 -35.07 -12.55
N HIS C 103 12.94 -34.11 -12.65
CA HIS C 103 12.02 -33.81 -11.56
C HIS C 103 10.72 -33.25 -12.14
N VAL C 104 9.61 -33.67 -11.57
CA VAL C 104 8.33 -33.19 -12.06
C VAL C 104 7.37 -32.95 -10.90
N TYR C 105 6.75 -31.77 -10.94
CA TYR C 105 5.87 -31.24 -9.92
C TYR C 105 4.51 -30.99 -10.51
N CYS C 106 3.49 -31.14 -9.70
CA CYS C 106 2.18 -30.73 -10.15
C CYS C 106 1.40 -30.08 -9.03
N SER C 107 0.62 -29.10 -9.40
CA SER C 107 -0.57 -28.70 -8.68
C SER C 107 -1.28 -29.85 -7.97
N PRO C 108 -1.94 -29.56 -6.85
CA PRO C 108 -2.69 -30.61 -6.13
C PRO C 108 -3.99 -30.99 -6.77
N SER C 109 -4.49 -30.16 -7.70
CA SER C 109 -5.78 -30.43 -8.35
C SER C 109 -5.70 -31.70 -9.19
N LEU C 110 -6.73 -32.55 -9.08
CA LEU C 110 -6.70 -33.88 -9.67
C LEU C 110 -6.39 -33.78 -11.14
N ARG C 111 -7.04 -32.84 -11.82
CA ARG C 111 -6.77 -32.64 -13.23
C ARG C 111 -5.28 -32.52 -13.55
N CYS C 112 -4.55 -31.70 -12.80
CA CYS C 112 -3.10 -31.69 -12.96
C CYS C 112 -2.45 -33.01 -12.54
N VAL C 113 -2.99 -33.77 -11.57
CA VAL C 113 -2.24 -34.93 -11.10
C VAL C 113 -2.26 -36.03 -12.16
N GLN C 114 -3.46 -36.26 -12.71
CA GLN C 114 -3.68 -37.17 -13.84
C GLN C 114 -2.97 -36.70 -15.10
N THR C 115 -3.06 -35.42 -15.44
CA THR C 115 -2.33 -34.93 -16.63
C THR C 115 -0.82 -35.15 -16.50
N ALA C 116 -0.25 -34.87 -15.34
CA ALA C 116 1.14 -35.26 -15.12
C ALA C 116 1.34 -36.74 -15.39
N HIS C 117 0.47 -37.57 -14.81
CA HIS C 117 0.69 -39.02 -14.85
C HIS C 117 0.70 -39.55 -16.29
N ASN C 118 -0.28 -39.14 -17.11
CA ASN C 118 -0.29 -39.59 -18.50
C ASN C 118 0.90 -39.04 -19.29
N ILE C 119 1.37 -37.82 -19.02
CA ILE C 119 2.62 -37.37 -19.63
C ILE C 119 3.71 -38.40 -19.37
N LEU C 120 3.91 -38.75 -18.09
CA LEU C 120 4.95 -39.68 -17.71
C LEU C 120 4.75 -41.04 -18.35
N LYS C 121 3.49 -41.37 -18.66
CA LYS C 121 3.12 -42.62 -19.29
C LYS C 121 3.57 -42.63 -20.75
N GLY C 122 3.29 -41.55 -21.48
CA GLY C 122 3.76 -41.41 -22.82
C GLY C 122 5.16 -40.91 -22.95
N LEU C 123 5.90 -40.91 -21.87
CA LEU C 123 7.32 -40.58 -21.83
C LEU C 123 8.08 -41.79 -21.40
N GLN C 124 7.34 -42.84 -21.05
CA GLN C 124 7.88 -44.10 -20.62
C GLN C 124 8.79 -43.94 -19.43
N GLN C 125 8.23 -43.31 -18.40
CA GLN C 125 8.83 -43.10 -17.08
C GLN C 125 7.81 -43.39 -15.97
N GLU C 126 6.77 -44.16 -16.27
CA GLU C 126 5.66 -44.37 -15.34
C GLU C 126 6.13 -44.84 -13.96
N ASN C 127 7.09 -45.75 -13.90
CA ASN C 127 7.48 -46.39 -12.65
C ASN C 127 8.72 -45.77 -12.03
N HIS C 128 9.41 -44.91 -12.77
CA HIS C 128 10.68 -44.33 -12.33
C HIS C 128 10.56 -42.87 -11.89
N LEU C 129 9.88 -42.02 -12.66
CA LEU C 129 9.64 -40.66 -12.20
C LEU C 129 8.40 -40.63 -11.33
N LYS C 130 8.46 -39.80 -10.28
CA LYS C 130 7.46 -39.75 -9.21
C LYS C 130 7.04 -38.31 -8.96
N ILE C 131 5.74 -38.04 -9.14
CA ILE C 131 5.23 -36.67 -9.18
C ILE C 131 5.20 -36.06 -7.78
N ARG C 132 5.68 -34.84 -7.68
CA ARG C 132 5.70 -34.08 -6.44
C ARG C 132 4.48 -33.16 -6.36
N VAL C 133 3.60 -33.43 -5.42
CA VAL C 133 2.40 -32.63 -5.26
C VAL C 133 2.76 -31.44 -4.37
N GLU C 134 2.67 -30.25 -4.95
CA GLU C 134 3.16 -28.99 -4.40
C GLU C 134 1.96 -28.07 -4.39
N PRO C 135 1.28 -27.90 -3.25
CA PRO C 135 0.05 -27.10 -3.26
C PRO C 135 0.30 -25.63 -3.57
N GLY C 136 1.53 -25.14 -3.45
CA GLY C 136 1.82 -23.78 -3.90
C GLY C 136 1.69 -23.57 -5.42
N LEU C 137 1.68 -24.65 -6.21
CA LEU C 137 1.48 -24.48 -7.65
C LEU C 137 0.02 -24.30 -8.02
N PHE C 138 -0.88 -24.51 -7.08
CA PHE C 138 -2.30 -24.38 -7.39
C PHE C 138 -2.65 -22.96 -7.87
N GLU C 139 -3.71 -22.85 -8.67
CA GLU C 139 -4.10 -21.58 -9.25
C GLU C 139 -4.72 -20.61 -8.23
N TRP C 140 -4.72 -19.32 -8.60
CA TRP C 140 -5.43 -18.26 -7.90
C TRP C 140 -6.65 -18.83 -7.21
N THR C 141 -6.61 -18.84 -5.86
CA THR C 141 -7.75 -19.34 -5.09
C THR C 141 -8.96 -18.39 -5.14
N LYS C 142 -8.87 -17.19 -5.75
CA LYS C 142 -10.08 -16.39 -6.00
C LYS C 142 -11.05 -17.11 -6.92
N TRP C 143 -10.57 -18.13 -7.64
CA TRP C 143 -11.39 -18.87 -8.60
C TRP C 143 -12.04 -20.13 -8.01
N VAL C 144 -11.78 -20.40 -6.73
CA VAL C 144 -12.44 -21.46 -5.98
C VAL C 144 -13.79 -20.94 -5.51
N ALA C 145 -14.82 -21.75 -5.64
CA ALA C 145 -16.14 -21.28 -5.29
C ALA C 145 -16.38 -21.42 -3.78
N GLY C 146 -17.31 -20.61 -3.29
CA GLY C 146 -17.75 -20.82 -1.93
C GLY C 146 -16.61 -20.54 -0.97
N SER C 147 -16.83 -20.95 0.28
CA SER C 147 -16.00 -20.51 1.38
C SER C 147 -14.81 -21.43 1.67
N THR C 148 -14.72 -22.58 0.99
CA THR C 148 -13.69 -23.55 1.32
C THR C 148 -12.90 -23.96 0.08
N LEU C 149 -11.63 -24.37 0.32
CA LEU C 149 -10.80 -24.99 -0.69
C LEU C 149 -11.42 -26.33 -1.08
N PRO C 150 -10.94 -26.96 -2.14
CA PRO C 150 -11.48 -28.26 -2.55
C PRO C 150 -10.81 -29.42 -1.84
N ALA C 151 -11.60 -30.48 -1.61
CA ALA C 151 -11.15 -31.71 -0.97
C ALA C 151 -10.13 -32.45 -1.82
N TRP C 152 -8.96 -31.85 -1.98
CA TRP C 152 -7.86 -32.49 -2.66
C TRP C 152 -7.62 -33.90 -2.13
N ILE C 153 -7.21 -34.79 -3.03
CA ILE C 153 -6.92 -36.16 -2.72
C ILE C 153 -5.45 -36.24 -2.22
N PRO C 154 -5.19 -36.63 -1.01
CA PRO C 154 -3.81 -36.67 -0.51
C PRO C 154 -2.90 -37.49 -1.48
N PRO C 155 -1.61 -37.18 -1.53
CA PRO C 155 -0.74 -38.05 -2.36
C PRO C 155 -0.73 -39.53 -1.98
N SER C 156 -1.10 -39.92 -0.75
CA SER C 156 -1.08 -41.36 -0.45
C SER C 156 -2.31 -42.04 -1.05
N GLU C 157 -3.47 -41.37 -1.01
CA GLU C 157 -4.66 -41.86 -1.70
C GLU C 157 -4.49 -41.78 -3.23
N LEU C 158 -3.70 -40.81 -3.74
CA LEU C 158 -3.42 -40.75 -5.17
C LEU C 158 -2.56 -41.93 -5.64
N ALA C 159 -1.57 -42.32 -4.83
CA ALA C 159 -0.68 -43.39 -5.28
C ALA C 159 -1.44 -44.72 -5.40
N ALA C 160 -2.34 -44.98 -4.44
CA ALA C 160 -3.14 -46.21 -4.36
C ALA C 160 -4.24 -46.28 -5.41
N ALA C 161 -4.38 -45.23 -6.22
CA ALA C 161 -5.23 -45.25 -7.42
C ALA C 161 -4.42 -45.28 -8.70
N ASN C 162 -3.10 -45.48 -8.59
CA ASN C 162 -2.21 -45.79 -9.71
C ASN C 162 -1.63 -44.56 -10.43
N LEU C 163 -1.72 -43.38 -9.81
CA LEU C 163 -0.97 -42.23 -10.28
C LEU C 163 0.41 -42.28 -9.65
N SER C 164 1.40 -41.75 -10.35
CA SER C 164 2.79 -41.99 -9.99
C SER C 164 3.36 -40.81 -9.21
N VAL C 165 2.80 -40.63 -8.02
CA VAL C 165 3.07 -39.49 -7.16
C VAL C 165 4.03 -39.91 -6.06
N ASP C 166 4.97 -39.01 -5.71
CA ASP C 166 5.90 -39.25 -4.62
C ASP C 166 5.25 -38.98 -3.25
N THR C 167 5.16 -40.02 -2.42
CA THR C 167 4.50 -39.93 -1.13
C THR C 167 5.44 -39.36 -0.07
N THR C 168 6.74 -39.62 -0.22
CA THR C 168 7.76 -38.96 0.58
C THR C 168 7.61 -37.45 0.57
N TYR C 169 7.42 -36.84 -0.59
CA TYR C 169 7.86 -35.46 -0.83
C TYR C 169 7.22 -34.48 0.11
N ARG C 170 8.05 -33.51 0.59
CA ARG C 170 7.59 -32.50 1.54
C ARG C 170 7.18 -31.23 0.81
N PRO C 171 5.92 -30.81 0.92
CA PRO C 171 5.47 -29.57 0.28
C PRO C 171 6.12 -28.32 0.84
N HIS C 172 6.49 -27.42 -0.06
CA HIS C 172 6.95 -26.08 0.29
C HIS C 172 5.83 -25.16 0.78
N ILE C 173 4.60 -25.40 0.36
CA ILE C 173 3.49 -24.61 0.88
C ILE C 173 2.29 -25.51 1.12
N PRO C 174 2.06 -25.96 2.34
CA PRO C 174 0.94 -26.88 2.59
C PRO C 174 -0.39 -26.18 2.49
N ILE C 175 -1.42 -27.00 2.49
CA ILE C 175 -2.77 -26.55 2.19
C ILE C 175 -3.20 -25.51 3.21
N SER C 176 -2.63 -25.57 4.40
CA SER C 176 -2.95 -24.68 5.50
C SER C 176 -2.35 -23.29 5.30
N LYS C 177 -1.14 -23.22 4.84
CA LYS C 177 -0.63 -21.90 4.52
C LYS C 177 -1.27 -21.30 3.30
N LEU C 178 -2.30 -21.90 2.70
CA LEU C 178 -3.00 -21.29 1.58
C LEU C 178 -4.25 -20.59 2.09
N VAL C 179 -4.39 -19.36 1.78
CA VAL C 179 -5.56 -18.59 2.14
C VAL C 179 -6.65 -18.79 1.10
N VAL C 180 -7.87 -18.60 1.50
CA VAL C 180 -8.97 -18.76 0.58
C VAL C 180 -9.32 -17.42 -0.03
N SER C 181 -9.56 -17.44 -1.35
CA SER C 181 -9.82 -16.26 -2.12
C SER C 181 -8.73 -15.20 -1.93
N GLU C 182 -7.46 -15.64 -2.00
CA GLU C 182 -6.33 -14.70 -1.91
C GLU C 182 -6.45 -13.55 -2.90
N SER C 183 -5.66 -12.51 -2.69
CA SER C 183 -5.62 -11.37 -3.58
C SER C 183 -4.73 -11.69 -4.80
N TYR C 184 -4.97 -10.99 -5.90
CA TYR C 184 -4.05 -11.17 -7.01
C TYR C 184 -2.60 -11.07 -6.56
N ASP C 185 -2.28 -10.07 -5.73
CA ASP C 185 -0.88 -9.90 -5.36
C ASP C 185 -0.39 -11.13 -4.59
N THR C 186 -1.24 -11.67 -3.71
CA THR C 186 -0.81 -12.84 -2.96
C THR C 186 -0.54 -14.00 -3.89
N TYR C 187 -1.47 -14.30 -4.81
CA TYR C 187 -1.27 -15.45 -5.73
C TYR C 187 0.09 -15.33 -6.44
N ILE C 188 0.36 -14.17 -7.06
CA ILE C 188 1.65 -14.04 -7.75
C ILE C 188 2.81 -14.35 -6.80
N SER C 189 2.88 -13.65 -5.66
CA SER C 189 4.04 -13.79 -4.80
C SER C 189 4.32 -15.26 -4.49
N ARG C 190 3.27 -16.02 -4.16
CA ARG C 190 3.49 -17.41 -3.79
C ARG C 190 3.94 -18.24 -4.98
N SER C 191 3.38 -17.97 -6.15
CA SER C 191 3.89 -18.58 -7.39
C SER C 191 5.38 -18.34 -7.53
N PHE C 192 5.78 -17.08 -7.54
CA PHE C 192 7.20 -16.78 -7.66
C PHE C 192 8.00 -17.39 -6.52
N GLN C 193 7.46 -17.44 -5.30
CA GLN C 193 8.22 -18.01 -4.20
C GLN C 193 8.37 -19.50 -4.41
N VAL C 194 7.26 -20.20 -4.69
CA VAL C 194 7.32 -21.66 -4.77
C VAL C 194 8.09 -22.10 -6.02
N THR C 195 8.15 -21.27 -7.06
CA THR C 195 8.99 -21.67 -8.18
C THR C 195 10.45 -21.61 -7.77
N LYS C 196 10.87 -20.48 -7.20
CA LYS C 196 12.23 -20.33 -6.68
C LYS C 196 12.62 -21.48 -5.77
N GLU C 197 11.73 -21.89 -4.90
CA GLU C 197 12.11 -22.99 -4.02
C GLU C 197 12.31 -24.27 -4.82
N ILE C 198 11.27 -24.71 -5.55
CA ILE C 198 11.37 -25.88 -6.43
C ILE C 198 12.73 -25.91 -7.11
N ILE C 199 13.01 -24.85 -7.88
CA ILE C 199 14.25 -24.76 -8.62
C ILE C 199 15.45 -25.00 -7.71
N SER C 200 15.43 -24.49 -6.45
CA SER C 200 16.64 -24.63 -5.63
C SER C 200 16.87 -26.07 -5.26
N GLU C 201 15.80 -26.78 -4.88
CA GLU C 201 15.94 -28.13 -4.36
C GLU C 201 16.28 -29.11 -5.45
N CYS C 202 16.33 -28.64 -6.70
CA CYS C 202 16.72 -29.44 -7.85
C CYS C 202 18.07 -29.06 -8.42
N LYS C 203 18.50 -27.80 -8.30
CA LYS C 203 19.81 -27.36 -8.79
C LYS C 203 20.85 -28.47 -8.55
N SER C 204 20.68 -29.20 -7.46
CA SER C 204 21.66 -30.17 -7.01
C SER C 204 22.06 -31.11 -8.15
N LYS C 205 21.07 -31.68 -8.81
CA LYS C 205 21.38 -32.62 -9.84
C LYS C 205 20.13 -32.89 -10.65
N GLY C 206 19.90 -32.09 -11.71
CA GLY C 206 18.76 -32.23 -12.60
C GLY C 206 18.89 -31.45 -13.92
N ASN C 207 18.75 -30.11 -13.88
CA ASN C 207 18.83 -29.28 -15.08
C ASN C 207 17.76 -29.65 -16.09
N ASN C 208 16.60 -30.12 -15.58
CA ASN C 208 15.38 -30.28 -16.36
C ASN C 208 14.16 -30.59 -15.49
N ILE C 209 13.34 -29.60 -15.19
CA ILE C 209 12.23 -29.74 -14.28
C ILE C 209 10.93 -29.50 -15.07
N LEU C 210 9.91 -30.33 -14.85
CA LEU C 210 8.60 -30.08 -15.40
C LEU C 210 7.58 -29.77 -14.31
N ILE C 211 6.68 -28.84 -14.61
CA ILE C 211 5.63 -28.42 -13.71
C ILE C 211 4.31 -28.47 -14.47
N VAL C 212 3.41 -29.30 -14.01
CA VAL C 212 2.10 -29.50 -14.59
C VAL C 212 1.12 -28.77 -13.70
N ALA C 213 0.57 -27.69 -14.18
CA ALA C 213 -0.20 -26.80 -13.33
C ALA C 213 -1.42 -26.30 -14.08
N HIS C 214 -1.66 -25.00 -14.07
CA HIS C 214 -2.90 -24.41 -14.54
C HIS C 214 -2.52 -23.38 -15.62
N ALA C 215 -3.52 -22.91 -16.37
CA ALA C 215 -3.34 -21.73 -17.19
C ALA C 215 -2.57 -20.60 -16.49
N SER C 216 -3.09 -20.08 -15.36
CA SER C 216 -2.44 -18.94 -14.68
C SER C 216 -1.02 -19.26 -14.24
N SER C 217 -0.67 -20.55 -14.12
CA SER C 217 0.67 -20.91 -13.69
C SER C 217 1.73 -20.51 -14.70
N LEU C 218 1.39 -20.37 -16.00
CA LEU C 218 2.48 -20.19 -16.96
C LEU C 218 3.02 -18.78 -16.91
N GLU C 219 2.14 -17.77 -16.82
CA GLU C 219 2.61 -16.40 -16.58
C GLU C 219 3.12 -16.24 -15.15
N ALA C 220 2.35 -16.72 -14.20
CA ALA C 220 2.61 -16.31 -12.84
C ALA C 220 3.82 -17.01 -12.25
N CYS C 221 4.31 -18.10 -12.85
CA CYS C 221 5.46 -18.84 -12.31
C CYS C 221 6.75 -18.51 -13.02
N THR C 222 6.70 -17.71 -14.08
CA THR C 222 7.86 -17.49 -14.93
C THR C 222 8.14 -16.01 -15.07
N CYS C 223 7.10 -15.18 -14.95
CA CYS C 223 7.21 -13.75 -15.13
C CYS C 223 8.39 -13.12 -14.40
N GLN C 224 8.41 -13.22 -13.08
CA GLN C 224 9.53 -12.64 -12.34
C GLN C 224 10.78 -13.50 -12.49
N LEU C 225 10.61 -14.82 -12.62
CA LEU C 225 11.77 -15.70 -12.74
C LEU C 225 12.62 -15.31 -13.91
N GLN C 226 12.08 -14.61 -14.91
CA GLN C 226 12.87 -14.06 -16.00
C GLN C 226 13.05 -12.56 -15.88
N GLY C 227 12.67 -11.98 -14.74
CA GLY C 227 13.02 -10.60 -14.47
C GLY C 227 12.04 -9.58 -14.98
N LEU C 228 10.80 -9.97 -15.17
CA LEU C 228 9.77 -9.09 -15.66
C LEU C 228 8.79 -8.72 -14.55
N SER C 229 8.13 -7.66 -14.75
CA SER C 229 7.25 -7.22 -13.70
C SER C 229 5.83 -7.66 -14.04
N PRO C 230 5.07 -8.13 -13.06
CA PRO C 230 3.76 -8.70 -13.35
C PRO C 230 2.84 -7.64 -13.90
N GLN C 231 1.76 -8.12 -14.50
CA GLN C 231 0.76 -7.24 -15.07
C GLN C 231 -0.39 -7.02 -14.10
N ASN C 232 -1.04 -5.88 -14.23
CA ASN C 232 -2.32 -5.69 -13.57
C ASN C 232 -3.20 -6.91 -13.86
N SER C 233 -4.12 -7.22 -12.94
CA SER C 233 -4.77 -8.51 -12.94
C SER C 233 -5.78 -8.64 -14.06
N LYS C 234 -6.37 -7.55 -14.51
CA LYS C 234 -7.17 -7.63 -15.72
C LYS C 234 -6.32 -8.09 -16.91
N ASP C 235 -5.24 -7.40 -17.21
CA ASP C 235 -4.44 -7.86 -18.33
C ASP C 235 -3.98 -9.31 -18.16
N PHE C 236 -3.70 -9.75 -16.92
CA PHE C 236 -3.15 -11.08 -16.66
C PHE C 236 -4.18 -12.16 -16.88
N VAL C 237 -5.46 -11.84 -16.67
CA VAL C 237 -6.56 -12.78 -16.93
C VAL C 237 -6.83 -12.93 -18.43
N GLN C 238 -6.74 -11.87 -19.20
CA GLN C 238 -6.85 -12.01 -20.66
C GLN C 238 -5.64 -12.75 -21.19
N MET C 239 -4.46 -12.46 -20.67
CA MET C 239 -3.31 -13.29 -20.96
C MET C 239 -3.66 -14.74 -20.78
N VAL C 240 -4.42 -15.11 -19.74
CA VAL C 240 -4.50 -16.51 -19.30
C VAL C 240 -5.55 -17.32 -20.05
N ARG C 241 -6.61 -16.66 -20.54
CA ARG C 241 -7.63 -17.33 -21.33
C ARG C 241 -7.07 -17.85 -22.65
N LYS C 242 -6.03 -17.21 -23.16
CA LYS C 242 -5.45 -17.64 -24.41
C LYS C 242 -4.84 -19.04 -24.32
N ILE C 243 -4.54 -19.54 -23.13
CA ILE C 243 -3.67 -20.71 -23.02
C ILE C 243 -4.47 -21.99 -23.25
N PRO C 244 -4.07 -22.85 -24.19
CA PRO C 244 -4.81 -24.09 -24.43
C PRO C 244 -4.43 -25.23 -23.47
N TYR C 245 -5.26 -26.29 -23.47
CA TYR C 245 -4.89 -27.49 -22.75
C TYR C 245 -3.54 -27.99 -23.24
N LEU C 246 -2.76 -28.53 -22.32
CA LEU C 246 -1.35 -28.91 -22.52
C LEU C 246 -0.50 -27.79 -23.08
N GLY C 247 -0.96 -26.55 -22.97
CA GLY C 247 -0.11 -25.37 -23.18
C GLY C 247 1.26 -25.57 -22.56
N PHE C 248 2.30 -25.09 -23.24
CA PHE C 248 3.67 -25.41 -22.86
C PHE C 248 4.58 -24.22 -23.09
N CYS C 249 5.29 -23.82 -22.03
CA CYS C 249 6.34 -22.79 -22.08
C CYS C 249 7.66 -23.39 -21.56
N SER C 250 8.78 -23.01 -22.16
CA SER C 250 10.08 -23.49 -21.72
C SER C 250 10.92 -22.32 -21.25
N CYS C 251 11.62 -22.53 -20.15
CA CYS C 251 12.60 -21.56 -19.65
C CYS C 251 13.97 -22.20 -19.60
N GLU C 252 14.98 -21.45 -20.06
CA GLU C 252 16.38 -21.84 -19.98
C GLU C 252 17.05 -20.87 -19.02
N GLU C 253 18.08 -21.35 -18.35
CA GLU C 253 18.81 -20.53 -17.39
C GLU C 253 19.91 -19.76 -18.14
N LEU C 254 19.91 -18.43 -18.02
CA LEU C 254 20.85 -17.61 -18.77
C LEU C 254 22.11 -17.57 -17.92
N GLY C 255 22.90 -18.61 -18.11
CA GLY C 255 24.15 -18.66 -17.44
C GLY C 255 23.98 -18.99 -16.00
N GLU C 256 24.72 -18.26 -15.22
CA GLU C 256 24.67 -18.41 -13.83
C GLU C 256 23.28 -18.08 -13.26
N GLY C 258 18.36 -16.07 -10.07
CA GLY C 258 18.64 -16.48 -11.44
C GLY C 258 17.81 -15.66 -12.44
N ILE C 259 18.29 -15.53 -13.68
CA ILE C 259 17.57 -14.84 -14.76
C ILE C 259 17.47 -15.81 -15.93
N TRP C 260 16.33 -16.47 -16.10
CA TRP C 260 16.03 -17.36 -17.20
C TRP C 260 15.42 -16.57 -18.37
N GLN C 261 15.64 -17.05 -19.62
CA GLN C 261 14.89 -16.58 -20.80
C GLN C 261 13.82 -17.62 -21.16
N LEU C 262 12.72 -17.17 -21.76
CA LEU C 262 11.89 -18.13 -22.48
C LEU C 262 12.62 -18.56 -23.73
N THR C 263 12.46 -19.81 -24.08
CA THR C 263 13.03 -20.38 -25.29
C THR C 263 11.99 -21.32 -25.94
N ASP C 264 11.94 -21.34 -27.26
CA ASP C 264 11.30 -22.41 -28.02
C ASP C 264 11.11 -23.67 -27.24
N PRO C 265 9.89 -24.11 -27.10
CA PRO C 265 9.61 -25.32 -26.46
C PRO C 265 10.27 -26.44 -27.25
N PRO C 266 10.80 -27.45 -26.57
CA PRO C 266 11.55 -28.47 -27.29
C PRO C 266 10.66 -29.40 -28.14
N ILE C 267 9.34 -29.17 -28.18
CA ILE C 267 8.38 -30.01 -28.89
C ILE C 267 7.39 -29.12 -29.65
N LEU C 268 6.44 -29.78 -30.36
CA LEU C 268 5.50 -29.00 -31.14
C LEU C 268 4.20 -28.73 -30.38
N PRO C 269 3.43 -27.74 -30.85
CA PRO C 269 2.07 -27.53 -30.35
C PRO C 269 1.10 -28.62 -30.80
N LEU C 270 -0.07 -28.64 -30.14
CA LEU C 270 -1.10 -29.65 -30.33
C LEU C 270 -2.43 -28.91 -30.32
N THR C 271 -2.97 -28.68 -31.50
CA THR C 271 -4.27 -28.05 -31.67
C THR C 271 -5.20 -29.10 -32.24
N HIS C 272 -6.34 -29.32 -31.60
CA HIS C 272 -7.45 -30.02 -32.23
C HIS C 272 -8.74 -29.26 -31.97
N GLY C 273 -9.73 -29.53 -32.81
CA GLY C 273 -11.03 -28.91 -32.65
C GLY C 273 -11.97 -29.75 -31.80
N PRO C 274 -13.26 -29.42 -31.85
CA PRO C 274 -14.22 -30.11 -31.01
C PRO C 274 -14.93 -31.26 -31.66
N THR C 275 -15.74 -31.94 -30.85
CA THR C 275 -16.59 -33.00 -31.35
C THR C 275 -17.30 -32.52 -32.60
N GLY C 276 -17.79 -31.29 -32.56
CA GLY C 276 -18.52 -30.69 -33.66
C GLY C 276 -20.02 -30.67 -33.38
N GLY C 277 -20.76 -30.34 -34.45
CA GLY C 277 -22.22 -30.36 -34.49
C GLY C 277 -22.96 -30.30 -33.16
N LYS D 21 -3.62 7.42 36.87
CA LYS D 21 -3.77 8.66 36.12
C LYS D 21 -2.65 8.85 35.11
N ARG D 22 -2.87 9.62 34.07
CA ARG D 22 -1.74 10.11 33.29
C ARG D 22 -1.46 11.56 33.67
N CYS D 23 -0.21 12.00 33.50
CA CYS D 23 0.15 13.39 33.79
C CYS D 23 1.08 13.98 32.73
N LEU D 24 0.77 15.21 32.31
CA LEU D 24 1.64 16.03 31.48
C LEU D 24 2.07 17.26 32.28
N PHE D 25 3.38 17.40 32.52
CA PHE D 25 3.92 18.55 33.21
C PHE D 25 4.67 19.41 32.22
N VAL D 26 4.33 20.68 32.11
CA VAL D 26 5.08 21.61 31.28
C VAL D 26 5.77 22.64 32.15
N CYS D 27 7.08 22.82 31.95
CA CYS D 27 7.81 23.81 32.73
C CYS D 27 8.89 24.55 31.91
N ARG D 28 9.19 25.76 32.36
CA ARG D 28 10.01 26.75 31.69
C ARG D 28 11.47 26.64 32.07
N HIS D 29 12.32 27.18 31.18
CA HIS D 29 13.76 27.09 31.28
C HIS D 29 14.25 27.93 32.45
N GLY D 30 15.45 27.63 32.89
CA GLY D 30 16.17 28.48 33.83
C GLY D 30 16.55 29.93 33.53
N GLU D 31 17.55 30.38 34.29
CA GLU D 31 17.93 31.79 34.29
C GLU D 31 18.82 32.01 33.07
N ARG D 32 18.39 32.91 32.20
CA ARG D 32 19.04 33.09 30.91
C ARG D 32 20.24 34.01 31.07
N MET D 33 21.42 33.52 30.65
CA MET D 33 22.60 34.38 30.60
C MET D 33 22.26 35.74 30.00
N ASP D 34 21.53 35.79 28.86
CA ASP D 34 21.40 37.05 28.17
C ASP D 34 20.34 37.94 28.78
N VAL D 35 19.83 37.59 29.95
CA VAL D 35 18.96 38.49 30.72
C VAL D 35 19.73 39.15 31.89
N VAL D 36 20.31 38.33 32.77
CA VAL D 36 21.14 38.86 33.85
C VAL D 36 22.11 39.90 33.30
N PHE D 37 22.88 39.53 32.27
CA PHE D 37 23.94 40.38 31.75
C PHE D 37 23.57 41.10 30.46
N GLY D 38 22.30 41.03 30.02
CA GLY D 38 21.77 41.90 28.98
C GLY D 38 22.21 41.57 27.56
N LYS D 39 21.68 42.37 26.61
CA LYS D 39 21.73 42.02 25.19
C LYS D 39 23.16 41.79 24.73
N TYR D 40 24.10 42.56 25.24
CA TYR D 40 25.49 42.48 24.80
C TYR D 40 26.35 41.69 25.76
N TRP D 41 25.78 40.65 26.34
CA TRP D 41 26.52 39.87 27.30
C TRP D 41 27.70 39.15 26.70
N LEU D 42 27.76 39.03 25.37
CA LEU D 42 28.96 38.45 24.78
C LEU D 42 30.15 39.40 24.89
N SER D 43 29.90 40.73 24.97
CA SER D 43 30.95 41.71 25.22
C SER D 43 31.59 41.59 26.59
N GLN D 44 31.10 40.72 27.47
CA GLN D 44 31.61 40.56 28.82
C GLN D 44 32.25 39.19 29.05
N CYS D 45 32.09 38.25 28.10
CA CYS D 45 32.75 36.93 28.17
C CYS D 45 34.01 36.93 27.29
N PHE D 46 33.85 37.09 25.98
CA PHE D 46 34.96 36.90 25.04
C PHE D 46 35.77 38.16 24.89
N ASP D 47 37.09 38.01 24.81
CA ASP D 47 38.03 39.11 24.63
C ASP D 47 38.27 39.37 23.15
N ALA D 48 39.42 39.98 22.81
CA ALA D 48 39.65 40.40 21.42
C ALA D 48 39.79 39.20 20.50
N LYS D 49 40.62 38.21 20.88
CA LYS D 49 40.80 36.99 20.11
C LYS D 49 39.59 36.10 20.13
N GLY D 50 38.53 36.50 20.82
CA GLY D 50 37.33 35.71 20.91
C GLY D 50 37.44 34.50 21.80
N ARG D 51 38.46 34.43 22.66
CA ARG D 51 38.62 33.32 23.61
C ARG D 51 37.75 33.65 24.86
N TYR D 52 37.02 32.64 25.36
CA TYR D 52 35.99 32.86 26.40
C TYR D 52 36.56 33.11 27.80
N ILE D 53 36.01 34.10 28.51
CA ILE D 53 36.57 34.46 29.81
C ILE D 53 35.52 35.04 30.76
N ARG D 54 34.97 34.16 31.62
CA ARG D 54 33.90 34.55 32.56
C ARG D 54 34.38 35.71 33.38
N THR D 55 33.51 36.72 33.55
CA THR D 55 33.75 37.85 34.44
C THR D 55 32.82 37.85 35.65
N ASN D 56 32.20 36.71 35.94
CA ASN D 56 31.21 36.60 36.99
C ASN D 56 31.02 35.13 37.35
N LEU D 57 30.60 34.88 38.59
CA LEU D 57 30.56 33.53 39.11
C LEU D 57 29.29 32.80 38.76
N ASN D 58 28.32 33.51 38.18
CA ASN D 58 27.10 32.94 37.63
C ASN D 58 27.21 32.74 36.11
N MET D 59 28.47 32.99 35.54
CA MET D 59 28.85 32.57 34.17
C MET D 59 29.44 31.15 34.22
N PRO D 60 29.01 30.22 33.36
CA PRO D 60 29.48 28.83 33.46
C PRO D 60 30.99 28.73 33.39
N HIS D 61 31.52 27.64 33.94
CA HIS D 61 32.97 27.55 33.97
C HIS D 61 33.52 27.63 32.54
N SER D 62 32.94 26.88 31.60
CA SER D 62 33.19 27.15 30.18
C SER D 62 31.88 27.22 29.44
N LEU D 63 31.88 27.94 28.31
CA LEU D 63 30.75 28.02 27.38
C LEU D 63 31.11 27.27 26.12
N PRO D 64 30.42 26.20 25.75
CA PRO D 64 30.99 25.32 24.72
C PRO D 64 30.99 25.79 23.26
N GLN D 65 31.55 24.91 22.45
CA GLN D 65 31.76 25.08 21.01
C GLN D 65 30.46 25.12 20.22
N ARG D 66 30.43 25.97 19.19
CA ARG D 66 29.30 25.98 18.26
C ARG D 66 29.75 25.92 16.79
N SER D 67 29.06 25.07 16.01
CA SER D 67 29.33 24.98 14.57
C SER D 67 29.56 26.36 13.97
N GLY D 68 28.64 27.27 14.23
CA GLY D 68 28.74 28.60 13.64
C GLY D 68 29.73 29.52 14.30
N GLY D 69 30.35 29.10 15.41
CA GLY D 69 31.26 29.95 16.15
C GLY D 69 30.58 30.73 17.24
N PHE D 70 31.41 31.51 17.95
CA PHE D 70 31.00 32.14 19.21
C PHE D 70 29.82 33.11 19.05
N ARG D 71 29.57 33.65 17.87
CA ARG D 71 28.49 34.64 17.70
C ARG D 71 27.13 33.97 17.55
N ASP D 72 27.08 32.64 17.56
CA ASP D 72 25.82 31.90 17.58
C ASP D 72 25.12 31.89 18.94
N TYR D 73 25.83 32.16 20.03
CA TYR D 73 25.13 32.30 21.30
C TYR D 73 24.25 33.53 21.31
N GLU D 74 24.49 34.47 20.39
CA GLU D 74 23.95 35.84 20.44
C GLU D 74 22.45 35.84 20.24
N LYS D 75 21.92 34.81 19.56
CA LYS D 75 20.49 34.70 19.30
C LYS D 75 19.92 33.47 19.99
N ASP D 76 20.74 32.75 20.73
CA ASP D 76 20.31 31.49 21.37
C ASP D 76 21.26 31.22 22.54
N ALA D 77 20.99 31.89 23.65
CA ALA D 77 22.00 31.96 24.68
C ALA D 77 21.74 30.97 25.81
N PRO D 78 22.76 30.63 26.58
CA PRO D 78 22.65 29.52 27.54
C PRO D 78 22.13 29.96 28.91
N ILE D 79 21.91 29.00 29.81
CA ILE D 79 21.48 29.32 31.18
C ILE D 79 22.72 29.60 32.01
N THR D 80 22.50 30.31 33.11
CA THR D 80 23.55 30.67 34.06
C THR D 80 23.80 29.53 35.01
N VAL D 81 24.90 29.62 35.74
CA VAL D 81 25.18 28.71 36.85
C VAL D 81 23.95 28.60 37.77
N PHE D 82 23.37 29.72 38.17
CA PHE D 82 22.20 29.60 39.02
C PHE D 82 21.03 29.05 38.25
N GLY D 83 21.00 29.31 36.94
CA GLY D 83 20.00 28.68 36.09
C GLY D 83 20.08 27.16 36.08
N CYS D 84 21.30 26.60 36.09
CA CYS D 84 21.42 25.15 36.23
C CYS D 84 20.93 24.71 37.61
N MET D 85 21.22 25.48 38.66
CA MET D 85 20.83 24.90 39.93
C MET D 85 19.31 24.97 40.12
N GLN D 86 18.65 26.02 39.63
CA GLN D 86 17.19 26.02 39.66
C GLN D 86 16.65 24.75 39.04
N ALA D 87 17.22 24.32 37.88
CA ALA D 87 16.65 23.17 37.19
C ALA D 87 16.94 21.91 37.98
N ARG D 88 18.17 21.80 38.45
CA ARG D 88 18.60 20.65 39.23
C ARG D 88 17.78 20.50 40.51
N LEU D 89 17.31 21.61 41.08
CA LEU D 89 16.48 21.50 42.25
C LEU D 89 15.15 20.86 41.95
N VAL D 90 14.50 21.29 40.88
CA VAL D 90 13.18 20.82 40.52
C VAL D 90 13.23 19.32 40.22
N GLY D 91 14.27 18.87 39.49
CA GLY D 91 14.52 17.44 39.33
C GLY D 91 14.74 16.72 40.66
N GLU D 92 15.51 17.34 41.57
CA GLU D 92 15.63 16.80 42.93
C GLU D 92 14.28 16.70 43.61
N ALA D 93 13.46 17.73 43.48
CA ALA D 93 12.13 17.65 44.08
C ALA D 93 11.38 16.47 43.53
N LEU D 94 11.45 16.26 42.21
CA LEU D 94 10.59 15.23 41.63
C LEU D 94 11.03 13.85 42.07
N LEU D 95 12.36 13.66 42.18
CA LEU D 95 12.89 12.43 42.74
C LEU D 95 12.37 12.20 44.15
N GLU D 96 12.36 13.27 44.96
CA GLU D 96 11.93 13.13 46.36
C GLU D 96 10.44 12.85 46.48
N SER D 97 9.59 13.38 45.59
CA SER D 97 8.16 13.10 45.63
C SER D 97 7.76 11.76 44.93
N ASN D 98 8.73 10.89 44.69
CA ASN D 98 8.47 9.57 44.09
C ASN D 98 7.82 9.68 42.71
N THR D 99 7.97 10.83 42.05
CA THR D 99 7.29 11.08 40.79
C THR D 99 8.15 10.54 39.65
N ILE D 100 7.57 9.67 38.84
CA ILE D 100 8.31 8.96 37.79
C ILE D 100 8.03 9.63 36.46
N ILE D 101 9.08 10.12 35.80
CA ILE D 101 8.98 10.79 34.50
C ILE D 101 9.23 9.76 33.39
N ASP D 102 8.24 9.48 32.58
CA ASP D 102 8.47 8.41 31.61
C ASP D 102 9.04 8.93 30.29
N HIS D 103 8.59 10.10 29.84
CA HIS D 103 9.16 10.72 28.67
C HIS D 103 9.41 12.19 28.92
N VAL D 104 10.38 12.74 28.19
CA VAL D 104 10.72 14.14 28.34
C VAL D 104 11.11 14.71 26.97
N TYR D 105 10.38 15.77 26.60
CA TYR D 105 10.55 16.64 25.45
C TYR D 105 11.06 18.02 25.86
N CYS D 106 11.86 18.69 24.99
CA CYS D 106 12.16 20.11 25.17
C CYS D 106 12.22 20.84 23.83
N SER D 107 12.10 22.16 23.93
CA SER D 107 12.47 23.10 22.90
C SER D 107 13.93 22.93 22.46
N PRO D 108 14.25 23.39 21.25
CA PRO D 108 15.63 23.34 20.74
C PRO D 108 16.49 24.54 21.10
N SER D 109 15.93 25.56 21.75
CA SER D 109 16.77 26.57 22.37
C SER D 109 17.74 25.91 23.35
N LEU D 110 18.98 26.40 23.34
CA LEU D 110 20.01 25.81 24.18
C LEU D 110 19.59 25.85 25.64
N ARG D 111 18.90 26.93 26.01
CA ARG D 111 18.49 27.15 27.37
C ARG D 111 17.56 26.04 27.84
N CYS D 112 16.62 25.64 26.98
CA CYS D 112 15.68 24.56 27.30
C CYS D 112 16.41 23.20 27.41
N VAL D 113 17.13 22.82 26.36
CA VAL D 113 17.95 21.61 26.41
C VAL D 113 18.76 21.58 27.72
N GLN D 114 19.33 22.72 28.13
CA GLN D 114 20.18 22.72 29.32
C GLN D 114 19.36 22.53 30.60
N THR D 115 18.27 23.30 30.74
CA THR D 115 17.27 23.03 31.75
C THR D 115 16.96 21.54 31.72
N ALA D 116 16.39 21.03 30.63
CA ALA D 116 15.98 19.62 30.63
C ALA D 116 17.09 18.72 31.12
N HIS D 117 18.32 18.98 30.71
CA HIS D 117 19.39 18.09 31.10
C HIS D 117 19.67 18.14 32.62
N ASN D 118 19.55 19.33 33.21
CA ASN D 118 19.93 19.49 34.60
C ASN D 118 18.84 18.98 35.55
N ILE D 119 17.56 19.26 35.26
CA ILE D 119 16.47 18.45 35.78
C ILE D 119 16.83 16.96 35.75
N LEU D 120 17.29 16.44 34.61
CA LEU D 120 17.61 15.02 34.55
C LEU D 120 18.74 14.63 35.50
N LYS D 121 19.61 15.58 35.85
CA LYS D 121 20.72 15.21 36.71
C LYS D 121 20.24 14.99 38.14
N GLY D 122 19.18 15.70 38.52
CA GLY D 122 18.74 15.71 39.89
C GLY D 122 17.57 14.78 40.08
N LEU D 123 17.02 14.29 38.98
CA LEU D 123 16.11 13.15 38.99
C LEU D 123 16.85 11.81 39.02
N GLN D 124 18.18 11.87 38.95
CA GLN D 124 19.07 10.72 38.76
C GLN D 124 18.62 9.85 37.58
N GLN D 125 18.56 10.48 36.39
CA GLN D 125 18.12 9.78 35.18
C GLN D 125 18.88 10.25 33.92
N GLU D 126 20.17 10.61 34.07
CA GLU D 126 21.01 11.13 32.99
C GLU D 126 21.60 10.02 32.10
N ASN D 127 21.22 8.75 32.31
CA ASN D 127 21.61 7.67 31.42
C ASN D 127 20.40 6.97 30.82
N HIS D 128 19.29 6.95 31.56
CA HIS D 128 18.07 6.25 31.18
C HIS D 128 17.27 7.04 30.17
N LEU D 129 16.67 8.16 30.58
CA LEU D 129 15.83 8.96 29.69
C LEU D 129 16.69 9.72 28.70
N LYS D 130 16.13 9.93 27.51
CA LYS D 130 16.81 10.66 26.45
C LYS D 130 15.84 11.70 25.94
N ILE D 131 16.31 12.95 25.92
CA ILE D 131 15.42 14.07 25.67
C ILE D 131 15.03 14.11 24.21
N ARG D 132 13.74 14.24 23.96
CA ARG D 132 13.20 14.40 22.62
C ARG D 132 13.13 15.89 22.35
N VAL D 133 14.17 16.38 21.68
CA VAL D 133 14.20 17.74 21.17
C VAL D 133 13.18 17.85 20.05
N GLU D 134 12.22 18.76 20.20
CA GLU D 134 11.06 18.89 19.35
C GLU D 134 10.97 20.34 18.94
N PRO D 135 11.35 20.69 17.69
CA PRO D 135 11.33 22.11 17.30
C PRO D 135 9.98 22.77 17.31
N GLY D 136 8.88 22.03 17.41
CA GLY D 136 7.56 22.64 17.45
C GLY D 136 7.18 23.28 18.77
N LEU D 137 7.89 22.97 19.87
CA LEU D 137 7.59 23.54 21.17
C LEU D 137 8.28 24.88 21.44
N PHE D 138 9.23 25.30 20.61
CA PHE D 138 9.84 26.62 20.74
C PHE D 138 8.73 27.67 20.81
N GLU D 139 9.10 28.91 21.17
CA GLU D 139 8.10 29.94 21.44
C GLU D 139 7.65 30.64 20.15
N TRP D 140 6.51 31.33 20.26
CA TRP D 140 5.97 32.20 19.23
C TRP D 140 7.05 33.06 18.59
N THR D 141 7.24 32.91 17.26
CA THR D 141 8.39 33.50 16.56
C THR D 141 8.25 34.99 16.24
N LYS D 142 7.18 35.69 16.68
CA LYS D 142 7.27 37.16 16.69
C LYS D 142 8.45 37.65 17.53
N TRP D 143 8.86 36.85 18.53
CA TRP D 143 9.94 37.23 19.44
C TRP D 143 11.28 36.79 18.95
N VAL D 144 11.41 36.57 17.73
CA VAL D 144 12.71 36.20 17.20
C VAL D 144 13.36 37.46 16.67
N ALA D 145 14.67 37.53 16.86
CA ALA D 145 15.44 38.65 16.33
C ALA D 145 15.52 38.54 14.81
N GLY D 146 14.89 39.49 14.13
CA GLY D 146 15.15 39.69 12.72
C GLY D 146 14.29 38.91 11.74
N SER D 147 14.91 38.60 10.60
CA SER D 147 14.28 37.87 9.50
C SER D 147 14.86 36.47 9.45
N THR D 148 15.04 35.86 10.62
CA THR D 148 15.75 34.59 10.69
C THR D 148 15.81 34.02 12.10
N LEU D 149 15.62 32.66 12.21
CA LEU D 149 15.51 31.89 13.43
C LEU D 149 16.87 31.59 14.06
N PRO D 150 16.91 31.37 15.37
CA PRO D 150 18.20 31.13 16.04
C PRO D 150 18.90 29.91 15.46
N ALA D 151 20.21 29.87 15.68
CA ALA D 151 21.07 28.81 15.13
C ALA D 151 21.08 27.62 16.07
N TRP D 152 19.92 26.97 16.16
CA TRP D 152 19.78 25.91 17.16
C TRP D 152 20.88 24.87 16.95
N ILE D 153 21.19 24.14 18.01
CA ILE D 153 22.26 23.14 17.98
C ILE D 153 21.61 21.79 17.76
N PRO D 154 22.06 21.02 16.77
CA PRO D 154 21.32 19.78 16.37
C PRO D 154 21.45 18.69 17.42
N PRO D 155 20.34 17.98 17.73
CA PRO D 155 20.40 16.90 18.71
C PRO D 155 21.70 16.09 18.77
N SER D 156 22.26 15.68 17.63
CA SER D 156 23.44 14.80 17.68
C SER D 156 24.66 15.56 18.17
N GLU D 157 24.64 16.88 18.01
CA GLU D 157 25.74 17.72 18.46
C GLU D 157 25.59 17.96 19.96
N LEU D 158 24.35 18.07 20.41
CA LEU D 158 24.05 18.01 21.83
C LEU D 158 24.47 16.66 22.41
N ALA D 159 24.06 15.55 21.79
CA ALA D 159 24.40 14.24 22.35
C ALA D 159 25.91 14.09 22.56
N ALA D 160 26.71 14.80 21.76
CA ALA D 160 28.16 14.80 21.89
C ALA D 160 28.65 15.80 22.93
N ALA D 161 27.86 16.83 23.20
CA ALA D 161 28.13 17.78 24.27
C ALA D 161 27.52 17.29 25.60
N ASN D 162 27.92 16.07 26.02
CA ASN D 162 27.52 15.57 27.33
C ASN D 162 26.10 15.99 27.74
N LEU D 163 25.15 15.85 26.83
CA LEU D 163 23.74 16.01 27.17
C LEU D 163 23.03 14.71 26.77
N SER D 164 21.94 14.43 27.46
CA SER D 164 21.20 13.18 27.23
C SER D 164 20.04 13.45 26.27
N VAL D 165 20.41 13.68 25.01
CA VAL D 165 19.46 13.93 23.92
C VAL D 165 19.22 12.65 23.12
N ASP D 166 17.95 12.38 22.79
CA ASP D 166 17.61 11.27 21.90
C ASP D 166 17.90 11.67 20.45
N THR D 167 18.94 11.06 19.85
CA THR D 167 19.29 11.39 18.46
C THR D 167 18.27 10.86 17.49
N THR D 168 17.68 9.72 17.84
CA THR D 168 16.67 9.04 17.05
C THR D 168 15.34 9.78 16.97
N TYR D 169 15.12 10.76 17.85
CA TYR D 169 13.78 11.33 17.95
C TYR D 169 13.39 12.02 16.64
N ARG D 170 12.21 11.66 16.08
CA ARG D 170 11.79 12.28 14.81
C ARG D 170 10.83 13.42 15.13
N PRO D 171 11.17 14.66 14.79
CA PRO D 171 10.31 15.77 15.18
C PRO D 171 8.94 15.70 14.54
N HIS D 172 7.91 15.92 15.35
CA HIS D 172 6.59 16.14 14.80
C HIS D 172 6.51 17.38 13.93
N ILE D 173 7.35 18.36 14.19
CA ILE D 173 7.26 19.66 13.52
C ILE D 173 8.69 20.10 13.22
N PRO D 174 9.22 19.80 12.04
CA PRO D 174 10.66 20.01 11.81
C PRO D 174 11.00 21.48 11.72
N ILE D 175 12.31 21.74 11.88
CA ILE D 175 12.81 23.11 11.92
C ILE D 175 12.36 23.84 10.66
N SER D 176 12.39 23.15 9.53
CA SER D 176 12.05 23.74 8.26
C SER D 176 10.55 23.81 8.03
N LYS D 177 9.70 23.41 8.98
CA LYS D 177 8.28 23.73 8.91
C LYS D 177 7.92 24.87 9.85
N LEU D 178 8.93 25.57 10.36
CA LEU D 178 8.74 26.64 11.33
C LEU D 178 8.88 27.97 10.60
N VAL D 179 7.78 28.71 10.56
CA VAL D 179 7.78 30.09 10.05
C VAL D 179 8.44 31.04 11.05
N VAL D 180 8.80 32.24 10.57
CA VAL D 180 9.23 33.35 11.40
C VAL D 180 8.13 34.41 11.47
N SER D 181 8.17 35.22 12.53
CA SER D 181 7.14 36.22 12.84
C SER D 181 5.75 35.70 12.50
N GLU D 182 5.49 34.41 12.80
CA GLU D 182 4.22 33.74 12.51
C GLU D 182 3.07 34.45 13.23
N SER D 183 1.84 34.02 12.95
CA SER D 183 0.75 34.72 13.62
C SER D 183 0.59 34.16 15.01
N TYR D 184 -0.25 34.83 15.80
CA TYR D 184 -0.64 34.27 17.08
C TYR D 184 -1.33 32.91 16.90
N ASP D 185 -2.43 32.88 16.11
CA ASP D 185 -3.23 31.67 15.91
C ASP D 185 -2.41 30.57 15.27
N THR D 186 -1.33 30.92 14.61
CA THR D 186 -0.40 29.86 14.23
C THR D 186 0.22 29.30 15.48
N TYR D 187 0.95 30.15 16.21
CA TYR D 187 1.62 29.70 17.43
C TYR D 187 0.71 28.85 18.31
N ILE D 188 -0.48 29.37 18.63
CA ILE D 188 -1.47 28.57 19.33
C ILE D 188 -1.64 27.19 18.70
N SER D 189 -1.91 27.14 17.39
CA SER D 189 -2.47 25.90 16.84
C SER D 189 -1.43 24.80 16.66
N ARG D 190 -0.21 25.16 16.26
CA ARG D 190 0.88 24.19 16.26
C ARG D 190 1.17 23.71 17.68
N SER D 191 1.21 24.62 18.65
CA SER D 191 1.51 24.16 19.99
C SER D 191 0.48 23.12 20.45
N PHE D 192 -0.79 23.34 20.11
CA PHE D 192 -1.75 22.29 20.34
C PHE D 192 -1.62 21.11 19.37
N GLN D 193 -1.19 21.35 18.12
CA GLN D 193 -0.85 20.21 17.27
C GLN D 193 0.21 19.35 17.95
N VAL D 194 1.30 19.98 18.41
CA VAL D 194 2.42 19.24 18.98
C VAL D 194 2.00 18.52 20.27
N THR D 195 1.14 19.15 21.09
CA THR D 195 0.72 18.48 22.32
C THR D 195 -0.15 17.25 22.04
N LYS D 196 -1.04 17.29 21.03
CA LYS D 196 -1.79 16.06 20.71
C LYS D 196 -0.87 14.97 20.16
N GLU D 197 0.21 15.36 19.50
CA GLU D 197 1.13 14.39 18.93
C GLU D 197 2.02 13.80 20.02
N ILE D 198 2.48 14.62 20.97
CA ILE D 198 3.27 14.11 22.09
C ILE D 198 2.43 13.13 22.88
N ILE D 199 1.27 13.61 23.32
CA ILE D 199 0.36 12.80 24.13
C ILE D 199 0.08 11.45 23.46
N SER D 200 -0.08 11.45 22.13
CA SER D 200 -0.58 10.26 21.47
C SER D 200 0.49 9.17 21.41
N GLU D 201 1.73 9.53 21.06
CA GLU D 201 2.76 8.51 20.94
C GLU D 201 3.25 8.00 22.28
N CYS D 202 2.82 8.62 23.38
CA CYS D 202 3.22 8.24 24.72
C CYS D 202 2.08 7.58 25.48
N LYS D 203 0.99 7.24 24.79
CA LYS D 203 -0.12 6.51 25.40
C LYS D 203 0.18 5.06 25.58
N SER D 204 1.46 4.71 25.57
CA SER D 204 1.91 3.34 25.79
C SER D 204 3.11 3.32 26.73
N LYS D 205 4.28 3.58 26.17
CA LYS D 205 5.53 3.32 26.86
C LYS D 205 5.71 4.24 28.05
N GLY D 206 4.78 4.25 28.98
CA GLY D 206 4.94 5.06 30.16
C GLY D 206 3.65 5.67 30.63
N ASN D 207 3.77 6.76 31.40
CA ASN D 207 2.63 7.27 32.15
C ASN D 207 2.71 8.75 32.50
N ASN D 208 3.91 9.32 32.74
CA ASN D 208 4.06 10.78 32.91
C ASN D 208 5.02 11.37 31.86
N ILE D 209 4.63 12.50 31.30
CA ILE D 209 5.47 13.22 30.34
C ILE D 209 5.86 14.53 30.97
N LEU D 210 7.09 14.94 30.72
CA LEU D 210 7.56 16.25 31.13
C LEU D 210 7.98 17.07 29.90
N ILE D 211 7.23 18.11 29.55
CA ILE D 211 7.67 19.07 28.53
C ILE D 211 8.50 20.17 29.20
N VAL D 212 9.71 20.43 28.67
CA VAL D 212 10.57 21.52 29.09
C VAL D 212 10.66 22.61 28.03
N ALA D 213 9.78 23.60 28.10
CA ALA D 213 9.73 24.65 27.07
C ALA D 213 9.86 26.06 27.65
N HIS D 214 9.06 27.00 27.12
CA HIS D 214 9.15 28.44 27.38
C HIS D 214 7.96 28.89 28.19
N ALA D 215 8.00 30.15 28.62
CA ALA D 215 6.88 30.71 29.36
C ALA D 215 5.60 30.54 28.59
N SER D 216 5.54 31.03 27.35
CA SER D 216 4.32 30.89 26.58
C SER D 216 3.92 29.42 26.32
N SER D 217 4.81 28.45 26.62
CA SER D 217 4.52 27.04 26.36
C SER D 217 3.58 26.46 27.43
N LEU D 218 3.62 26.99 28.63
CA LEU D 218 2.71 26.49 29.65
C LEU D 218 1.27 26.82 29.31
N GLU D 219 1.02 28.04 28.83
CA GLU D 219 -0.36 28.41 28.53
C GLU D 219 -0.86 27.71 27.25
N ALA D 220 -0.08 27.78 26.16
CA ALA D 220 -0.57 27.37 24.85
C ALA D 220 -0.60 25.86 24.64
N CYS D 221 0.22 25.10 25.38
CA CYS D 221 0.15 23.64 25.26
C CYS D 221 -1.11 23.07 25.92
N THR D 222 -1.57 23.65 27.03
CA THR D 222 -2.62 23.06 27.86
C THR D 222 -3.95 23.81 27.84
N CYS D 223 -4.03 24.98 27.21
CA CYS D 223 -5.31 25.68 27.11
C CYS D 223 -6.37 24.80 26.46
N GLN D 224 -6.15 24.40 25.20
CA GLN D 224 -7.17 23.64 24.48
C GLN D 224 -7.28 22.20 24.98
N LEU D 225 -6.18 21.61 25.45
CA LEU D 225 -6.23 20.27 26.05
C LEU D 225 -7.07 20.26 27.32
N GLN D 226 -7.20 21.43 27.94
CA GLN D 226 -8.13 21.70 29.02
C GLN D 226 -9.53 22.06 28.51
N GLY D 227 -9.76 21.93 27.18
CA GLY D 227 -11.05 22.21 26.57
C GLY D 227 -11.40 23.68 26.43
N LEU D 228 -10.76 24.58 27.17
CA LEU D 228 -11.09 25.98 27.07
C LEU D 228 -10.73 26.52 25.68
N SER D 229 -11.34 27.75 25.35
CA SER D 229 -10.94 28.50 24.17
C SER D 229 -9.70 29.33 24.47
N PRO D 230 -8.90 29.66 23.45
CA PRO D 230 -7.75 30.55 23.68
C PRO D 230 -8.21 31.89 24.24
N GLN D 231 -7.22 32.69 24.62
CA GLN D 231 -7.38 34.12 24.89
C GLN D 231 -6.86 34.92 23.69
N ASN D 232 -7.14 36.22 23.69
CA ASN D 232 -6.55 37.10 22.69
C ASN D 232 -5.05 37.27 22.94
N SER D 233 -4.35 37.78 21.93
CA SER D 233 -2.90 37.96 22.09
C SER D 233 -2.60 38.96 23.19
N LYS D 234 -3.48 39.94 23.40
CA LYS D 234 -3.17 40.97 24.39
C LYS D 234 -3.21 40.40 25.81
N ASP D 235 -4.12 39.49 26.10
CA ASP D 235 -4.20 38.88 27.43
C ASP D 235 -3.27 37.68 27.57
N PHE D 236 -3.10 36.94 26.47
CA PHE D 236 -2.09 35.88 26.44
C PHE D 236 -0.78 36.40 26.99
N VAL D 237 -0.29 37.51 26.44
CA VAL D 237 1.06 37.97 26.75
C VAL D 237 1.14 38.57 28.15
N GLN D 238 0.03 39.12 28.65
CA GLN D 238 -0.03 39.45 30.07
C GLN D 238 0.24 38.19 30.92
N MET D 239 -0.53 37.12 30.67
CA MET D 239 -0.35 35.91 31.49
C MET D 239 1.05 35.32 31.31
N VAL D 240 1.63 35.46 30.10
CA VAL D 240 3.00 34.99 29.86
C VAL D 240 3.97 35.69 30.81
N ARG D 241 3.82 37.00 30.99
CA ARG D 241 4.87 37.79 31.63
C ARG D 241 4.94 37.56 33.15
N LYS D 242 4.07 36.71 33.70
CA LYS D 242 4.00 36.48 35.14
C LYS D 242 4.44 35.07 35.53
N ILE D 243 5.26 34.41 34.72
CA ILE D 243 5.59 33.01 34.88
C ILE D 243 7.06 32.88 35.23
N PRO D 244 7.41 32.36 36.40
CA PRO D 244 8.81 32.40 36.82
C PRO D 244 9.68 31.41 36.05
N TYR D 245 10.98 31.62 36.16
CA TYR D 245 11.94 30.60 35.80
C TYR D 245 11.59 29.29 36.50
N LEU D 246 11.55 28.20 35.74
CA LEU D 246 11.05 26.88 36.17
C LEU D 246 9.55 26.88 36.53
N GLY D 247 8.80 27.91 36.12
CA GLY D 247 7.36 27.81 36.27
C GLY D 247 6.90 26.43 35.85
N PHE D 248 6.06 25.76 36.63
CA PHE D 248 5.88 24.32 36.51
C PHE D 248 4.41 23.99 36.64
N CYS D 249 3.76 23.67 35.51
CA CYS D 249 2.37 23.23 35.61
C CYS D 249 2.22 21.69 35.38
N SER D 250 0.97 21.23 35.37
CA SER D 250 0.65 19.82 35.53
C SER D 250 -0.79 19.53 35.12
N CYS D 251 -0.95 18.63 34.18
CA CYS D 251 -2.26 18.28 33.66
C CYS D 251 -2.40 16.78 33.79
N GLU D 252 -3.65 16.35 33.92
CA GLU D 252 -3.99 14.99 34.30
C GLU D 252 -5.12 14.50 33.43
N GLU D 253 -4.97 13.29 32.85
CA GLU D 253 -6.00 12.71 31.98
C GLU D 253 -7.14 12.14 32.82
N LEU D 254 -8.37 12.55 32.51
CA LEU D 254 -9.58 11.97 33.08
C LEU D 254 -9.92 10.71 32.29
N GLY D 255 -9.26 9.61 32.65
CA GLY D 255 -9.48 8.31 32.01
C GLY D 255 -8.87 8.19 30.64
N GLY D 258 -11.30 10.33 28.23
CA GLY D 258 -11.84 11.63 28.53
C GLY D 258 -10.97 12.81 28.10
N ILE D 259 -10.91 13.86 28.94
CA ILE D 259 -10.08 15.05 28.70
C ILE D 259 -9.23 15.37 29.93
N TRP D 260 -8.59 16.54 29.95
CA TRP D 260 -7.56 16.81 30.94
C TRP D 260 -7.86 18.07 31.76
N GLN D 261 -7.40 18.04 33.01
CA GLN D 261 -7.71 19.10 33.97
C GLN D 261 -6.44 19.42 34.74
N LEU D 262 -6.19 20.71 34.94
CA LEU D 262 -5.05 21.10 35.76
C LEU D 262 -5.17 20.60 37.19
N THR D 263 -4.01 20.35 37.80
CA THR D 263 -3.88 19.79 39.13
C THR D 263 -2.79 20.51 39.91
N ASP D 264 -2.90 20.50 41.24
CA ASP D 264 -1.75 20.88 42.06
C ASP D 264 -0.52 20.08 41.58
N PRO D 265 0.64 20.71 41.46
CA PRO D 265 1.86 19.97 41.05
C PRO D 265 2.27 18.94 42.08
N PRO D 266 3.25 18.10 41.79
CA PRO D 266 3.71 17.10 42.78
C PRO D 266 4.96 17.54 43.51
N ILE D 267 5.44 18.75 43.25
CA ILE D 267 6.62 19.27 43.90
C ILE D 267 6.35 20.70 44.34
N LEU D 268 7.18 21.17 45.22
CA LEU D 268 6.87 22.48 45.75
C LEU D 268 7.30 23.57 44.79
N PRO D 269 6.60 24.69 44.78
CA PRO D 269 7.07 25.85 44.02
C PRO D 269 8.46 26.30 44.46
N LEU D 270 9.06 27.17 43.65
CA LEU D 270 10.37 27.77 43.90
C LEU D 270 10.30 29.29 43.82
N THR D 271 10.94 29.91 44.80
CA THR D 271 11.11 31.36 44.83
C THR D 271 12.45 31.71 45.44
N HIS D 272 13.23 32.48 44.69
CA HIS D 272 14.33 33.29 45.21
C HIS D 272 14.26 34.67 44.58
N GLY D 273 15.02 35.62 45.17
CA GLY D 273 15.18 36.94 44.61
C GLY D 273 16.60 37.16 44.11
N PRO D 274 16.96 38.43 43.91
CA PRO D 274 18.27 38.73 43.32
C PRO D 274 19.37 38.80 44.37
N THR D 275 20.59 38.68 43.84
CA THR D 275 21.78 39.32 44.40
C THR D 275 21.52 40.75 44.90
N GLY D 276 20.81 41.56 44.10
CA GLY D 276 20.36 42.88 44.45
C GLY D 276 21.49 43.90 44.59
N GLY D 277 21.10 45.17 44.54
CA GLY D 277 22.04 46.25 44.78
C GLY D 277 21.47 47.62 44.54
N LYS E 21 -68.07 -12.94 13.49
CA LYS E 21 -66.80 -13.50 13.92
C LYS E 21 -66.36 -12.89 15.27
N ARG E 22 -65.77 -13.72 16.11
CA ARG E 22 -65.22 -13.30 17.40
C ARG E 22 -63.88 -13.98 17.56
N CYS E 23 -62.82 -13.21 17.87
CA CYS E 23 -61.45 -13.70 17.73
C CYS E 23 -60.57 -13.23 18.88
N LEU E 24 -59.58 -14.05 19.20
CA LEU E 24 -58.67 -13.83 20.33
C LEU E 24 -57.26 -13.81 19.79
N PHE E 25 -56.56 -12.68 19.93
CA PHE E 25 -55.19 -12.54 19.46
C PHE E 25 -54.24 -12.56 20.65
N VAL E 26 -53.18 -13.35 20.58
CA VAL E 26 -52.25 -13.50 21.70
C VAL E 26 -50.83 -13.22 21.19
N CYS E 27 -50.19 -12.16 21.68
CA CYS E 27 -48.85 -11.87 21.22
C CYS E 27 -47.83 -11.56 22.32
N ARG E 28 -46.60 -12.03 22.08
CA ARG E 28 -45.43 -11.85 22.92
C ARG E 28 -44.91 -10.43 22.83
N HIS E 29 -43.97 -10.11 23.73
CA HIS E 29 -43.51 -8.76 24.02
C HIS E 29 -42.32 -8.36 23.15
N GLY E 30 -41.83 -7.14 23.31
CA GLY E 30 -40.76 -6.67 22.49
C GLY E 30 -39.39 -7.19 22.92
N GLU E 31 -38.43 -6.97 22.02
CA GLU E 31 -37.03 -7.19 22.36
C GLU E 31 -36.79 -6.62 23.76
N ARG E 32 -35.97 -7.31 24.54
CA ARG E 32 -35.77 -6.98 25.94
C ARG E 32 -34.38 -6.44 26.22
N MET E 33 -34.33 -5.40 27.05
CA MET E 33 -33.06 -4.79 27.42
C MET E 33 -32.10 -5.81 28.05
N ASP E 34 -32.61 -6.77 28.83
CA ASP E 34 -31.67 -7.69 29.49
C ASP E 34 -31.17 -8.76 28.53
N VAL E 35 -31.98 -9.12 27.55
CA VAL E 35 -31.50 -9.98 26.47
C VAL E 35 -30.39 -9.27 25.69
N VAL E 36 -30.64 -8.02 25.30
CA VAL E 36 -29.71 -7.38 24.38
C VAL E 36 -28.48 -6.92 25.13
N PHE E 37 -28.60 -6.68 26.43
CA PHE E 37 -27.47 -6.06 27.12
C PHE E 37 -26.94 -6.88 28.27
N GLY E 38 -27.42 -8.11 28.45
CA GLY E 38 -26.81 -9.01 29.42
C GLY E 38 -27.41 -8.87 30.82
N LYS E 39 -27.14 -9.89 31.64
CA LYS E 39 -27.68 -9.93 32.99
C LYS E 39 -27.34 -8.66 33.76
N TYR E 40 -26.04 -8.37 33.88
CA TYR E 40 -25.54 -7.11 34.34
C TYR E 40 -25.72 -5.97 33.34
N TRP E 41 -26.96 -5.62 32.92
CA TRP E 41 -27.16 -4.46 32.04
C TRP E 41 -27.28 -3.16 32.80
N LEU E 42 -27.94 -3.19 33.94
CA LEU E 42 -28.05 -2.01 34.77
C LEU E 42 -26.70 -1.35 35.03
N SER E 43 -25.64 -2.13 34.94
CA SER E 43 -24.33 -1.54 35.14
C SER E 43 -23.87 -0.73 33.94
N GLN E 44 -24.56 -0.82 32.81
CA GLN E 44 -24.19 0.00 31.66
C GLN E 44 -25.07 1.23 31.50
N CYS E 45 -26.09 1.42 32.33
CA CYS E 45 -26.92 2.60 32.14
C CYS E 45 -27.31 3.29 33.44
N PHE E 46 -26.44 3.17 34.47
CA PHE E 46 -26.72 3.69 35.81
C PHE E 46 -25.41 4.00 36.53
N ASP E 47 -25.21 5.27 36.91
CA ASP E 47 -24.07 5.64 37.75
C ASP E 47 -24.48 5.63 39.23
N ALA E 48 -23.46 5.74 40.11
CA ALA E 48 -23.64 5.36 41.52
C ALA E 48 -24.74 6.18 42.20
N LYS E 49 -25.00 7.41 41.73
CA LYS E 49 -26.08 8.16 42.34
C LYS E 49 -27.44 7.75 41.84
N GLY E 50 -27.50 6.68 41.05
CA GLY E 50 -28.75 6.20 40.52
C GLY E 50 -29.26 6.95 39.31
N ARG E 51 -28.40 7.74 38.64
CA ARG E 51 -28.78 8.45 37.41
C ARG E 51 -28.70 7.52 36.18
N TYR E 52 -29.66 7.68 35.28
CA TYR E 52 -29.74 6.90 34.05
C TYR E 52 -28.85 7.57 32.99
N ILE E 53 -27.76 6.90 32.67
CA ILE E 53 -26.83 7.34 31.65
C ILE E 53 -26.88 6.25 30.56
N ARG E 54 -27.72 6.45 29.55
CA ARG E 54 -27.78 5.43 28.48
C ARG E 54 -26.44 5.37 27.73
N THR E 55 -25.96 4.15 27.45
CA THR E 55 -24.68 3.87 26.77
C THR E 55 -24.84 3.28 25.37
N ASN E 56 -26.06 3.24 24.85
CA ASN E 56 -26.33 2.60 23.57
C ASN E 56 -27.66 3.09 23.05
N LEU E 57 -27.72 3.44 21.75
CA LEU E 57 -28.92 4.02 21.18
C LEU E 57 -30.09 3.04 21.13
N ASN E 58 -29.87 1.74 21.36
CA ASN E 58 -31.00 0.83 21.56
C ASN E 58 -31.51 0.81 23.01
N MET E 59 -30.87 1.65 23.99
CA MET E 59 -31.58 1.88 25.25
C MET E 59 -32.55 3.06 25.09
N PRO E 60 -33.68 3.12 25.79
CA PRO E 60 -34.55 4.31 25.71
C PRO E 60 -33.99 5.60 26.33
N HIS E 61 -34.62 6.73 25.95
CA HIS E 61 -34.26 8.06 26.49
C HIS E 61 -34.40 8.13 27.99
N SER E 62 -35.44 7.50 28.53
CA SER E 62 -35.60 7.48 29.96
C SER E 62 -36.33 6.20 30.34
N LEU E 63 -36.06 5.76 31.55
CA LEU E 63 -36.78 4.69 32.24
C LEU E 63 -37.81 5.33 33.18
N PRO E 64 -39.01 4.77 33.41
CA PRO E 64 -39.87 5.29 34.50
C PRO E 64 -39.22 5.09 35.86
N GLN E 65 -39.50 6.02 36.77
CA GLN E 65 -39.00 5.94 38.14
C GLN E 65 -39.77 4.85 38.90
N ARG E 66 -39.03 3.97 39.56
CA ARG E 66 -39.64 2.81 40.21
C ARG E 66 -39.77 3.00 41.72
N SER E 67 -40.90 2.55 42.27
CA SER E 67 -41.14 2.55 43.71
C SER E 67 -39.90 2.07 44.46
N GLY E 68 -39.42 0.87 44.14
CA GLY E 68 -38.09 0.47 44.56
C GLY E 68 -37.03 1.26 43.80
N GLY E 69 -36.14 1.92 44.56
CA GLY E 69 -35.19 2.81 43.95
C GLY E 69 -34.18 2.16 43.03
N PHE E 70 -34.58 1.81 41.80
CA PHE E 70 -33.65 1.40 40.75
C PHE E 70 -33.14 -0.04 40.70
N ARG E 71 -32.59 -0.63 41.76
CA ARG E 71 -32.25 -2.06 41.64
C ARG E 71 -33.48 -2.92 41.32
N ASP E 72 -34.68 -2.36 41.46
CA ASP E 72 -35.88 -3.13 41.23
C ASP E 72 -35.97 -3.59 39.79
N TYR E 73 -35.36 -2.83 38.86
CA TYR E 73 -35.39 -3.20 37.43
C TYR E 73 -34.76 -4.57 37.18
N GLU E 74 -33.77 -4.94 38.00
CA GLU E 74 -33.01 -6.18 37.83
C GLU E 74 -33.84 -7.38 37.35
N LYS E 75 -35.05 -7.60 37.90
CA LYS E 75 -35.87 -8.77 37.56
C LYS E 75 -37.11 -8.39 36.76
N ASP E 76 -37.12 -7.21 36.17
CA ASP E 76 -38.31 -6.71 35.49
C ASP E 76 -37.77 -5.66 34.52
N ALA E 77 -37.38 -6.11 33.30
CA ALA E 77 -36.65 -5.16 32.46
C ALA E 77 -37.54 -4.57 31.38
N PRO E 78 -37.27 -3.35 30.94
CA PRO E 78 -38.06 -2.77 29.84
C PRO E 78 -37.72 -3.42 28.51
N ILE E 79 -38.59 -3.14 27.53
CA ILE E 79 -38.23 -3.40 26.13
C ILE E 79 -37.24 -2.34 25.66
N THR E 80 -36.54 -2.67 24.57
CA THR E 80 -35.59 -1.78 23.90
C THR E 80 -36.32 -0.76 23.03
N VAL E 81 -35.58 0.21 22.49
CA VAL E 81 -36.16 1.09 21.46
C VAL E 81 -36.69 0.28 20.28
N PHE E 82 -35.86 -0.63 19.75
CA PHE E 82 -36.38 -1.45 18.65
C PHE E 82 -37.50 -2.33 19.14
N GLY E 83 -37.46 -2.73 20.42
CA GLY E 83 -38.61 -3.36 21.02
C GLY E 83 -39.86 -2.51 20.90
N CYS E 84 -39.76 -1.22 21.27
CA CYS E 84 -40.93 -0.35 21.18
C CYS E 84 -41.51 -0.33 19.78
N MET E 85 -40.63 -0.12 18.78
CA MET E 85 -41.10 0.06 17.42
C MET E 85 -41.59 -1.26 16.80
N GLN E 86 -40.97 -2.39 17.15
CA GLN E 86 -41.62 -3.66 16.84
C GLN E 86 -43.12 -3.60 17.19
N ALA E 87 -43.46 -3.13 18.41
CA ALA E 87 -44.86 -3.14 18.82
C ALA E 87 -45.68 -2.13 18.02
N ARG E 88 -45.21 -0.90 17.92
CA ARG E 88 -45.94 0.09 17.10
C ARG E 88 -46.18 -0.39 15.67
N LEU E 89 -45.28 -1.20 15.12
CA LEU E 89 -45.50 -1.63 13.75
C LEU E 89 -46.64 -2.64 13.71
N VAL E 90 -46.69 -3.50 14.71
CA VAL E 90 -47.83 -4.39 14.89
C VAL E 90 -49.11 -3.58 15.03
N GLY E 91 -49.06 -2.50 15.80
CA GLY E 91 -50.20 -1.62 15.83
C GLY E 91 -50.63 -1.18 14.45
N GLU E 92 -49.72 -0.53 13.73
CA GLU E 92 -50.06 0.11 12.46
C GLU E 92 -50.61 -0.90 11.47
N ALA E 93 -50.05 -2.11 11.46
CA ALA E 93 -50.54 -3.16 10.56
C ALA E 93 -51.99 -3.51 10.86
N LEU E 94 -52.32 -3.72 12.14
CA LEU E 94 -53.69 -3.97 12.55
C LEU E 94 -54.61 -2.85 12.10
N LEU E 95 -54.19 -1.60 12.34
CA LEU E 95 -54.99 -0.43 11.97
C LEU E 95 -55.32 -0.38 10.47
N GLU E 96 -54.37 -0.78 9.61
CA GLU E 96 -54.62 -0.75 8.18
C GLU E 96 -55.31 -2.02 7.66
N SER E 97 -55.40 -3.09 8.47
CA SER E 97 -56.25 -4.22 8.13
C SER E 97 -57.71 -4.05 8.52
N ASN E 98 -58.04 -2.94 9.19
CA ASN E 98 -59.34 -2.70 9.82
C ASN E 98 -59.72 -3.82 10.80
N THR E 99 -58.71 -4.50 11.36
CA THR E 99 -58.86 -5.32 12.57
C THR E 99 -59.05 -4.39 13.75
N ILE E 100 -60.23 -4.42 14.34
CA ILE E 100 -60.49 -3.60 15.52
C ILE E 100 -60.35 -4.45 16.77
N ILE E 101 -59.57 -3.94 17.72
CA ILE E 101 -59.45 -4.52 19.05
C ILE E 101 -60.54 -3.90 19.90
N ASP E 102 -61.51 -4.71 20.31
CA ASP E 102 -62.48 -4.24 21.30
C ASP E 102 -61.82 -4.11 22.70
N HIS E 103 -60.99 -5.08 23.10
CA HIS E 103 -60.43 -5.13 24.45
C HIS E 103 -59.00 -5.64 24.44
N VAL E 104 -58.21 -5.17 25.40
CA VAL E 104 -56.78 -5.48 25.51
C VAL E 104 -56.48 -5.95 26.93
N TYR E 105 -55.45 -6.81 27.07
CA TYR E 105 -55.01 -7.29 28.38
C TYR E 105 -53.49 -7.48 28.39
N CYS E 106 -52.88 -7.48 29.57
CA CYS E 106 -51.47 -7.88 29.56
C CYS E 106 -50.98 -8.43 30.90
N SER E 107 -49.98 -9.31 30.78
CA SER E 107 -49.06 -9.71 31.85
C SER E 107 -48.44 -8.52 32.60
N PRO E 108 -48.29 -8.64 33.94
CA PRO E 108 -47.83 -7.49 34.73
C PRO E 108 -46.38 -7.13 34.52
N SER E 109 -45.65 -7.83 33.65
CA SER E 109 -44.25 -7.48 33.47
C SER E 109 -44.13 -6.13 32.78
N LEU E 110 -43.10 -5.38 33.15
CA LEU E 110 -42.91 -4.07 32.55
C LEU E 110 -42.82 -4.21 31.04
N ARG E 111 -42.08 -5.22 30.58
CA ARG E 111 -41.93 -5.45 29.15
C ARG E 111 -43.26 -5.75 28.47
N CYS E 112 -44.17 -6.45 29.13
CA CYS E 112 -45.45 -6.67 28.47
C CYS E 112 -46.25 -5.39 28.38
N VAL E 113 -46.20 -4.54 29.40
CA VAL E 113 -47.04 -3.36 29.42
C VAL E 113 -46.58 -2.37 28.35
N GLN E 114 -45.28 -2.04 28.36
CA GLN E 114 -44.67 -1.20 27.33
C GLN E 114 -45.04 -1.70 25.94
N THR E 115 -44.89 -3.01 25.70
CA THR E 115 -45.38 -3.58 24.46
C THR E 115 -46.86 -3.28 24.25
N ALA E 116 -47.70 -3.44 25.28
CA ALA E 116 -49.13 -3.20 25.07
C ALA E 116 -49.42 -1.72 24.79
N HIS E 117 -48.71 -0.82 25.47
CA HIS E 117 -48.86 0.60 25.20
C HIS E 117 -48.49 0.91 23.76
N ASN E 118 -47.33 0.42 23.31
CA ASN E 118 -46.81 0.83 22.01
C ASN E 118 -47.67 0.33 20.87
N ILE E 119 -48.23 -0.88 21.01
CA ILE E 119 -49.23 -1.34 20.06
C ILE E 119 -50.36 -0.33 19.94
N LEU E 120 -50.98 0.03 21.06
CA LEU E 120 -52.05 1.01 21.01
C LEU E 120 -51.59 2.32 20.37
N LYS E 121 -50.29 2.62 20.42
CA LYS E 121 -49.77 3.79 19.72
C LYS E 121 -49.90 3.58 18.20
N GLY E 122 -49.15 2.60 17.68
CA GLY E 122 -49.28 2.26 16.28
C GLY E 122 -50.72 2.08 15.86
N LEU E 123 -51.57 1.61 16.77
CA LEU E 123 -52.98 1.37 16.54
C LEU E 123 -53.83 2.61 16.75
N GLN E 124 -53.19 3.74 17.11
CA GLN E 124 -53.85 4.97 17.56
C GLN E 124 -55.15 4.73 18.34
N GLN E 125 -55.03 4.20 19.55
CA GLN E 125 -56.12 4.16 20.51
C GLN E 125 -55.50 4.22 21.91
N GLU E 126 -54.60 5.20 22.12
CA GLU E 126 -53.95 5.43 23.40
C GLU E 126 -54.71 6.42 24.29
N ASN E 127 -55.56 7.25 23.70
CA ASN E 127 -56.47 8.11 24.45
C ASN E 127 -57.86 7.51 24.56
N HIS E 128 -58.11 6.35 23.94
CA HIS E 128 -59.42 5.70 24.02
C HIS E 128 -59.37 4.35 24.72
N LEU E 129 -58.40 3.49 24.38
CA LEU E 129 -58.25 2.23 25.10
C LEU E 129 -57.44 2.39 26.40
N LYS E 130 -57.58 1.39 27.29
CA LYS E 130 -56.89 1.34 28.57
C LYS E 130 -56.61 -0.12 28.89
N ILE E 131 -55.38 -0.43 29.27
CA ILE E 131 -54.94 -1.80 29.40
C ILE E 131 -55.29 -2.35 30.80
N ARG E 132 -55.34 -3.66 30.86
CA ARG E 132 -55.91 -4.49 31.93
C ARG E 132 -54.83 -5.37 32.54
N VAL E 133 -54.10 -4.89 33.55
CA VAL E 133 -53.00 -5.70 34.07
C VAL E 133 -53.50 -6.98 34.78
N GLU E 134 -53.38 -8.14 34.12
CA GLU E 134 -53.96 -9.39 34.58
C GLU E 134 -52.76 -10.21 34.99
N PRO E 135 -52.51 -10.43 36.29
CA PRO E 135 -51.32 -11.23 36.70
C PRO E 135 -51.41 -12.70 36.31
N GLY E 136 -52.61 -13.19 36.04
CA GLY E 136 -52.76 -14.52 35.54
C GLY E 136 -52.02 -14.79 34.24
N LEU E 137 -51.69 -13.75 33.48
CA LEU E 137 -51.08 -13.97 32.18
C LEU E 137 -49.55 -14.09 32.25
N PHE E 138 -48.94 -13.85 33.41
CA PHE E 138 -47.49 -13.96 33.58
C PHE E 138 -47.00 -15.34 33.17
N GLU E 139 -45.71 -15.47 32.82
CA GLU E 139 -45.26 -16.73 32.25
C GLU E 139 -45.00 -17.75 33.35
N TRP E 140 -44.76 -18.99 32.90
CA TRP E 140 -44.49 -20.12 33.77
C TRP E 140 -43.51 -19.72 34.85
N THR E 141 -43.96 -19.71 36.12
CA THR E 141 -43.20 -19.03 37.18
C THR E 141 -41.91 -19.75 37.54
N LYS E 142 -41.80 -21.04 37.23
CA LYS E 142 -40.50 -21.74 37.25
C LYS E 142 -39.35 -20.81 36.90
N TRP E 143 -39.46 -20.12 35.77
CA TRP E 143 -38.34 -19.33 35.27
C TRP E 143 -37.86 -18.29 36.28
N VAL E 144 -38.69 -17.91 37.26
CA VAL E 144 -38.34 -16.79 38.15
C VAL E 144 -37.29 -17.21 39.16
N ALA E 145 -36.13 -16.56 39.11
CA ALA E 145 -35.04 -16.84 40.03
C ALA E 145 -35.38 -16.27 41.41
N GLY E 146 -34.51 -16.57 42.37
CA GLY E 146 -34.73 -16.17 43.75
C GLY E 146 -35.99 -16.80 44.33
N SER E 147 -36.32 -16.34 45.53
CA SER E 147 -37.51 -16.81 46.21
C SER E 147 -38.70 -15.88 46.00
N THR E 148 -38.50 -14.74 45.34
CA THR E 148 -39.53 -13.71 45.23
C THR E 148 -39.89 -13.49 43.76
N LEU E 149 -41.18 -13.32 43.52
CA LEU E 149 -41.65 -12.88 42.21
C LEU E 149 -41.05 -11.52 41.87
N PRO E 150 -40.99 -11.17 40.59
CA PRO E 150 -40.56 -9.80 40.24
C PRO E 150 -41.52 -8.75 40.78
N ALA E 151 -40.98 -7.58 41.06
CA ALA E 151 -41.74 -6.50 41.69
C ALA E 151 -42.43 -5.65 40.63
N TRP E 152 -43.45 -6.24 39.99
CA TRP E 152 -44.04 -5.52 38.86
C TRP E 152 -44.72 -4.25 39.33
N ILE E 153 -44.64 -3.22 38.50
CA ILE E 153 -45.17 -1.91 38.87
C ILE E 153 -46.69 -1.96 38.84
N PRO E 154 -47.37 -1.38 39.85
CA PRO E 154 -48.83 -1.54 39.98
C PRO E 154 -49.60 -0.63 39.04
N PRO E 155 -50.76 -1.10 38.53
CA PRO E 155 -51.53 -0.31 37.55
C PRO E 155 -51.53 1.19 37.77
N SER E 156 -51.94 1.54 38.98
CA SER E 156 -51.92 2.92 39.42
C SER E 156 -50.64 3.62 39.04
N GLU E 157 -49.51 2.96 39.30
CA GLU E 157 -48.22 3.57 39.15
C GLU E 157 -47.76 3.59 37.70
N LEU E 158 -48.09 2.55 36.92
CA LEU E 158 -47.90 2.57 35.48
C LEU E 158 -48.68 3.73 34.85
N ALA E 159 -50.01 3.75 35.07
CA ALA E 159 -50.93 4.70 34.45
C ALA E 159 -50.72 6.13 34.92
N ALA E 160 -49.72 6.39 35.76
CA ALA E 160 -49.26 7.74 36.05
C ALA E 160 -47.89 7.99 35.43
N ALA E 161 -47.61 7.30 34.33
CA ALA E 161 -46.31 7.42 33.67
C ALA E 161 -46.41 7.02 32.20
N ASN E 162 -47.08 7.85 31.40
CA ASN E 162 -47.27 7.51 30.00
C ASN E 162 -48.23 6.33 29.80
N LEU E 163 -47.78 5.11 30.08
CA LEU E 163 -48.49 3.89 29.69
C LEU E 163 -49.99 4.05 29.94
N SER E 164 -50.80 3.63 28.98
CA SER E 164 -52.25 3.85 29.04
C SER E 164 -52.85 2.65 29.73
N VAL E 165 -52.90 2.70 31.05
CA VAL E 165 -53.25 1.53 31.83
C VAL E 165 -54.60 1.85 32.47
N ASP E 166 -55.35 0.80 32.82
CA ASP E 166 -56.66 0.95 33.46
C ASP E 166 -56.57 0.63 34.97
N THR E 167 -56.78 1.65 35.83
CA THR E 167 -56.67 1.45 37.28
C THR E 167 -57.91 0.73 37.83
N THR E 168 -59.10 1.08 37.34
CA THR E 168 -60.32 0.38 37.72
C THR E 168 -60.42 -1.09 37.36
N TYR E 169 -59.32 -1.75 37.02
CA TYR E 169 -59.38 -3.17 36.71
C TYR E 169 -59.21 -4.00 37.98
N ARG E 170 -60.12 -4.92 38.19
CA ARG E 170 -59.90 -5.95 39.18
C ARG E 170 -59.42 -7.22 38.48
N PRO E 171 -58.22 -7.72 38.77
CA PRO E 171 -57.76 -8.93 38.09
C PRO E 171 -58.56 -10.14 38.47
N HIS E 172 -58.31 -11.22 37.73
CA HIS E 172 -58.87 -12.52 38.06
C HIS E 172 -57.98 -13.30 39.04
N ILE E 173 -56.67 -13.30 38.82
CA ILE E 173 -55.75 -13.99 39.72
C ILE E 173 -54.73 -12.98 40.22
N PRO E 174 -55.00 -12.29 41.33
CA PRO E 174 -54.16 -11.13 41.69
C PRO E 174 -52.75 -11.56 42.06
N ILE E 175 -51.86 -10.59 42.33
CA ILE E 175 -50.47 -10.94 42.64
C ILE E 175 -50.43 -12.00 43.75
N SER E 176 -51.24 -11.79 44.80
CA SER E 176 -51.18 -12.65 46.00
C SER E 176 -51.32 -14.14 45.67
N LYS E 177 -52.16 -14.51 44.69
CA LYS E 177 -52.48 -15.90 44.41
C LYS E 177 -51.54 -16.54 43.40
N LEU E 178 -50.31 -16.04 43.26
CA LEU E 178 -49.30 -16.62 42.38
C LEU E 178 -48.31 -17.45 43.19
N VAL E 179 -48.10 -18.72 42.82
CA VAL E 179 -47.20 -19.61 43.54
C VAL E 179 -45.88 -19.69 42.78
N VAL E 180 -44.76 -19.55 43.50
CA VAL E 180 -43.45 -19.44 42.86
C VAL E 180 -42.90 -20.83 42.51
N SER E 181 -41.84 -20.82 41.68
CA SER E 181 -41.19 -22.03 41.18
C SER E 181 -42.16 -23.18 40.93
N GLU E 182 -43.32 -22.86 40.33
CA GLU E 182 -44.49 -23.74 40.29
C GLU E 182 -44.28 -24.87 39.28
N SER E 183 -45.26 -25.77 39.19
CA SER E 183 -45.19 -26.91 38.29
C SER E 183 -45.86 -26.62 36.95
N TYR E 184 -45.51 -27.44 35.97
CA TYR E 184 -46.00 -27.26 34.60
C TYR E 184 -47.52 -27.30 34.55
N ASP E 185 -48.12 -28.27 35.25
CA ASP E 185 -49.55 -28.27 35.53
C ASP E 185 -50.12 -26.99 36.12
N THR E 186 -49.49 -26.43 37.13
CA THR E 186 -50.09 -25.20 37.65
C THR E 186 -50.03 -24.09 36.58
N TYR E 187 -49.06 -24.15 35.66
CA TYR E 187 -48.98 -23.11 34.63
C TYR E 187 -50.06 -23.29 33.56
N ILE E 188 -50.22 -24.50 33.05
CA ILE E 188 -51.21 -24.71 32.01
C ILE E 188 -52.59 -24.50 32.61
N SER E 189 -52.74 -24.72 33.93
CA SER E 189 -53.99 -24.47 34.64
C SER E 189 -54.31 -22.98 34.74
N ARG E 190 -53.38 -22.18 35.29
CA ARG E 190 -53.57 -20.75 35.42
C ARG E 190 -53.75 -20.07 34.08
N SER E 191 -53.08 -20.59 33.05
CA SER E 191 -53.23 -20.04 31.71
C SER E 191 -54.63 -20.32 31.16
N PHE E 192 -55.06 -21.59 31.14
CA PHE E 192 -56.33 -21.92 30.49
C PHE E 192 -57.52 -21.34 31.26
N GLN E 193 -57.37 -21.13 32.57
CA GLN E 193 -58.46 -20.59 33.37
C GLN E 193 -58.53 -19.09 33.22
N VAL E 194 -57.38 -18.40 33.38
CA VAL E 194 -57.36 -16.96 33.23
C VAL E 194 -57.78 -16.56 31.82
N THR E 195 -57.67 -17.47 30.85
CA THR E 195 -58.21 -17.16 29.52
C THR E 195 -59.74 -17.13 29.56
N LYS E 196 -60.36 -18.16 30.13
CA LYS E 196 -61.83 -18.17 30.24
C LYS E 196 -62.32 -16.99 31.09
N GLU E 197 -61.71 -16.76 32.26
CA GLU E 197 -62.06 -15.60 33.09
C GLU E 197 -61.88 -14.27 32.35
N ILE E 198 -61.26 -14.27 31.18
CA ILE E 198 -61.22 -13.11 30.28
C ILE E 198 -62.24 -13.21 29.14
N ILE E 199 -62.33 -14.36 28.47
CA ILE E 199 -63.23 -14.45 27.31
C ILE E 199 -64.62 -13.97 27.67
N SER E 200 -65.21 -14.55 28.70
CA SER E 200 -66.58 -14.17 29.04
C SER E 200 -66.64 -12.83 29.77
N GLU E 201 -65.57 -12.44 30.50
CA GLU E 201 -65.47 -11.11 31.09
C GLU E 201 -65.50 -9.99 30.06
N CYS E 202 -65.39 -10.34 28.77
CA CYS E 202 -65.53 -9.42 27.64
C CYS E 202 -66.86 -9.62 26.91
N LYS E 203 -67.04 -10.80 26.29
CA LYS E 203 -68.19 -11.15 25.44
C LYS E 203 -69.46 -10.41 25.87
N SER E 204 -69.57 -9.15 25.43
CA SER E 204 -70.69 -8.27 25.75
C SER E 204 -70.91 -7.31 24.58
N LYS E 205 -70.47 -6.04 24.72
CA LYS E 205 -70.54 -5.06 23.66
C LYS E 205 -69.31 -5.05 22.74
N GLY E 206 -68.23 -5.74 23.12
CA GLY E 206 -67.06 -5.90 22.28
C GLY E 206 -67.18 -7.12 21.37
N ASN E 207 -66.06 -7.48 20.72
CA ASN E 207 -66.09 -8.70 19.92
C ASN E 207 -64.73 -9.24 19.48
N ASN E 208 -63.63 -8.45 19.61
CA ASN E 208 -62.27 -8.99 19.56
C ASN E 208 -61.44 -8.62 20.80
N ILE E 209 -60.54 -9.53 21.15
CA ILE E 209 -59.69 -9.34 22.31
C ILE E 209 -58.23 -9.60 21.96
N LEU E 210 -57.36 -8.83 22.61
CA LEU E 210 -55.92 -8.85 22.39
C LEU E 210 -55.20 -8.93 23.73
N ILE E 211 -54.53 -10.08 23.99
CA ILE E 211 -53.67 -10.28 25.16
C ILE E 211 -52.22 -10.09 24.72
N VAL E 212 -51.38 -9.60 25.64
CA VAL E 212 -49.99 -9.29 25.36
C VAL E 212 -49.14 -9.86 26.50
N ALA E 213 -48.43 -10.96 26.22
CA ALA E 213 -47.70 -11.65 27.28
C ALA E 213 -46.34 -12.19 26.82
N HIS E 214 -46.09 -13.48 26.99
CA HIS E 214 -44.78 -14.08 26.81
C HIS E 214 -44.86 -15.16 25.74
N ALA E 215 -43.69 -15.64 25.32
CA ALA E 215 -43.68 -16.72 24.33
C ALA E 215 -44.44 -17.94 24.85
N SER E 216 -44.18 -18.32 26.10
CA SER E 216 -44.93 -19.38 26.74
C SER E 216 -46.42 -19.20 26.52
N SER E 217 -46.87 -17.95 26.58
CA SER E 217 -48.28 -17.60 26.66
C SER E 217 -49.05 -17.97 25.41
N LEU E 218 -48.47 -18.58 24.39
CA LEU E 218 -49.24 -18.68 23.15
C LEU E 218 -49.91 -20.05 22.97
N GLU E 219 -49.18 -21.16 23.12
CA GLU E 219 -49.80 -22.48 23.17
C GLU E 219 -50.39 -22.78 24.56
N ALA E 220 -49.96 -22.05 25.60
CA ALA E 220 -50.46 -22.27 26.96
C ALA E 220 -51.75 -21.53 27.26
N CYS E 221 -52.12 -20.53 26.46
CA CYS E 221 -53.39 -19.85 26.64
C CYS E 221 -54.46 -20.28 25.67
N THR E 222 -54.09 -21.06 24.64
CA THR E 222 -55.03 -21.38 23.57
C THR E 222 -55.28 -22.88 23.38
N CYS E 223 -54.35 -23.75 23.75
CA CYS E 223 -54.52 -25.18 23.52
C CYS E 223 -55.91 -25.68 23.90
N GLN E 224 -56.23 -25.72 25.19
CA GLN E 224 -57.53 -26.20 25.67
C GLN E 224 -58.67 -25.30 25.19
N GLY E 227 -58.97 -26.13 21.74
CA GLY E 227 -59.57 -27.19 22.53
C GLY E 227 -58.94 -28.58 22.44
N LEU E 228 -57.63 -28.68 22.69
CA LEU E 228 -56.90 -29.94 22.65
C LEU E 228 -56.30 -30.22 24.04
N SER E 229 -55.63 -31.38 24.14
CA SER E 229 -54.89 -31.71 25.35
C SER E 229 -53.52 -31.04 25.29
N PRO E 230 -52.93 -30.73 26.44
CA PRO E 230 -51.65 -30.01 26.45
C PRO E 230 -50.50 -30.86 25.92
N GLN E 231 -49.40 -30.18 25.66
CA GLN E 231 -48.14 -30.82 25.32
C GLN E 231 -47.38 -31.19 26.59
N ASN E 232 -46.40 -32.08 26.46
CA ASN E 232 -45.49 -32.34 27.56
C ASN E 232 -44.47 -31.23 27.83
N SER E 233 -43.91 -31.29 29.03
CA SER E 233 -42.93 -30.30 29.48
C SER E 233 -41.76 -30.14 28.50
N LYS E 234 -41.35 -31.21 27.82
CA LYS E 234 -40.19 -31.09 26.93
C LYS E 234 -40.56 -30.50 25.57
N ASP E 235 -41.73 -30.87 25.03
CA ASP E 235 -42.13 -30.38 23.72
C ASP E 235 -42.80 -29.02 23.80
N PHE E 236 -43.45 -28.72 24.91
CA PHE E 236 -43.93 -27.37 25.11
C PHE E 236 -42.75 -26.41 24.95
N VAL E 237 -41.79 -26.51 25.87
CA VAL E 237 -40.63 -25.62 25.86
C VAL E 237 -39.90 -25.66 24.52
N GLN E 238 -39.93 -26.81 23.83
CA GLN E 238 -39.36 -26.87 22.49
C GLN E 238 -40.13 -25.94 21.54
N MET E 239 -41.46 -25.97 21.60
CA MET E 239 -42.28 -25.14 20.72
C MET E 239 -42.33 -23.68 21.15
N VAL E 240 -41.89 -23.36 22.36
CA VAL E 240 -41.89 -21.97 22.84
C VAL E 240 -40.62 -21.25 22.44
N ARG E 241 -39.48 -21.93 22.58
CA ARG E 241 -38.20 -21.33 22.26
C ARG E 241 -38.29 -20.60 20.93
N LYS E 242 -39.05 -21.17 19.98
CA LYS E 242 -39.02 -20.74 18.59
C LYS E 242 -40.02 -19.65 18.26
N ILE E 243 -40.81 -19.19 19.23
CA ILE E 243 -41.64 -18.00 19.02
C ILE E 243 -40.97 -16.63 19.20
N PRO E 244 -41.15 -15.74 18.21
CA PRO E 244 -40.41 -14.48 18.18
C PRO E 244 -41.05 -13.31 18.94
N TYR E 245 -40.24 -12.28 19.14
CA TYR E 245 -40.73 -11.02 19.68
C TYR E 245 -41.90 -10.56 18.81
N LEU E 246 -43.00 -10.16 19.45
CA LEU E 246 -44.24 -9.74 18.79
C LEU E 246 -44.86 -10.82 17.90
N GLY E 247 -44.44 -12.08 18.04
CA GLY E 247 -45.20 -13.16 17.45
C GLY E 247 -46.65 -13.15 17.89
N PHE E 248 -47.53 -13.64 17.00
CA PHE E 248 -48.94 -13.22 16.90
C PHE E 248 -49.80 -14.38 16.39
N CYS E 249 -50.50 -15.07 17.29
CA CYS E 249 -51.44 -16.14 16.95
C CYS E 249 -52.89 -15.67 17.06
N SER E 250 -53.77 -16.26 16.25
CA SER E 250 -55.18 -15.85 16.16
C SER E 250 -56.13 -17.02 16.39
N CYS E 251 -57.36 -16.70 16.88
CA CYS E 251 -58.32 -17.70 17.34
C CYS E 251 -59.74 -17.21 17.04
N GLU E 252 -60.37 -17.75 16.01
CA GLU E 252 -61.76 -17.45 15.68
C GLU E 252 -62.68 -18.49 16.29
N GLU E 253 -63.81 -18.04 16.84
CA GLU E 253 -64.75 -18.96 17.50
C GLU E 253 -65.83 -19.49 16.56
N THR E 257 -71.25 -21.74 21.21
CA THR E 257 -70.35 -22.83 21.54
C THR E 257 -69.06 -22.39 22.27
N GLY E 258 -67.89 -22.51 21.65
CA GLY E 258 -66.68 -22.10 22.35
C GLY E 258 -65.58 -23.13 22.42
N ILE E 259 -65.19 -23.67 21.26
CA ILE E 259 -64.02 -24.53 21.14
C ILE E 259 -62.98 -23.85 20.25
N TRP E 260 -63.01 -22.51 20.23
CA TRP E 260 -62.18 -21.62 19.42
C TRP E 260 -61.22 -22.26 18.41
N GLN E 261 -61.46 -21.97 17.12
CA GLN E 261 -60.59 -22.36 16.02
C GLN E 261 -59.39 -21.43 15.93
N LEU E 262 -58.31 -21.98 15.38
CA LEU E 262 -57.00 -21.33 15.32
C LEU E 262 -56.78 -20.86 13.87
N THR E 263 -57.04 -19.59 13.61
CA THR E 263 -57.13 -19.07 12.24
C THR E 263 -55.94 -18.18 11.92
N ASP E 264 -55.56 -18.15 10.65
CA ASP E 264 -54.41 -17.39 10.22
C ASP E 264 -54.55 -15.93 10.63
N PRO E 265 -53.48 -15.29 11.12
CA PRO E 265 -53.62 -13.94 11.74
C PRO E 265 -54.06 -12.89 10.73
N PRO E 266 -54.52 -11.74 11.22
CA PRO E 266 -55.02 -10.68 10.33
C PRO E 266 -53.95 -9.78 9.76
N ILE E 267 -52.69 -9.92 10.17
CA ILE E 267 -51.62 -9.03 9.76
C ILE E 267 -50.48 -9.88 9.22
N LEU E 268 -49.43 -9.18 8.65
CA LEU E 268 -48.24 -9.84 8.11
C LEU E 268 -47.20 -10.07 9.20
N PRO E 269 -46.36 -11.09 9.03
CA PRO E 269 -45.30 -11.32 10.00
C PRO E 269 -44.30 -10.18 10.01
N LEU E 270 -43.58 -10.07 11.11
CA LEU E 270 -42.42 -9.20 11.20
C LEU E 270 -41.18 -10.06 11.33
N THR E 271 -40.16 -9.74 10.53
CA THR E 271 -38.87 -10.40 10.62
C THR E 271 -37.81 -9.36 10.30
N HIS E 272 -36.80 -9.34 11.14
CA HIS E 272 -35.61 -8.52 10.92
C HIS E 272 -34.51 -9.25 11.66
N GLY E 273 -33.27 -8.94 11.30
CA GLY E 273 -32.16 -9.59 11.95
C GLY E 273 -31.40 -8.68 12.88
N PRO E 274 -30.21 -9.11 13.25
CA PRO E 274 -29.41 -8.39 14.24
C PRO E 274 -28.66 -7.21 13.63
N THR E 275 -27.99 -6.49 14.53
CA THR E 275 -27.16 -5.38 14.12
C THR E 275 -25.88 -5.92 13.51
N GLY E 276 -25.48 -7.11 13.98
CA GLY E 276 -24.31 -7.83 13.50
C GLY E 276 -23.00 -7.44 14.17
N GLY E 277 -21.91 -7.94 13.57
CA GLY E 277 -20.56 -7.55 13.96
C GLY E 277 -19.86 -8.57 14.83
N PHE E 278 -18.99 -8.11 15.75
CA PHE E 278 -18.30 -8.96 16.75
C PHE E 278 -18.60 -8.40 18.12
N CYS F 23 57.53 -6.56 -25.55
CA CYS F 23 56.09 -6.70 -25.27
C CYS F 23 55.02 -6.17 -26.25
N LEU F 24 53.91 -6.91 -26.32
CA LEU F 24 52.88 -6.70 -27.33
C LEU F 24 51.48 -6.66 -26.75
N PHE F 25 50.67 -5.75 -27.31
CA PHE F 25 49.33 -5.42 -26.82
C PHE F 25 48.33 -5.42 -27.98
N VAL F 26 47.36 -6.32 -27.93
CA VAL F 26 46.29 -6.32 -28.91
C VAL F 26 44.94 -6.11 -28.23
N CYS F 27 44.05 -5.36 -28.89
CA CYS F 27 42.80 -4.95 -28.29
C CYS F 27 41.73 -4.64 -29.33
N ARG F 28 40.48 -4.75 -28.90
CA ARG F 28 39.34 -4.59 -29.78
C ARG F 28 38.82 -3.15 -29.75
N HIS F 29 38.11 -2.81 -30.81
CA HIS F 29 37.69 -1.44 -31.07
C HIS F 29 36.50 -1.05 -30.18
N GLY F 30 36.26 0.25 -30.14
CA GLY F 30 35.09 0.85 -29.53
C GLY F 30 33.76 0.29 -29.94
N GLU F 31 32.69 0.80 -29.32
CA GLU F 31 31.35 0.32 -29.61
C GLU F 31 31.00 0.72 -31.03
N ARG F 32 30.18 -0.08 -31.71
CA ARG F 32 29.90 0.18 -33.13
C ARG F 32 28.56 0.92 -33.33
N MET F 33 28.47 1.87 -34.24
CA MET F 33 27.19 2.41 -34.53
C MET F 33 26.24 1.46 -35.20
N ASP F 34 26.73 0.42 -35.83
CA ASP F 34 25.79 -0.43 -36.50
C ASP F 34 25.22 -1.49 -35.59
N VAL F 35 25.88 -1.73 -34.47
CA VAL F 35 25.35 -2.61 -33.42
C VAL F 35 24.22 -1.91 -32.67
N VAL F 36 24.53 -0.76 -32.06
CA VAL F 36 23.57 -0.13 -31.13
C VAL F 36 22.31 0.24 -31.88
N PHE F 37 22.47 0.66 -33.14
CA PHE F 37 21.40 1.29 -33.90
C PHE F 37 20.88 0.49 -35.09
N GLY F 38 21.40 -0.71 -35.36
CA GLY F 38 20.74 -1.59 -36.30
C GLY F 38 21.40 -1.61 -37.67
N LYS F 39 21.14 -2.68 -38.41
CA LYS F 39 21.57 -2.69 -39.81
C LYS F 39 20.90 -1.56 -40.56
N TYR F 40 19.70 -1.18 -40.17
CA TYR F 40 18.99 -0.05 -40.75
C TYR F 40 19.38 1.27 -40.08
N TRP F 41 20.67 1.47 -39.77
CA TRP F 41 21.05 2.66 -39.03
C TRP F 41 21.24 3.91 -39.89
N LEU F 42 21.73 3.74 -41.12
CA LEU F 42 21.73 4.85 -42.05
C LEU F 42 20.31 5.37 -42.29
N SER F 43 19.31 4.49 -42.29
CA SER F 43 17.95 5.04 -42.31
C SER F 43 17.65 5.97 -41.12
N GLN F 44 18.49 6.04 -40.07
CA GLN F 44 18.21 6.96 -38.95
C GLN F 44 19.19 8.13 -38.91
N CYS F 45 20.24 8.08 -39.70
CA CYS F 45 21.13 9.22 -39.78
C CYS F 45 20.77 10.15 -40.91
N PHE F 46 20.47 9.55 -42.05
CA PHE F 46 20.57 10.20 -43.35
C PHE F 46 19.19 10.33 -43.94
N ASP F 47 18.98 11.40 -44.71
CA ASP F 47 17.70 11.58 -45.40
C ASP F 47 17.88 11.51 -46.92
N ALA F 48 16.89 12.03 -47.64
CA ALA F 48 16.80 11.81 -49.08
C ALA F 48 18.10 12.20 -49.77
N LYS F 49 18.55 13.44 -49.55
CA LYS F 49 19.73 14.01 -50.19
C LYS F 49 21.04 13.62 -49.50
N GLY F 50 20.99 12.56 -48.67
CA GLY F 50 22.17 12.11 -47.95
C GLY F 50 22.74 13.12 -46.98
N ARG F 51 21.91 13.97 -46.38
CA ARG F 51 22.36 14.83 -45.29
C ARG F 51 22.40 14.03 -43.97
N TYR F 52 23.56 14.03 -43.30
CA TYR F 52 23.68 13.45 -41.95
C TYR F 52 22.78 14.23 -40.97
N ILE F 53 22.00 13.50 -40.19
CA ILE F 53 21.16 14.09 -39.14
C ILE F 53 21.18 13.20 -37.89
N ARG F 54 21.89 13.62 -36.84
CA ARG F 54 21.91 12.78 -35.64
C ARG F 54 20.53 12.79 -34.96
N THR F 55 20.11 11.63 -34.44
CA THR F 55 18.81 11.49 -33.80
C THR F 55 18.88 10.87 -32.40
N ASN F 56 20.10 10.61 -31.93
CA ASN F 56 20.47 10.08 -30.64
C ASN F 56 21.73 10.78 -30.19
N LEU F 57 21.95 10.84 -28.88
CA LEU F 57 23.13 11.56 -28.43
C LEU F 57 24.40 10.73 -28.55
N ASN F 58 24.30 9.41 -28.79
CA ASN F 58 25.48 8.55 -28.93
C ASN F 58 26.04 8.55 -30.35
N MET F 59 25.38 9.22 -31.24
CA MET F 59 25.75 9.46 -32.62
C MET F 59 26.66 10.65 -32.72
N PRO F 60 27.83 10.53 -33.36
CA PRO F 60 28.71 11.68 -33.48
C PRO F 60 27.95 12.89 -33.99
N HIS F 61 28.59 14.05 -33.87
CA HIS F 61 28.03 15.32 -34.30
C HIS F 61 28.32 15.59 -35.78
N SER F 62 29.46 15.11 -36.25
CA SER F 62 29.76 15.00 -37.66
C SER F 62 30.35 13.62 -37.90
N LEU F 63 29.82 12.91 -38.89
CA LEU F 63 30.60 11.84 -39.49
C LEU F 63 31.39 12.42 -40.66
N PRO F 64 32.61 11.92 -40.91
CA PRO F 64 33.44 12.51 -41.98
C PRO F 64 32.96 12.11 -43.36
N GLN F 65 33.24 13.01 -44.32
CA GLN F 65 32.84 12.76 -45.71
C GLN F 65 33.72 11.72 -46.37
N ARG F 66 33.10 10.84 -47.18
CA ARG F 66 33.75 9.67 -47.81
C ARG F 66 33.74 9.78 -49.33
N SER F 67 34.94 9.74 -49.92
CA SER F 67 35.14 9.60 -51.36
C SER F 67 33.96 8.91 -52.03
N GLY F 68 33.55 7.73 -51.56
CA GLY F 68 32.46 7.02 -52.23
C GLY F 68 31.08 7.55 -51.92
N GLY F 69 30.93 8.39 -50.90
CA GLY F 69 29.62 8.76 -50.40
C GLY F 69 29.22 7.99 -49.14
N PHE F 70 28.02 8.30 -48.66
CA PHE F 70 27.53 7.75 -47.38
C PHE F 70 27.38 6.23 -47.44
N ARG F 71 27.37 5.62 -48.62
CA ARG F 71 27.14 4.18 -48.72
C ARG F 71 28.26 3.35 -48.13
N ASP F 72 29.49 3.84 -48.25
CA ASP F 72 30.62 3.10 -47.73
C ASP F 72 30.48 2.76 -46.25
N TYR F 73 29.66 3.52 -45.50
CA TYR F 73 29.41 3.15 -44.11
C TYR F 73 28.72 1.80 -43.98
N GLU F 74 27.67 1.57 -44.78
CA GLU F 74 26.84 0.37 -44.69
C GLU F 74 27.68 -0.84 -44.33
N LYS F 75 28.81 -1.03 -44.99
CA LYS F 75 29.70 -2.15 -44.66
C LYS F 75 30.91 -1.72 -43.86
N ASP F 76 31.04 -0.44 -43.52
CA ASP F 76 32.23 0.06 -42.81
C ASP F 76 31.80 1.12 -41.79
N ALA F 77 31.18 0.67 -40.65
CA ALA F 77 30.49 1.60 -39.76
C ALA F 77 31.46 2.27 -38.78
N PRO F 78 31.15 3.51 -38.38
CA PRO F 78 32.00 4.23 -37.43
C PRO F 78 31.54 3.94 -36.00
N ILE F 79 32.42 4.27 -35.04
CA ILE F 79 32.09 4.02 -33.66
C ILE F 79 31.14 5.12 -33.19
N THR F 80 30.41 4.78 -32.12
CA THR F 80 29.57 5.73 -31.39
C THR F 80 30.39 6.65 -30.47
N VAL F 81 29.70 7.67 -29.96
CA VAL F 81 30.30 8.52 -28.94
C VAL F 81 30.87 7.73 -27.78
N PHE F 82 30.08 6.80 -27.21
CA PHE F 82 30.61 6.12 -26.04
C PHE F 82 31.80 5.27 -26.43
N GLY F 83 31.82 4.75 -27.68
CA GLY F 83 32.96 3.93 -28.10
C GLY F 83 34.27 4.70 -28.10
N CYS F 84 34.21 5.99 -28.48
CA CYS F 84 35.38 6.86 -28.39
C CYS F 84 35.94 6.93 -26.98
N MET F 85 35.11 7.46 -26.07
CA MET F 85 35.34 7.46 -24.63
C MET F 85 35.91 6.16 -24.08
N GLN F 86 35.33 5.03 -24.45
CA GLN F 86 35.90 3.76 -24.10
C GLN F 86 37.38 3.78 -24.39
N ALA F 87 37.74 4.26 -25.60
CA ALA F 87 39.13 4.21 -26.01
C ALA F 87 39.94 5.33 -25.36
N ARG F 88 39.36 6.52 -25.28
CA ARG F 88 40.06 7.63 -24.64
C ARG F 88 40.34 7.30 -23.17
N LEU F 89 39.48 6.49 -22.54
CA LEU F 89 39.77 6.06 -21.19
C LEU F 89 40.91 5.06 -21.18
N VAL F 90 40.85 4.04 -22.04
CA VAL F 90 41.91 3.05 -22.08
C VAL F 90 43.28 3.73 -22.19
N GLY F 91 43.33 4.89 -22.85
CA GLY F 91 44.60 5.49 -23.21
C GLY F 91 45.14 6.34 -22.10
N GLU F 92 44.27 7.19 -21.56
CA GLU F 92 44.49 7.77 -20.24
C GLU F 92 44.99 6.73 -19.24
N ALA F 93 44.36 5.54 -19.17
CA ALA F 93 44.87 4.51 -18.25
C ALA F 93 46.28 4.11 -18.60
N LEU F 94 46.58 3.94 -19.89
CA LEU F 94 47.96 3.64 -20.26
C LEU F 94 48.89 4.75 -19.77
N LEU F 95 48.48 6.02 -19.99
CA LEU F 95 49.29 7.14 -19.55
C LEU F 95 49.59 7.03 -18.06
N GLU F 96 48.55 6.84 -17.24
CA GLU F 96 48.74 6.79 -15.80
C GLU F 96 49.65 5.63 -15.40
N SER F 97 49.48 4.47 -15.98
CA SER F 97 50.33 3.36 -15.57
C SER F 97 51.79 3.50 -16.10
N ASN F 98 52.21 4.65 -16.62
CA ASN F 98 53.57 4.85 -17.15
C ASN F 98 53.96 3.71 -18.11
N THR F 99 53.07 3.44 -19.07
CA THR F 99 53.30 2.48 -20.15
C THR F 99 53.53 3.30 -21.40
N ILE F 100 54.79 3.38 -21.85
CA ILE F 100 55.14 4.13 -23.06
C ILE F 100 54.86 3.21 -24.25
N ILE F 101 54.00 3.67 -25.16
CA ILE F 101 53.69 2.94 -26.39
C ILE F 101 54.54 3.48 -27.51
N ASP F 102 55.40 2.63 -28.06
CA ASP F 102 56.37 3.02 -29.08
C ASP F 102 55.82 2.87 -30.50
N HIS F 103 55.05 1.80 -30.78
CA HIS F 103 54.51 1.55 -32.12
C HIS F 103 53.09 0.99 -32.06
N VAL F 104 52.20 1.55 -32.88
CA VAL F 104 50.78 1.18 -32.91
C VAL F 104 50.33 0.96 -34.36
N TYR F 105 49.74 -0.21 -34.61
CA TYR F 105 49.25 -0.68 -35.89
C TYR F 105 47.78 -1.06 -35.72
N CYS F 106 46.92 -0.67 -36.68
CA CYS F 106 45.50 -1.01 -36.60
C CYS F 106 44.93 -1.52 -37.94
N SER F 107 43.92 -2.37 -37.81
CA SER F 107 43.14 -2.89 -38.92
C SER F 107 42.50 -1.76 -39.71
N PRO F 108 42.33 -1.91 -41.03
CA PRO F 108 41.83 -0.79 -41.88
C PRO F 108 40.36 -0.42 -41.65
N SER F 109 39.65 -1.21 -40.88
CA SER F 109 38.30 -0.90 -40.46
C SER F 109 38.24 0.53 -39.95
N LEU F 110 37.25 1.30 -40.39
CA LEU F 110 37.04 2.63 -39.85
C LEU F 110 36.99 2.58 -38.32
N ARG F 111 36.16 1.68 -37.79
CA ARG F 111 36.01 1.60 -36.36
C ARG F 111 37.35 1.40 -35.67
N CYS F 112 38.24 0.56 -36.24
CA CYS F 112 39.54 0.36 -35.64
C CYS F 112 40.48 1.57 -35.81
N VAL F 113 40.17 2.50 -36.71
CA VAL F 113 41.04 3.66 -36.86
C VAL F 113 40.62 4.72 -35.87
N GLN F 114 39.33 5.09 -35.91
CA GLN F 114 38.73 5.97 -34.90
C GLN F 114 39.07 5.53 -33.48
N THR F 115 38.92 4.23 -33.17
CA THR F 115 39.33 3.77 -31.83
C THR F 115 40.77 4.25 -31.61
N ALA F 116 41.75 3.62 -32.29
CA ALA F 116 43.17 3.96 -32.15
C ALA F 116 43.50 5.46 -32.05
N HIS F 117 42.85 6.32 -32.84
CA HIS F 117 43.13 7.74 -32.71
C HIS F 117 42.74 8.28 -31.32
N ASN F 118 41.61 7.82 -30.78
CA ASN F 118 41.18 8.27 -29.45
C ASN F 118 42.11 7.75 -28.35
N ILE F 119 42.52 6.47 -28.41
CA ILE F 119 43.52 5.95 -27.47
C ILE F 119 44.71 6.87 -27.37
N LEU F 120 45.12 7.42 -28.50
CA LEU F 120 46.31 8.25 -28.55
C LEU F 120 46.03 9.61 -27.96
N LYS F 121 44.82 10.14 -28.20
CA LYS F 121 44.38 11.35 -27.49
C LYS F 121 44.56 11.12 -26.00
N GLY F 122 44.06 9.99 -25.52
CA GLY F 122 44.16 9.68 -24.10
C GLY F 122 45.59 9.61 -23.62
N LEU F 123 46.45 8.95 -24.39
CA LEU F 123 47.89 9.00 -24.15
C LEU F 123 48.45 10.39 -24.41
N GLN F 124 47.68 11.28 -25.02
CA GLN F 124 48.15 12.64 -25.30
C GLN F 124 49.21 12.67 -26.37
N GLN F 125 49.12 11.74 -27.33
CA GLN F 125 50.13 11.52 -28.36
C GLN F 125 49.48 11.53 -29.74
N GLU F 126 48.35 12.24 -29.88
CA GLU F 126 47.71 12.43 -31.18
C GLU F 126 48.63 13.09 -32.21
N ASN F 127 49.61 13.85 -31.75
CA ASN F 127 50.52 14.60 -32.62
C ASN F 127 51.84 13.85 -32.87
N HIS F 128 52.44 13.30 -31.81
CA HIS F 128 53.68 12.55 -31.90
C HIS F 128 53.46 11.24 -32.64
N LEU F 129 52.97 10.21 -31.96
CA LEU F 129 52.69 8.93 -32.61
C LEU F 129 51.90 9.13 -33.91
N LYS F 130 52.05 8.15 -34.84
CA LYS F 130 51.40 8.15 -36.16
C LYS F 130 51.15 6.69 -36.51
N ILE F 131 49.91 6.36 -36.89
CA ILE F 131 49.44 4.97 -36.86
C ILE F 131 49.70 4.22 -38.18
N ARG F 132 50.32 3.04 -38.05
CA ARG F 132 50.47 2.11 -39.16
C ARG F 132 49.15 1.42 -39.45
N VAL F 133 48.53 1.70 -40.59
CA VAL F 133 47.33 0.98 -41.02
C VAL F 133 47.74 -0.28 -41.81
N GLU F 134 47.02 -1.43 -41.58
CA GLU F 134 47.53 -2.74 -41.99
C GLU F 134 46.40 -3.74 -42.18
N PRO F 135 46.00 -3.97 -43.44
CA PRO F 135 44.81 -4.81 -43.71
C PRO F 135 45.01 -6.24 -43.25
N GLY F 136 46.24 -6.57 -42.86
CA GLY F 136 46.51 -7.89 -42.39
C GLY F 136 45.87 -8.19 -41.06
N LEU F 137 45.42 -7.15 -40.35
CA LEU F 137 44.85 -7.26 -39.01
C LEU F 137 43.34 -7.45 -39.01
N PHE F 138 42.67 -7.16 -40.13
CA PHE F 138 41.22 -7.33 -40.29
C PHE F 138 40.71 -8.73 -39.91
N GLU F 139 39.40 -8.85 -39.70
CA GLU F 139 38.84 -10.09 -39.22
C GLU F 139 38.43 -10.98 -40.37
N TRP F 140 38.55 -12.29 -40.12
CA TRP F 140 38.03 -13.38 -40.94
C TRP F 140 36.86 -13.01 -41.86
N THR F 141 37.17 -12.87 -43.15
CA THR F 141 36.21 -12.36 -44.13
C THR F 141 35.03 -13.28 -44.35
N LYS F 142 35.03 -14.50 -43.80
CA LYS F 142 33.78 -15.27 -43.69
C LYS F 142 32.62 -14.38 -43.27
N TRP F 143 32.92 -13.36 -42.48
CA TRP F 143 31.84 -12.57 -41.89
C TRP F 143 31.34 -11.49 -42.83
N VAL F 144 32.11 -11.15 -43.86
CA VAL F 144 31.68 -10.08 -44.76
C VAL F 144 30.43 -10.49 -45.51
N ALA F 145 29.49 -9.56 -45.69
CA ALA F 145 28.31 -9.81 -46.49
C ALA F 145 28.62 -9.66 -47.98
N GLY F 146 27.97 -10.50 -48.78
CA GLY F 146 28.19 -10.45 -50.21
C GLY F 146 29.60 -10.87 -50.60
N SER F 147 29.89 -10.67 -51.89
CA SER F 147 31.15 -11.12 -52.46
C SER F 147 32.22 -10.03 -52.39
N THR F 148 32.02 -8.99 -51.59
CA THR F 148 32.83 -7.79 -51.70
C THR F 148 33.17 -7.22 -50.33
N LEU F 149 34.43 -6.78 -50.21
CA LEU F 149 35.05 -6.20 -49.04
C LEU F 149 34.56 -4.77 -48.78
N PRO F 150 34.72 -4.26 -47.56
CA PRO F 150 34.29 -2.90 -47.28
C PRO F 150 35.26 -1.91 -47.91
N ALA F 151 34.73 -0.74 -48.29
CA ALA F 151 35.46 0.33 -48.99
C ALA F 151 36.32 1.17 -48.03
N TRP F 152 37.37 0.53 -47.54
CA TRP F 152 38.21 1.14 -46.53
C TRP F 152 38.77 2.47 -46.97
N ILE F 153 38.84 3.41 -46.04
CA ILE F 153 39.47 4.69 -46.37
C ILE F 153 40.97 4.47 -46.47
N PRO F 154 41.60 4.91 -47.56
CA PRO F 154 43.03 4.82 -47.66
C PRO F 154 43.68 5.81 -46.73
N PRO F 155 44.78 5.43 -46.07
CA PRO F 155 45.45 6.37 -45.17
C PRO F 155 45.55 7.80 -45.64
N SER F 156 45.81 8.10 -46.91
CA SER F 156 45.88 9.50 -47.31
C SER F 156 44.59 10.22 -46.93
N GLU F 157 43.44 9.58 -47.14
CA GLU F 157 42.14 10.16 -46.86
C GLU F 157 41.78 10.11 -45.37
N LEU F 158 42.38 9.18 -44.61
CA LEU F 158 42.19 9.17 -43.16
C LEU F 158 42.94 10.32 -42.52
N ALA F 159 44.26 10.38 -42.74
CA ALA F 159 45.04 11.52 -42.30
C ALA F 159 44.36 12.81 -42.71
N ALA F 160 43.61 12.76 -43.81
CA ALA F 160 42.93 13.93 -44.33
C ALA F 160 41.88 14.49 -43.37
N ALA F 161 41.27 13.63 -42.54
CA ALA F 161 40.18 14.03 -41.63
C ALA F 161 40.70 14.31 -40.22
N ASN F 162 42.03 14.60 -40.10
CA ASN F 162 42.65 15.02 -38.83
C ASN F 162 42.83 13.82 -37.89
N LEU F 163 43.32 12.71 -38.45
CA LEU F 163 43.51 11.44 -37.74
C LEU F 163 45.00 11.14 -37.74
N SER F 164 45.63 11.11 -36.57
CA SER F 164 47.07 10.90 -36.57
C SER F 164 47.44 9.55 -37.21
N VAL F 165 47.59 9.52 -38.55
CA VAL F 165 47.95 8.30 -39.26
C VAL F 165 49.30 8.48 -39.95
N ASP F 166 50.04 7.36 -40.10
CA ASP F 166 51.33 7.35 -40.79
C ASP F 166 51.11 6.93 -42.25
N THR F 167 51.11 7.90 -43.17
CA THR F 167 50.76 7.59 -44.55
C THR F 167 51.90 6.84 -45.25
N THR F 168 53.13 7.04 -44.74
CA THR F 168 54.31 6.46 -45.34
C THR F 168 54.30 4.94 -45.21
N TYR F 169 53.92 4.43 -44.04
CA TYR F 169 54.02 3.01 -43.75
C TYR F 169 53.45 2.11 -44.84
N ARG F 170 54.35 1.43 -45.51
CA ARG F 170 53.96 0.46 -46.52
C ARG F 170 53.37 -0.77 -45.83
N PRO F 171 52.20 -1.24 -46.26
CA PRO F 171 51.60 -2.42 -45.63
C PRO F 171 52.35 -3.68 -45.96
N HIS F 172 52.28 -4.65 -45.05
CA HIS F 172 52.94 -5.93 -45.18
C HIS F 172 52.04 -7.01 -45.75
N ILE F 173 50.78 -6.69 -46.02
CA ILE F 173 49.82 -7.60 -46.65
C ILE F 173 48.79 -6.70 -47.31
N PRO F 174 48.97 -6.31 -48.58
CA PRO F 174 48.10 -5.28 -49.16
C PRO F 174 46.68 -5.74 -49.29
N ILE F 175 45.81 -4.74 -49.41
CA ILE F 175 44.38 -4.96 -49.57
C ILE F 175 44.27 -6.06 -50.60
N SER F 176 44.72 -5.75 -51.82
CA SER F 176 44.58 -6.65 -52.96
C SER F 176 45.04 -8.07 -52.63
N LYS F 177 46.08 -8.21 -51.82
CA LYS F 177 46.55 -9.54 -51.46
C LYS F 177 45.60 -10.29 -50.52
N LEU F 178 44.47 -9.72 -50.09
CA LEU F 178 43.57 -10.44 -49.18
C LEU F 178 42.45 -11.11 -49.98
N VAL F 179 41.73 -12.03 -49.33
CA VAL F 179 40.86 -13.01 -49.99
C VAL F 179 39.42 -12.87 -49.49
N VAL F 180 38.46 -13.04 -50.40
CA VAL F 180 37.16 -12.39 -50.19
C VAL F 180 36.06 -13.21 -49.51
N SER F 181 36.42 -14.37 -48.93
CA SER F 181 35.55 -15.02 -47.93
C SER F 181 36.23 -16.26 -47.35
N GLU F 182 37.42 -16.06 -46.77
CA GLU F 182 38.47 -17.05 -46.67
C GLU F 182 38.12 -18.21 -45.74
N SER F 183 39.01 -19.20 -45.73
CA SER F 183 38.90 -20.35 -44.88
C SER F 183 39.44 -20.01 -43.49
N TYR F 184 39.03 -20.79 -42.50
CA TYR F 184 39.50 -20.62 -41.13
C TYR F 184 41.02 -20.55 -41.02
N ASP F 185 41.74 -21.68 -41.27
CA ASP F 185 43.18 -21.66 -41.15
C ASP F 185 43.90 -20.76 -42.20
N THR F 186 43.25 -20.15 -43.23
CA THR F 186 43.89 -19.03 -43.93
C THR F 186 43.99 -17.82 -43.00
N TYR F 187 42.94 -17.56 -42.22
CA TYR F 187 42.92 -16.40 -41.33
C TYR F 187 43.99 -16.51 -40.25
N ILE F 188 43.96 -17.61 -39.49
CA ILE F 188 44.90 -17.78 -38.38
C ILE F 188 46.34 -17.64 -38.87
N SER F 189 46.63 -18.12 -40.08
CA SER F 189 47.99 -18.06 -40.58
C SER F 189 48.36 -16.65 -41.03
N ARG F 190 47.41 -15.91 -41.60
CA ARG F 190 47.75 -14.57 -42.04
C ARG F 190 47.94 -13.65 -40.86
N SER F 191 47.22 -13.93 -39.78
CA SER F 191 47.39 -13.16 -38.55
C SER F 191 48.69 -13.56 -37.84
N PHE F 192 48.84 -14.83 -37.48
CA PHE F 192 50.13 -15.30 -36.98
C PHE F 192 51.25 -15.11 -38.00
N GLN F 193 50.94 -14.81 -39.27
CA GLN F 193 51.98 -14.37 -40.19
C GLN F 193 52.23 -12.87 -40.07
N VAL F 194 51.17 -12.06 -40.12
CA VAL F 194 51.35 -10.61 -40.04
C VAL F 194 52.03 -10.22 -38.73
N THR F 195 51.65 -10.87 -37.63
CA THR F 195 52.23 -10.54 -36.33
C THR F 195 53.73 -10.76 -36.35
N LYS F 196 54.17 -11.99 -36.60
CA LYS F 196 55.60 -12.29 -36.70
C LYS F 196 56.35 -11.20 -37.45
N GLU F 197 55.78 -10.69 -38.56
CA GLU F 197 56.38 -9.58 -39.30
C GLU F 197 56.45 -8.30 -38.48
N ILE F 198 55.36 -7.95 -37.76
CA ILE F 198 55.34 -6.65 -37.06
C ILE F 198 56.34 -6.65 -35.91
N ILE F 199 56.51 -7.79 -35.23
CA ILE F 199 57.49 -7.86 -34.14
C ILE F 199 58.90 -7.72 -34.70
N SER F 200 59.17 -8.37 -35.84
CA SER F 200 60.47 -8.19 -36.49
C SER F 200 60.64 -6.75 -36.94
N GLU F 201 59.57 -6.13 -37.45
CA GLU F 201 59.66 -4.79 -38.01
C GLU F 201 60.28 -3.81 -37.03
N CYS F 202 59.93 -3.90 -35.74
CA CYS F 202 60.35 -2.97 -34.69
C CYS F 202 61.61 -3.42 -33.97
N LYS F 203 61.74 -4.74 -33.71
CA LYS F 203 62.81 -5.34 -32.92
C LYS F 203 63.99 -4.42 -32.69
N SER F 204 63.91 -3.61 -31.62
CA SER F 204 64.93 -2.62 -31.27
C SER F 204 64.68 -1.30 -31.99
N LYS F 205 63.44 -0.82 -31.92
CA LYS F 205 63.06 0.54 -32.22
C LYS F 205 62.01 1.00 -31.19
N GLY F 206 62.12 0.51 -29.97
CA GLY F 206 61.08 0.62 -28.93
C GLY F 206 60.59 -0.77 -28.55
N ASN F 207 60.37 -1.04 -27.26
CA ASN F 207 60.08 -2.39 -26.81
C ASN F 207 58.61 -2.60 -26.43
N ASN F 208 57.71 -1.75 -26.95
CA ASN F 208 56.28 -1.85 -26.67
C ASN F 208 55.47 -1.53 -27.92
N ILE F 209 54.84 -2.56 -28.51
CA ILE F 209 54.00 -2.39 -29.70
C ILE F 209 52.56 -2.72 -29.31
N LEU F 210 51.61 -1.88 -29.76
CA LEU F 210 50.18 -2.07 -29.54
C LEU F 210 49.48 -2.32 -30.86
N ILE F 211 48.43 -3.13 -30.83
CA ILE F 211 47.59 -3.37 -32.01
C ILE F 211 46.14 -3.10 -31.68
N VAL F 212 45.53 -2.20 -32.43
CA VAL F 212 44.11 -1.90 -32.34
C VAL F 212 43.42 -2.64 -33.48
N ALA F 213 42.57 -3.60 -33.14
CA ALA F 213 42.01 -4.45 -34.18
C ALA F 213 40.62 -4.99 -33.80
N HIS F 214 40.45 -6.30 -33.67
CA HIS F 214 39.12 -6.89 -33.71
C HIS F 214 39.00 -7.94 -32.61
N ALA F 215 37.77 -8.37 -32.33
CA ALA F 215 37.62 -9.43 -31.32
C ALA F 215 38.33 -10.71 -31.75
N SER F 216 38.24 -11.05 -33.06
CA SER F 216 38.99 -12.19 -33.60
C SER F 216 40.50 -12.02 -33.45
N SER F 217 40.99 -10.78 -33.54
CA SER F 217 42.44 -10.54 -33.58
C SER F 217 43.16 -11.09 -32.36
N LEU F 218 42.51 -11.10 -31.19
CA LEU F 218 43.23 -11.42 -29.97
C LEU F 218 43.60 -12.92 -29.91
N GLU F 219 42.66 -13.81 -30.26
CA GLU F 219 42.99 -15.24 -30.26
C GLU F 219 43.82 -15.62 -31.49
N ALA F 220 43.64 -14.94 -32.62
CA ALA F 220 44.34 -15.37 -33.84
C ALA F 220 45.82 -15.00 -33.82
N CYS F 221 46.16 -13.76 -33.41
CA CYS F 221 47.53 -13.27 -33.49
C CYS F 221 48.41 -13.78 -32.35
N THR F 222 47.83 -14.05 -31.17
CA THR F 222 48.59 -14.49 -30.00
C THR F 222 48.40 -15.95 -29.62
N CYS F 223 47.45 -16.66 -30.23
CA CYS F 223 47.57 -18.12 -30.40
C CYS F 223 49.01 -18.59 -30.59
N GLN F 224 49.58 -18.30 -31.75
CA GLN F 224 50.86 -18.88 -32.13
C GLN F 224 52.04 -18.11 -31.56
N LEU F 225 51.93 -16.79 -31.37
CA LEU F 225 52.94 -16.03 -30.64
C LEU F 225 53.30 -16.72 -29.31
N GLN F 226 52.32 -16.87 -28.41
CA GLN F 226 52.58 -17.65 -27.19
C GLN F 226 52.91 -19.10 -27.51
N GLY F 227 52.58 -19.55 -28.72
CA GLY F 227 53.05 -20.81 -29.23
C GLY F 227 52.06 -21.96 -29.16
N LEU F 228 50.78 -21.70 -28.91
CA LEU F 228 49.82 -22.77 -28.74
C LEU F 228 49.39 -23.32 -30.11
N SER F 229 48.52 -24.34 -30.08
CA SER F 229 48.04 -24.99 -31.28
C SER F 229 46.64 -24.48 -31.60
N PRO F 230 46.43 -23.77 -32.71
CA PRO F 230 45.14 -23.13 -32.97
C PRO F 230 43.95 -24.02 -32.69
N GLN F 231 42.85 -23.40 -32.20
CA GLN F 231 41.66 -24.13 -31.77
C GLN F 231 40.77 -24.41 -32.98
N ASN F 232 39.92 -25.43 -32.87
CA ASN F 232 38.99 -25.70 -33.95
C ASN F 232 38.12 -24.48 -34.32
N SER F 233 37.71 -24.46 -35.58
CA SER F 233 36.86 -23.40 -36.10
C SER F 233 35.56 -23.27 -35.33
N LYS F 234 35.32 -24.15 -34.33
CA LYS F 234 34.11 -24.07 -33.52
C LYS F 234 34.33 -23.39 -32.17
N ASP F 235 35.50 -23.57 -31.54
CA ASP F 235 35.89 -22.97 -30.26
C ASP F 235 36.77 -21.73 -30.44
N PHE F 236 36.93 -21.26 -31.68
CA PHE F 236 37.32 -19.87 -31.94
C PHE F 236 36.08 -18.98 -31.74
N VAL F 237 35.17 -18.97 -32.72
CA VAL F 237 33.85 -18.36 -32.57
C VAL F 237 33.30 -18.49 -31.15
N GLN F 238 33.48 -19.66 -30.55
CA GLN F 238 33.28 -19.80 -29.11
C GLN F 238 34.03 -18.66 -28.45
N MET F 239 35.36 -18.77 -28.41
CA MET F 239 36.17 -17.88 -27.58
C MET F 239 36.13 -16.41 -28.00
N VAL F 240 35.68 -16.07 -29.21
CA VAL F 240 35.81 -14.69 -29.70
C VAL F 240 34.63 -13.82 -29.23
N ARG F 241 33.39 -14.31 -29.40
CA ARG F 241 32.19 -13.53 -29.04
C ARG F 241 32.21 -13.11 -27.56
N LYS F 242 33.11 -13.68 -26.78
CA LYS F 242 33.25 -13.41 -25.37
C LYS F 242 34.27 -12.31 -25.10
N ILE F 243 34.56 -11.46 -26.07
CA ILE F 243 35.59 -10.43 -25.93
C ILE F 243 34.92 -9.06 -25.96
N PRO F 244 34.98 -8.28 -24.87
CA PRO F 244 34.31 -6.97 -24.86
C PRO F 244 34.95 -5.93 -25.80
N TYR F 245 34.21 -4.82 -26.00
CA TYR F 245 34.79 -3.63 -26.58
C TYR F 245 36.02 -3.18 -25.80
N LEU F 246 37.03 -2.69 -26.51
CA LEU F 246 38.34 -2.38 -25.96
C LEU F 246 38.92 -3.44 -25.03
N GLY F 247 38.42 -4.66 -25.07
CA GLY F 247 39.11 -5.77 -24.42
C GLY F 247 40.54 -5.81 -24.93
N PHE F 248 41.50 -6.30 -24.13
CA PHE F 248 42.90 -5.98 -24.40
C PHE F 248 43.79 -6.81 -23.47
N CYS F 249 44.88 -7.32 -24.08
CA CYS F 249 45.73 -8.40 -23.58
C CYS F 249 47.22 -8.12 -23.89
N SER F 250 48.10 -8.75 -23.11
CA SER F 250 49.52 -8.40 -23.10
C SER F 250 50.35 -9.64 -23.34
N CYS F 251 51.37 -9.52 -24.20
CA CYS F 251 52.39 -10.53 -24.40
C CYS F 251 53.76 -9.93 -24.14
N GLU F 252 54.67 -10.79 -23.67
CA GLU F 252 56.03 -10.36 -23.33
C GLU F 252 57.01 -11.49 -23.66
N GLU F 253 58.13 -11.17 -24.33
CA GLU F 253 59.15 -12.20 -24.57
C GLU F 253 60.29 -12.17 -23.53
N GLU F 256 65.41 -10.69 -26.92
CA GLU F 256 65.12 -11.75 -27.89
C GLU F 256 65.25 -13.12 -27.22
N THR F 257 64.28 -13.47 -26.36
CA THR F 257 64.17 -14.80 -25.78
C THR F 257 63.42 -15.80 -26.68
N GLY F 258 62.79 -15.31 -27.74
CA GLY F 258 62.07 -16.16 -28.68
C GLY F 258 60.89 -16.88 -28.07
N ILE F 259 60.60 -16.58 -26.82
CA ILE F 259 59.58 -17.30 -26.05
C ILE F 259 58.58 -16.26 -25.53
N TRP F 260 57.45 -16.11 -26.24
CA TRP F 260 56.42 -15.14 -25.92
C TRP F 260 55.32 -15.77 -25.05
N GLN F 261 54.87 -15.04 -24.03
CA GLN F 261 53.80 -15.52 -23.15
C GLN F 261 52.88 -14.36 -22.76
N LEU F 262 51.68 -14.71 -22.32
CA LEU F 262 50.76 -13.70 -21.80
C LEU F 262 51.22 -13.19 -20.43
N THR F 263 50.95 -11.91 -20.17
CA THR F 263 51.23 -11.25 -18.90
C THR F 263 49.95 -10.56 -18.46
N ASP F 264 49.72 -10.52 -17.15
CA ASP F 264 48.59 -9.71 -16.67
C ASP F 264 48.74 -8.32 -17.35
N PRO F 265 47.61 -7.83 -17.96
CA PRO F 265 47.81 -6.56 -18.73
C PRO F 265 48.13 -5.41 -17.79
N PRO F 266 48.80 -4.38 -18.36
CA PRO F 266 49.26 -3.27 -17.50
C PRO F 266 48.16 -2.30 -17.05
N ILE F 267 46.90 -2.54 -17.40
CA ILE F 267 45.79 -1.65 -17.07
C ILE F 267 44.60 -2.51 -16.66
N LEU F 268 43.61 -1.87 -16.12
CA LEU F 268 42.42 -2.55 -15.62
C LEU F 268 41.35 -2.60 -16.71
N PRO F 269 40.39 -3.46 -16.59
CA PRO F 269 39.38 -3.57 -17.64
C PRO F 269 38.39 -2.41 -17.65
N LEU F 270 37.37 -2.43 -18.49
CA LEU F 270 36.38 -1.35 -18.61
C LEU F 270 35.02 -2.00 -18.87
N THR F 271 34.36 -2.36 -17.77
CA THR F 271 33.04 -2.95 -17.75
C THR F 271 32.00 -1.92 -17.38
N HIS F 272 31.09 -1.59 -18.29
CA HIS F 272 29.83 -0.94 -17.94
C HIS F 272 28.67 -1.72 -18.58
N GLY F 273 27.45 -1.30 -18.30
CA GLY F 273 26.29 -1.89 -18.92
C GLY F 273 25.67 -0.95 -19.95
N PRO F 274 24.41 -1.16 -20.28
CA PRO F 274 23.78 -0.37 -21.31
C PRO F 274 23.05 0.80 -20.72
N THR F 275 22.38 1.55 -21.56
CA THR F 275 21.62 2.70 -21.11
C THR F 275 20.39 2.26 -20.34
N GLY F 276 19.92 1.05 -20.63
CA GLY F 276 18.83 0.39 -19.92
C GLY F 276 17.48 0.70 -20.55
N GLY F 277 16.44 0.14 -19.92
CA GLY F 277 15.06 0.19 -20.44
C GLY F 277 14.84 -0.69 -21.69
#